data_5I72
# 
_entry.id   5I72 
# 
_audit_conform.dict_name       mmcif_pdbx.dic 
_audit_conform.dict_version    5.392 
_audit_conform.dict_location   http://mmcif.pdb.org/dictionaries/ascii/mmcif_pdbx.dic 
# 
loop_
_database_2.database_id 
_database_2.database_code 
_database_2.pdbx_database_accession 
_database_2.pdbx_DOI 
PDB   5I72         pdb_00005i72 10.2210/pdb5i72/pdb 
WWPDB D_1000218376 ?            ?                   
# 
loop_
_pdbx_audit_revision_history.ordinal 
_pdbx_audit_revision_history.data_content_type 
_pdbx_audit_revision_history.major_revision 
_pdbx_audit_revision_history.minor_revision 
_pdbx_audit_revision_history.revision_date 
1 'Structure model' 1 0 2016-03-09 
2 'Structure model' 1 1 2016-05-04 
3 'Structure model' 1 2 2017-09-20 
4 'Structure model' 1 3 2022-03-23 
5 'Structure model' 1 4 2024-05-22 
# 
_pdbx_audit_revision_details.ordinal             1 
_pdbx_audit_revision_details.revision_ordinal    1 
_pdbx_audit_revision_details.data_content_type   'Structure model' 
_pdbx_audit_revision_details.provider            repository 
_pdbx_audit_revision_details.type                'Initial release' 
_pdbx_audit_revision_details.description         ? 
_pdbx_audit_revision_details.details             ? 
# 
loop_
_pdbx_audit_revision_group.ordinal 
_pdbx_audit_revision_group.revision_ordinal 
_pdbx_audit_revision_group.data_content_type 
_pdbx_audit_revision_group.group 
1 2 'Structure model' 'Database references'        
2 3 'Structure model' 'Author supporting evidence' 
3 3 'Structure model' 'Database references'        
4 3 'Structure model' 'Derived calculations'       
5 4 'Structure model' 'Author supporting evidence' 
6 4 'Structure model' 'Database references'        
7 5 'Structure model' 'Data collection'            
# 
loop_
_pdbx_audit_revision_category.ordinal 
_pdbx_audit_revision_category.revision_ordinal 
_pdbx_audit_revision_category.data_content_type 
_pdbx_audit_revision_category.category 
1 3 'Structure model' citation              
2 3 'Structure model' pdbx_audit_support    
3 3 'Structure model' pdbx_struct_oper_list 
4 4 'Structure model' database_2            
5 4 'Structure model' pdbx_audit_support    
6 5 'Structure model' chem_comp_atom        
7 5 'Structure model' chem_comp_bond        
# 
loop_
_pdbx_audit_revision_item.ordinal 
_pdbx_audit_revision_item.revision_ordinal 
_pdbx_audit_revision_item.data_content_type 
_pdbx_audit_revision_item.item 
1 3 'Structure model' '_citation.journal_id_CSD'                  
2 3 'Structure model' '_pdbx_audit_support.funding_organization'  
3 3 'Structure model' '_pdbx_struct_oper_list.symmetry_operation' 
4 4 'Structure model' '_database_2.pdbx_DOI'                      
5 4 'Structure model' '_database_2.pdbx_database_accession'       
6 4 'Structure model' '_pdbx_audit_support.funding_organization'  
7 4 'Structure model' '_pdbx_audit_support.grant_number'          
# 
_pdbx_database_status.status_code                     REL 
_pdbx_database_status.status_code_sf                  REL 
_pdbx_database_status.status_code_mr                  ? 
_pdbx_database_status.entry_id                        5I72 
_pdbx_database_status.recvd_initial_deposition_date   2016-02-16 
_pdbx_database_status.SG_entry                        N 
_pdbx_database_status.deposit_site                    RCSB 
_pdbx_database_status.process_site                    RCSB 
_pdbx_database_status.status_code_cs                  ? 
_pdbx_database_status.methods_development_category    ? 
_pdbx_database_status.pdb_format_compatible           Y 
_pdbx_database_status.status_code_nmr_data            ? 
# 
loop_
_audit_author.name 
_audit_author.pdbx_ordinal 
_audit_author.identifier_ORCID 
'Hastie, K.'     1 ? 
'Zandonatti, M.' 2 ? 
'Liu, T.'        3 ? 
'Li, S.'         4 ? 
'Woods Jr, V.'   5 ? 
'Saphire, E.O.'  6 ? 
# 
_citation.abstract                  ? 
_citation.abstract_id_CAS           ? 
_citation.book_id_ISBN              ? 
_citation.book_publisher            ? 
_citation.book_publisher_city       ? 
_citation.book_title                ? 
_citation.coordinate_linkage        ? 
_citation.country                   US 
_citation.database_id_Medline       ? 
_citation.details                   ? 
_citation.id                        primary 
_citation.journal_abbrev            J.Virol. 
_citation.journal_id_ASTM           JOVIAM 
_citation.journal_id_CSD            0825 
_citation.journal_id_ISSN           1098-5514 
_citation.journal_full              ? 
_citation.journal_issue             ? 
_citation.journal_volume            90 
_citation.language                  ? 
_citation.page_first                4556 
_citation.page_last                 4562 
_citation.title                     'Crystal Structure of the Oligomeric Form of Lassa Virus Matrix Protein Z.' 
_citation.year                      2016 
_citation.database_id_CSD           ? 
_citation.pdbx_database_id_DOI      10.1128/JVI.02896-15 
_citation.pdbx_database_id_PubMed   26912609 
_citation.unpublished_flag          ? 
# 
loop_
_citation_author.citation_id 
_citation_author.name 
_citation_author.ordinal 
_citation_author.identifier_ORCID 
primary 'Hastie, K.M.'   1 ? 
primary 'Zandonatti, M.' 2 ? 
primary 'Liu, T.'        3 ? 
primary 'Li, S.'         4 ? 
primary 'Woods, V.L.'    5 ? 
primary 'Saphire, E.O.'  6 ? 
# 
loop_
_entity.id 
_entity.type 
_entity.src_method 
_entity.pdbx_description 
_entity.formula_weight 
_entity.pdbx_number_of_molecules 
_entity.pdbx_ec 
_entity.pdbx_mutation 
_entity.pdbx_fragment 
_entity.details 
1 polymer     man 'RING finger protein Z' 6085.327 2 ? ? 'unp residues 25-77' ? 
2 non-polymer syn 'ZINC ION'              65.409   4 ? ? ?                    ? 
# 
_entity_name_com.entity_id   1 
_entity_name_com.name        'Protein Z,Zinc-binding protein' 
# 
_entity_poly.entity_id                      1 
_entity_poly.type                           'polypeptide(L)' 
_entity_poly.nstd_linkage                   no 
_entity_poly.nstd_monomer                   no 
_entity_poly.pdbx_seq_one_letter_code       HLGPQFCKSCWFENKGLVECNNHYLCLNCLTLLLSVSNRCPICKMPLPTKLRP 
_entity_poly.pdbx_seq_one_letter_code_can   HLGPQFCKSCWFENKGLVECNNHYLCLNCLTLLLSVSNRCPICKMPLPTKLRP 
_entity_poly.pdbx_strand_id                 A,B 
_entity_poly.pdbx_target_identifier         ? 
# 
_pdbx_entity_nonpoly.entity_id   2 
_pdbx_entity_nonpoly.name        'ZINC ION' 
_pdbx_entity_nonpoly.comp_id     ZN 
# 
loop_
_entity_poly_seq.entity_id 
_entity_poly_seq.num 
_entity_poly_seq.mon_id 
_entity_poly_seq.hetero 
1 1  HIS n 
1 2  LEU n 
1 3  GLY n 
1 4  PRO n 
1 5  GLN n 
1 6  PHE n 
1 7  CYS n 
1 8  LYS n 
1 9  SER n 
1 10 CYS n 
1 11 TRP n 
1 12 PHE n 
1 13 GLU n 
1 14 ASN n 
1 15 LYS n 
1 16 GLY n 
1 17 LEU n 
1 18 VAL n 
1 19 GLU n 
1 20 CYS n 
1 21 ASN n 
1 22 ASN n 
1 23 HIS n 
1 24 TYR n 
1 25 LEU n 
1 26 CYS n 
1 27 LEU n 
1 28 ASN n 
1 29 CYS n 
1 30 LEU n 
1 31 THR n 
1 32 LEU n 
1 33 LEU n 
1 34 LEU n 
1 35 SER n 
1 36 VAL n 
1 37 SER n 
1 38 ASN n 
1 39 ARG n 
1 40 CYS n 
1 41 PRO n 
1 42 ILE n 
1 43 CYS n 
1 44 LYS n 
1 45 MET n 
1 46 PRO n 
1 47 LEU n 
1 48 PRO n 
1 49 THR n 
1 50 LYS n 
1 51 LEU n 
1 52 ARG n 
1 53 PRO n 
# 
_entity_src_gen.entity_id                          1 
_entity_src_gen.pdbx_src_id                        1 
_entity_src_gen.pdbx_alt_source_flag               sample 
_entity_src_gen.pdbx_seq_type                      'Biological sequence' 
_entity_src_gen.pdbx_beg_seq_num                   1 
_entity_src_gen.pdbx_end_seq_num                   53 
_entity_src_gen.gene_src_common_name               LASV 
_entity_src_gen.gene_src_genus                     ? 
_entity_src_gen.pdbx_gene_src_gene                 ? 
_entity_src_gen.gene_src_species                   ? 
_entity_src_gen.gene_src_strain                    'Mouse/Sierra Leone/Josiah/1976' 
_entity_src_gen.gene_src_tissue                    ? 
_entity_src_gen.gene_src_tissue_fraction           ? 
_entity_src_gen.gene_src_details                   ? 
_entity_src_gen.pdbx_gene_src_fragment             ? 
_entity_src_gen.pdbx_gene_src_scientific_name      'Lassa virus (strain Mouse/Sierra Leone/Josiah/1976)' 
_entity_src_gen.pdbx_gene_src_ncbi_taxonomy_id     11622 
_entity_src_gen.pdbx_gene_src_variant              ? 
_entity_src_gen.pdbx_gene_src_cell_line            ? 
_entity_src_gen.pdbx_gene_src_atcc                 ? 
_entity_src_gen.pdbx_gene_src_organ                ? 
_entity_src_gen.pdbx_gene_src_organelle            ? 
_entity_src_gen.pdbx_gene_src_cell                 ? 
_entity_src_gen.pdbx_gene_src_cellular_location    ? 
_entity_src_gen.host_org_common_name               ? 
_entity_src_gen.pdbx_host_org_scientific_name      'Escherichia coli' 
_entity_src_gen.pdbx_host_org_ncbi_taxonomy_id     562 
_entity_src_gen.host_org_genus                     ? 
_entity_src_gen.pdbx_host_org_gene                 ? 
_entity_src_gen.pdbx_host_org_organ                ? 
_entity_src_gen.host_org_species                   ? 
_entity_src_gen.pdbx_host_org_tissue               ? 
_entity_src_gen.pdbx_host_org_tissue_fraction      ? 
_entity_src_gen.pdbx_host_org_strain               ? 
_entity_src_gen.pdbx_host_org_variant              ? 
_entity_src_gen.pdbx_host_org_cell_line            ? 
_entity_src_gen.pdbx_host_org_atcc                 ? 
_entity_src_gen.pdbx_host_org_culture_collection   ? 
_entity_src_gen.pdbx_host_org_cell                 ? 
_entity_src_gen.pdbx_host_org_organelle            ? 
_entity_src_gen.pdbx_host_org_cellular_location    ? 
_entity_src_gen.pdbx_host_org_vector_type          ? 
_entity_src_gen.pdbx_host_org_vector               ? 
_entity_src_gen.host_org_details                   ? 
_entity_src_gen.expression_system_id               ? 
_entity_src_gen.plasmid_name                       ? 
_entity_src_gen.plasmid_details                    ? 
_entity_src_gen.pdbx_description                   ? 
# 
loop_
_chem_comp.id 
_chem_comp.type 
_chem_comp.mon_nstd_flag 
_chem_comp.name 
_chem_comp.pdbx_synonyms 
_chem_comp.formula 
_chem_comp.formula_weight 
ARG 'L-peptide linking' y ARGININE        ? 'C6 H15 N4 O2 1' 175.209 
ASN 'L-peptide linking' y ASPARAGINE      ? 'C4 H8 N2 O3'    132.118 
CYS 'L-peptide linking' y CYSTEINE        ? 'C3 H7 N O2 S'   121.158 
GLN 'L-peptide linking' y GLUTAMINE       ? 'C5 H10 N2 O3'   146.144 
GLU 'L-peptide linking' y 'GLUTAMIC ACID' ? 'C5 H9 N O4'     147.129 
GLY 'peptide linking'   y GLYCINE         ? 'C2 H5 N O2'     75.067  
HIS 'L-peptide linking' y HISTIDINE       ? 'C6 H10 N3 O2 1' 156.162 
ILE 'L-peptide linking' y ISOLEUCINE      ? 'C6 H13 N O2'    131.173 
LEU 'L-peptide linking' y LEUCINE         ? 'C6 H13 N O2'    131.173 
LYS 'L-peptide linking' y LYSINE          ? 'C6 H15 N2 O2 1' 147.195 
MET 'L-peptide linking' y METHIONINE      ? 'C5 H11 N O2 S'  149.211 
PHE 'L-peptide linking' y PHENYLALANINE   ? 'C9 H11 N O2'    165.189 
PRO 'L-peptide linking' y PROLINE         ? 'C5 H9 N O2'     115.130 
SER 'L-peptide linking' y SERINE          ? 'C3 H7 N O3'     105.093 
THR 'L-peptide linking' y THREONINE       ? 'C4 H9 N O3'     119.119 
TRP 'L-peptide linking' y TRYPTOPHAN      ? 'C11 H12 N2 O2'  204.225 
TYR 'L-peptide linking' y TYROSINE        ? 'C9 H11 N O3'    181.189 
VAL 'L-peptide linking' y VALINE          ? 'C5 H11 N O2'    117.146 
ZN  non-polymer         . 'ZINC ION'      ? 'Zn 2'           65.409  
# 
loop_
_pdbx_poly_seq_scheme.asym_id 
_pdbx_poly_seq_scheme.entity_id 
_pdbx_poly_seq_scheme.seq_id 
_pdbx_poly_seq_scheme.mon_id 
_pdbx_poly_seq_scheme.ndb_seq_num 
_pdbx_poly_seq_scheme.pdb_seq_num 
_pdbx_poly_seq_scheme.auth_seq_num 
_pdbx_poly_seq_scheme.pdb_mon_id 
_pdbx_poly_seq_scheme.auth_mon_id 
_pdbx_poly_seq_scheme.pdb_strand_id 
_pdbx_poly_seq_scheme.pdb_ins_code 
_pdbx_poly_seq_scheme.hetero 
A 1 1  HIS 1  25 25 HIS HIS A . n 
A 1 2  LEU 2  26 26 LEU LEU A . n 
A 1 3  GLY 3  27 27 GLY GLY A . n 
A 1 4  PRO 4  28 28 PRO PRO A . n 
A 1 5  GLN 5  29 29 GLN GLN A . n 
A 1 6  PHE 6  30 30 PHE PHE A . n 
A 1 7  CYS 7  31 31 CYS CYS A . n 
A 1 8  LYS 8  32 32 LYS LYS A . n 
A 1 9  SER 9  33 33 SER SER A . n 
A 1 10 CYS 10 34 34 CYS CYS A . n 
A 1 11 TRP 11 35 35 TRP TRP A . n 
A 1 12 PHE 12 36 36 PHE PHE A . n 
A 1 13 GLU 13 37 37 GLU GLU A . n 
A 1 14 ASN 14 38 38 ASN ASN A . n 
A 1 15 LYS 15 39 39 LYS LYS A . n 
A 1 16 GLY 16 40 40 GLY GLY A . n 
A 1 17 LEU 17 41 41 LEU LEU A . n 
A 1 18 VAL 18 42 42 VAL VAL A . n 
A 1 19 GLU 19 43 43 GLU GLU A . n 
A 1 20 CYS 20 44 44 CYS CYS A . n 
A 1 21 ASN 21 45 45 ASN ASN A . n 
A 1 22 ASN 22 46 46 ASN ASN A . n 
A 1 23 HIS 23 47 47 HIS HIS A . n 
A 1 24 TYR 24 48 48 TYR TYR A . n 
A 1 25 LEU 25 49 49 LEU LEU A . n 
A 1 26 CYS 26 50 50 CYS CYS A . n 
A 1 27 LEU 27 51 51 LEU LEU A . n 
A 1 28 ASN 28 52 52 ASN ASN A . n 
A 1 29 CYS 29 53 53 CYS CYS A . n 
A 1 30 LEU 30 54 54 LEU LEU A . n 
A 1 31 THR 31 55 55 THR THR A . n 
A 1 32 LEU 32 56 56 LEU LEU A . n 
A 1 33 LEU 33 57 57 LEU LEU A . n 
A 1 34 LEU 34 58 58 LEU LEU A . n 
A 1 35 SER 35 59 59 SER SER A . n 
A 1 36 VAL 36 60 60 VAL VAL A . n 
A 1 37 SER 37 61 61 SER SER A . n 
A 1 38 ASN 38 62 62 ASN ASN A . n 
A 1 39 ARG 39 63 63 ARG ARG A . n 
A 1 40 CYS 40 64 64 CYS CYS A . n 
A 1 41 PRO 41 65 65 PRO PRO A . n 
A 1 42 ILE 42 66 66 ILE ILE A . n 
A 1 43 CYS 43 67 67 CYS CYS A . n 
A 1 44 LYS 44 68 68 LYS LYS A . n 
A 1 45 MET 45 69 69 MET MET A . n 
A 1 46 PRO 46 70 70 PRO PRO A . n 
A 1 47 LEU 47 71 71 LEU LEU A . n 
A 1 48 PRO 48 72 72 PRO PRO A . n 
A 1 49 THR 49 73 73 THR THR A . n 
A 1 50 LYS 50 74 74 LYS LYS A . n 
A 1 51 LEU 51 75 75 LEU LEU A . n 
A 1 52 ARG 52 76 ?  ?   ?   A . n 
A 1 53 PRO 53 77 ?  ?   ?   A . n 
B 1 1  HIS 1  25 25 HIS HIS B . n 
B 1 2  LEU 2  26 26 LEU LEU B . n 
B 1 3  GLY 3  27 27 GLY GLY B . n 
B 1 4  PRO 4  28 28 PRO PRO B . n 
B 1 5  GLN 5  29 29 GLN GLN B . n 
B 1 6  PHE 6  30 30 PHE PHE B . n 
B 1 7  CYS 7  31 31 CYS CYS B . n 
B 1 8  LYS 8  32 32 LYS LYS B . n 
B 1 9  SER 9  33 33 SER SER B . n 
B 1 10 CYS 10 34 34 CYS CYS B . n 
B 1 11 TRP 11 35 35 TRP TRP B . n 
B 1 12 PHE 12 36 36 PHE PHE B . n 
B 1 13 GLU 13 37 37 GLU GLU B . n 
B 1 14 ASN 14 38 38 ASN ASN B . n 
B 1 15 LYS 15 39 39 LYS LYS B . n 
B 1 16 GLY 16 40 40 GLY GLY B . n 
B 1 17 LEU 17 41 41 LEU LEU B . n 
B 1 18 VAL 18 42 42 VAL VAL B . n 
B 1 19 GLU 19 43 43 GLU GLU B . n 
B 1 20 CYS 20 44 44 CYS CYS B . n 
B 1 21 ASN 21 45 45 ASN ASN B . n 
B 1 22 ASN 22 46 46 ASN ASN B . n 
B 1 23 HIS 23 47 47 HIS HIS B . n 
B 1 24 TYR 24 48 48 TYR TYR B . n 
B 1 25 LEU 25 49 49 LEU LEU B . n 
B 1 26 CYS 26 50 50 CYS CYS B . n 
B 1 27 LEU 27 51 51 LEU LEU B . n 
B 1 28 ASN 28 52 52 ASN ASN B . n 
B 1 29 CYS 29 53 53 CYS CYS B . n 
B 1 30 LEU 30 54 54 LEU LEU B . n 
B 1 31 THR 31 55 55 THR THR B . n 
B 1 32 LEU 32 56 56 LEU LEU B . n 
B 1 33 LEU 33 57 57 LEU LEU B . n 
B 1 34 LEU 34 58 58 LEU LEU B . n 
B 1 35 SER 35 59 59 SER SER B . n 
B 1 36 VAL 36 60 60 VAL VAL B . n 
B 1 37 SER 37 61 61 SER SER B . n 
B 1 38 ASN 38 62 62 ASN ASN B . n 
B 1 39 ARG 39 63 63 ARG ARG B . n 
B 1 40 CYS 40 64 64 CYS CYS B . n 
B 1 41 PRO 41 65 65 PRO PRO B . n 
B 1 42 ILE 42 66 66 ILE ILE B . n 
B 1 43 CYS 43 67 67 CYS CYS B . n 
B 1 44 LYS 44 68 68 LYS LYS B . n 
B 1 45 MET 45 69 69 MET MET B . n 
B 1 46 PRO 46 70 70 PRO PRO B . n 
B 1 47 LEU 47 71 71 LEU LEU B . n 
B 1 48 PRO 48 72 72 PRO PRO B . n 
B 1 49 THR 49 73 73 THR THR B . n 
B 1 50 LYS 50 74 74 LYS LYS B . n 
B 1 51 LEU 51 75 75 LEU LEU B . n 
B 1 52 ARG 52 76 76 ARG ARG B . n 
B 1 53 PRO 53 77 77 PRO PRO B . n 
# 
loop_
_pdbx_nonpoly_scheme.asym_id 
_pdbx_nonpoly_scheme.entity_id 
_pdbx_nonpoly_scheme.mon_id 
_pdbx_nonpoly_scheme.ndb_seq_num 
_pdbx_nonpoly_scheme.pdb_seq_num 
_pdbx_nonpoly_scheme.auth_seq_num 
_pdbx_nonpoly_scheme.pdb_mon_id 
_pdbx_nonpoly_scheme.auth_mon_id 
_pdbx_nonpoly_scheme.pdb_strand_id 
_pdbx_nonpoly_scheme.pdb_ins_code 
C 2 ZN 1 101 1 ZN ZN A . 
D 2 ZN 1 102 2 ZN ZN A . 
E 2 ZN 1 101 1 ZN ZN B . 
F 2 ZN 1 102 2 ZN ZN B . 
# 
loop_
_software.citation_id 
_software.classification 
_software.compiler_name 
_software.compiler_version 
_software.contact_author 
_software.contact_author_email 
_software.date 
_software.description 
_software.dependencies 
_software.hardware 
_software.language 
_software.location 
_software.mods 
_software.name 
_software.os 
_software.os_version 
_software.type 
_software.version 
_software.pdbx_ordinal 
? refinement        ? ? ? ? ? ? ? ? ? ? ? PHENIX      ? ? ? 1.9_1692 1 
? 'data extraction' ? ? ? ? ? ? ? ? ? ? ? PDB_EXTRACT ? ? ? 3.20     2 
? 'data reduction'  ? ? ? ? ? ? ? ? ? ? ? d*TREK      ? ? ? .        3 
? 'data scaling'    ? ? ? ? ? ? ? ? ? ? ? d*TREK      ? ? ? .        4 
? phasing           ? ? ? ? ? ? ? ? ? ? ? PHASER      ? ? ? .        5 
# 
_cell.angle_alpha                  90.000 
_cell.angle_alpha_esd              ? 
_cell.angle_beta                   90.000 
_cell.angle_beta_esd               ? 
_cell.angle_gamma                  120.000 
_cell.angle_gamma_esd              ? 
_cell.entry_id                     5I72 
_cell.details                      ? 
_cell.formula_units_Z              ? 
_cell.length_a                     116.961 
_cell.length_a_esd                 ? 
_cell.length_b                     116.961 
_cell.length_b_esd                 ? 
_cell.length_c                     82.544 
_cell.length_c_esd                 ? 
_cell.volume                       ? 
_cell.volume_esd                   ? 
_cell.Z_PDB                        36 
_cell.reciprocal_angle_alpha       ? 
_cell.reciprocal_angle_beta        ? 
_cell.reciprocal_angle_gamma       ? 
_cell.reciprocal_angle_alpha_esd   ? 
_cell.reciprocal_angle_beta_esd    ? 
_cell.reciprocal_angle_gamma_esd   ? 
_cell.reciprocal_length_a          ? 
_cell.reciprocal_length_b          ? 
_cell.reciprocal_length_c          ? 
_cell.reciprocal_length_a_esd      ? 
_cell.reciprocal_length_b_esd      ? 
_cell.reciprocal_length_c_esd      ? 
_cell.pdbx_unique_axis             ? 
# 
_symmetry.entry_id                         5I72 
_symmetry.cell_setting                     ? 
_symmetry.Int_Tables_number                155 
_symmetry.space_group_name_Hall            ? 
_symmetry.space_group_name_H-M             'H 3 2' 
_symmetry.pdbx_full_space_group_name_H-M   ? 
# 
_exptl.absorpt_coefficient_mu     ? 
_exptl.absorpt_correction_T_max   ? 
_exptl.absorpt_correction_T_min   ? 
_exptl.absorpt_correction_type    ? 
_exptl.absorpt_process_details    ? 
_exptl.entry_id                   5I72 
_exptl.crystals_number            1 
_exptl.details                    ? 
_exptl.method                     'X-RAY DIFFRACTION' 
_exptl.method_details             ? 
# 
_exptl_crystal.colour                      ? 
_exptl_crystal.density_diffrn              ? 
_exptl_crystal.density_Matthews            4.49 
_exptl_crystal.density_method              ? 
_exptl_crystal.density_percent_sol         72.61 
_exptl_crystal.description                 ? 
_exptl_crystal.F_000                       ? 
_exptl_crystal.id                          1 
_exptl_crystal.preparation                 ? 
_exptl_crystal.size_max                    ? 
_exptl_crystal.size_mid                    ? 
_exptl_crystal.size_min                    ? 
_exptl_crystal.size_rad                    ? 
_exptl_crystal.colour_lustre               ? 
_exptl_crystal.colour_modifier             ? 
_exptl_crystal.colour_primary              ? 
_exptl_crystal.density_meas                ? 
_exptl_crystal.density_meas_esd            ? 
_exptl_crystal.density_meas_gt             ? 
_exptl_crystal.density_meas_lt             ? 
_exptl_crystal.density_meas_temp           ? 
_exptl_crystal.density_meas_temp_esd       ? 
_exptl_crystal.density_meas_temp_gt        ? 
_exptl_crystal.density_meas_temp_lt        ? 
_exptl_crystal.pdbx_crystal_image_url      ? 
_exptl_crystal.pdbx_crystal_image_format   ? 
_exptl_crystal.pdbx_mosaicity              ? 
_exptl_crystal.pdbx_mosaicity_esd          ? 
# 
_exptl_crystal_grow.apparatus       ? 
_exptl_crystal_grow.atmosphere      ? 
_exptl_crystal_grow.crystal_id      1 
_exptl_crystal_grow.details         ? 
_exptl_crystal_grow.method          'VAPOR DIFFUSION, HANGING DROP' 
_exptl_crystal_grow.method_ref      ? 
_exptl_crystal_grow.pH              ? 
_exptl_crystal_grow.pressure        ? 
_exptl_crystal_grow.pressure_esd    ? 
_exptl_crystal_grow.seeding         ? 
_exptl_crystal_grow.seeding_ref     ? 
_exptl_crystal_grow.temp            293 
_exptl_crystal_grow.temp_details    ? 
_exptl_crystal_grow.temp_esd        ? 
_exptl_crystal_grow.time            ? 
_exptl_crystal_grow.pdbx_details    '300-400mM ammonium sulfate, 100mM HEPES pH 7.5 and 17% PEG 3350' 
_exptl_crystal_grow.pdbx_pH_range   ? 
# 
_diffrn.ambient_environment    ? 
_diffrn.ambient_temp           100 
_diffrn.ambient_temp_details   ? 
_diffrn.ambient_temp_esd       ? 
_diffrn.crystal_id             1 
_diffrn.crystal_support        ? 
_diffrn.crystal_treatment      ? 
_diffrn.details                ? 
_diffrn.id                     1 
_diffrn.ambient_pressure       ? 
_diffrn.ambient_pressure_esd   ? 
_diffrn.ambient_pressure_gt    ? 
_diffrn.ambient_pressure_lt    ? 
_diffrn.ambient_temp_gt        ? 
_diffrn.ambient_temp_lt        ? 
# 
_diffrn_detector.details                      ? 
_diffrn_detector.detector                     CCD 
_diffrn_detector.diffrn_id                    1 
_diffrn_detector.type                         '3 x 3 CCD array (ADSC Q315R)' 
_diffrn_detector.area_resol_mean              ? 
_diffrn_detector.dtime                        ? 
_diffrn_detector.pdbx_frames_total            ? 
_diffrn_detector.pdbx_collection_time_total   ? 
_diffrn_detector.pdbx_collection_date         2010-02-10 
# 
_diffrn_radiation.collimation                      ? 
_diffrn_radiation.diffrn_id                        1 
_diffrn_radiation.filter_edge                      ? 
_diffrn_radiation.inhomogeneity                    ? 
_diffrn_radiation.monochromator                    ? 
_diffrn_radiation.polarisn_norm                    ? 
_diffrn_radiation.polarisn_ratio                   ? 
_diffrn_radiation.probe                            ? 
_diffrn_radiation.type                             ? 
_diffrn_radiation.xray_symbol                      ? 
_diffrn_radiation.wavelength_id                    1 
_diffrn_radiation.pdbx_monochromatic_or_laue_m_l   M 
_diffrn_radiation.pdbx_wavelength_list             ? 
_diffrn_radiation.pdbx_wavelength                  ? 
_diffrn_radiation.pdbx_diffrn_protocol             'SINGLE WAVELENGTH' 
_diffrn_radiation.pdbx_analyzer                    ? 
_diffrn_radiation.pdbx_scattering_type             x-ray 
# 
_diffrn_radiation_wavelength.id           1 
_diffrn_radiation_wavelength.wavelength   1.2827 
_diffrn_radiation_wavelength.wt           1.0 
# 
_diffrn_source.current                     ? 
_diffrn_source.details                     ? 
_diffrn_source.diffrn_id                   1 
_diffrn_source.power                       ? 
_diffrn_source.size                        ? 
_diffrn_source.source                      SYNCHROTRON 
_diffrn_source.target                      ? 
_diffrn_source.type                        'ALS BEAMLINE 5.0.2' 
_diffrn_source.voltage                     ? 
_diffrn_source.take-off_angle              ? 
_diffrn_source.pdbx_wavelength_list        1.2827 
_diffrn_source.pdbx_wavelength             ? 
_diffrn_source.pdbx_synchrotron_beamline   5.0.2 
_diffrn_source.pdbx_synchrotron_site       ALS 
# 
_reflns.B_iso_Wilson_estimate            86.730 
_reflns.entry_id                         5I72 
_reflns.data_reduction_details           ? 
_reflns.data_reduction_method            ? 
_reflns.d_resolution_high                2.900 
_reflns.d_resolution_low                 38.2210 
_reflns.details                          ? 
_reflns.limit_h_max                      ? 
_reflns.limit_h_min                      ? 
_reflns.limit_k_max                      ? 
_reflns.limit_k_min                      ? 
_reflns.limit_l_max                      ? 
_reflns.limit_l_min                      ? 
_reflns.number_all                       ? 
_reflns.number_obs                       9325 
_reflns.observed_criterion               ? 
_reflns.observed_criterion_F_max         ? 
_reflns.observed_criterion_F_min         ? 
_reflns.observed_criterion_I_max         ? 
_reflns.observed_criterion_I_min         ? 
_reflns.observed_criterion_sigma_F       ? 
_reflns.observed_criterion_sigma_I       ? 
_reflns.percent_possible_obs             99.800 
_reflns.R_free_details                   ? 
_reflns.Rmerge_F_all                     ? 
_reflns.Rmerge_F_obs                     ? 
_reflns.Friedel_coverage                 ? 
_reflns.number_gt                        ? 
_reflns.threshold_expression             ? 
_reflns.pdbx_redundancy                  4.800 
_reflns.pdbx_Rmerge_I_obs                0.074 
_reflns.pdbx_Rmerge_I_all                ? 
_reflns.pdbx_Rsym_value                  ? 
_reflns.pdbx_netI_over_av_sigmaI         ? 
_reflns.pdbx_netI_over_sigmaI            10.200 
_reflns.pdbx_res_netI_over_av_sigmaI_2   ? 
_reflns.pdbx_res_netI_over_sigmaI_2      ? 
_reflns.pdbx_chi_squared                 0.930 
_reflns.pdbx_scaling_rejects             2357 
_reflns.pdbx_d_res_high_opt              ? 
_reflns.pdbx_d_res_low_opt               ? 
_reflns.pdbx_d_res_opt_method            ? 
_reflns.phase_calculation_details        ? 
_reflns.pdbx_Rrim_I_all                  0.083 
_reflns.pdbx_Rpim_I_all                  ? 
_reflns.pdbx_d_opt                       ? 
_reflns.pdbx_number_measured_all         47129 
_reflns.pdbx_diffrn_id                   1 
_reflns.pdbx_ordinal                     1 
_reflns.pdbx_CC_half                     ? 
_reflns.pdbx_R_split                     ? 
# 
loop_
_reflns_shell.d_res_high 
_reflns_shell.d_res_low 
_reflns_shell.meanI_over_sigI_all 
_reflns_shell.meanI_over_sigI_obs 
_reflns_shell.number_measured_all 
_reflns_shell.number_measured_obs 
_reflns_shell.number_possible 
_reflns_shell.number_unique_all 
_reflns_shell.number_unique_obs 
_reflns_shell.percent_possible_all 
_reflns_shell.percent_possible_obs 
_reflns_shell.Rmerge_F_all 
_reflns_shell.Rmerge_F_obs 
_reflns_shell.Rmerge_I_all 
_reflns_shell.Rmerge_I_obs 
_reflns_shell.meanI_over_sigI_gt 
_reflns_shell.meanI_over_uI_all 
_reflns_shell.meanI_over_uI_gt 
_reflns_shell.number_measured_gt 
_reflns_shell.number_unique_gt 
_reflns_shell.percent_possible_gt 
_reflns_shell.Rmerge_F_gt 
_reflns_shell.Rmerge_I_gt 
_reflns_shell.pdbx_redundancy 
_reflns_shell.pdbx_Rsym_value 
_reflns_shell.pdbx_chi_squared 
_reflns_shell.pdbx_netI_over_sigmaI_all 
_reflns_shell.pdbx_netI_over_sigmaI_obs 
_reflns_shell.pdbx_Rrim_I_all 
_reflns_shell.pdbx_Rpim_I_all 
_reflns_shell.pdbx_rejects 
_reflns_shell.pdbx_ordinal 
_reflns_shell.pdbx_diffrn_id 
_reflns_shell.pdbx_CC_half 
_reflns_shell.pdbx_R_split 
2.900 3.000  ? 2.800  4846 ? ? 955 ? 100.000 ? ? ? ? 0.390 ? ? ? ? ? ? ? ? 4.730 ? 1.140 ? ? 0.440 ? 331 1  1 ? ? 
3.000 3.120  ? 3.700  4630 ? ? 914 ? 100.000 ? ? ? ? 0.304 ? ? ? ? ? ? ? ? 4.770 ? 1.130 ? ? 0.341 ? 271 2  1 ? ? 
3.120 3.270  ? 4.300  4718 ? ? 930 ? 99.800  ? ? ? ? 0.288 ? ? ? ? ? ? ? ? 4.760 ? 1.160 ? ? 0.323 ? 292 3  1 ? ? 
3.270 3.440  ? 5.500  4763 ? ? 939 ? 99.700  ? ? ? ? 0.193 ? ? ? ? ? ? ? ? 4.810 ? 1.060 ? ? 0.217 ? 251 4  1 ? ? 
3.440 3.650  ? 7.100  4695 ? ? 934 ? 99.900  ? ? ? ? 0.144 ? ? ? ? ? ? ? ? 4.780 ? 0.970 ? ? 0.162 ? 227 5  1 ? ? 
3.650 3.940  ? 9.700  4659 ? ? 926 ? 99.900  ? ? ? ? 0.101 ? ? ? ? ? ? ? ? 4.800 ? 0.860 ? ? 0.113 ? 216 6  1 ? ? 
3.940 4.330  ? 13.700 4730 ? ? 933 ? 99.800  ? ? ? ? 0.067 ? ? ? ? ? ? ? ? 4.900 ? 0.770 ? ? 0.074 ? 157 7  1 ? ? 
4.330 4.960  ? 17.000 4672 ? ? 924 ? 99.900  ? ? ? ? 0.054 ? ? ? ? ? ? ? ? 4.900 ? 0.670 ? ? 0.061 ? 140 8  1 ? ? 
4.960 6.240  ? 16.800 4732 ? ? 939 ? 99.800  ? ? ? ? 0.061 ? ? ? ? ? ? ? ? 4.880 ? 0.720 ? ? 0.068 ? 146 9  1 ? ? 
6.240 38.210 ? 21.300 4684 ? ? 931 ? 99.300  ? ? ? ? 0.052 ? ? ? ? ? ? ? ? 4.680 ? 0.820 ? ? 0.059 ? 326 10 1 ? ? 
# 
_refine.aniso_B[1][1]                            ? 
_refine.aniso_B[1][2]                            ? 
_refine.aniso_B[1][3]                            ? 
_refine.aniso_B[2][2]                            ? 
_refine.aniso_B[2][3]                            ? 
_refine.aniso_B[3][3]                            ? 
_refine.B_iso_max                                162.250 
_refine.B_iso_mean                               89.7017 
_refine.B_iso_min                                52.250 
_refine.correlation_coeff_Fo_to_Fc               ? 
_refine.correlation_coeff_Fo_to_Fc_free          ? 
_refine.details                                  ? 
_refine.diff_density_max                         ? 
_refine.diff_density_max_esd                     ? 
_refine.diff_density_min                         ? 
_refine.diff_density_min_esd                     ? 
_refine.diff_density_rms                         ? 
_refine.diff_density_rms_esd                     ? 
_refine.entry_id                                 5I72 
_refine.pdbx_refine_id                           'X-RAY DIFFRACTION' 
_refine.ls_abs_structure_details                 ? 
_refine.ls_abs_structure_Flack                   ? 
_refine.ls_abs_structure_Flack_esd               ? 
_refine.ls_abs_structure_Rogers                  ? 
_refine.ls_abs_structure_Rogers_esd              ? 
_refine.ls_d_res_high                            2.90 
_refine.ls_d_res_low                             38.2210 
_refine.ls_extinction_coef                       ? 
_refine.ls_extinction_coef_esd                   ? 
_refine.ls_extinction_expression                 ? 
_refine.ls_extinction_method                     ? 
_refine.ls_goodness_of_fit_all                   ? 
_refine.ls_goodness_of_fit_all_esd               ? 
_refine.ls_goodness_of_fit_obs                   ? 
_refine.ls_goodness_of_fit_obs_esd               ? 
_refine.ls_hydrogen_treatment                    ? 
_refine.ls_matrix_type                           ? 
_refine.ls_number_constraints                    ? 
_refine.ls_number_parameters                     ? 
_refine.ls_number_reflns_all                     ? 
_refine.ls_number_reflns_obs                     9317 
_refine.ls_number_reflns_R_free                  433 
_refine.ls_number_reflns_R_work                  8884 
_refine.ls_number_restraints                     ? 
_refine.ls_percent_reflns_obs                    99.7000 
_refine.ls_percent_reflns_R_free                 4.6500 
_refine.ls_R_factor_all                          ? 
_refine.ls_R_factor_obs                          0.1913 
_refine.ls_R_factor_R_free                       0.2093 
_refine.ls_R_factor_R_free_error                 ? 
_refine.ls_R_factor_R_free_error_details         ? 
_refine.ls_R_factor_R_work                       0.1904 
_refine.ls_R_Fsqd_factor_obs                     ? 
_refine.ls_R_I_factor_obs                        ? 
_refine.ls_redundancy_reflns_all                 ? 
_refine.ls_redundancy_reflns_obs                 ? 
_refine.ls_restrained_S_all                      ? 
_refine.ls_restrained_S_obs                      ? 
_refine.ls_shift_over_esd_max                    ? 
_refine.ls_shift_over_esd_mean                   ? 
_refine.ls_structure_factor_coef                 ? 
_refine.ls_weighting_details                     ? 
_refine.ls_weighting_scheme                      ? 
_refine.ls_wR_factor_all                         ? 
_refine.ls_wR_factor_obs                         ? 
_refine.ls_wR_factor_R_free                      ? 
_refine.ls_wR_factor_R_work                      ? 
_refine.occupancy_max                            ? 
_refine.occupancy_min                            ? 
_refine.solvent_model_details                    'FLAT BULK SOLVENT MODEL' 
_refine.solvent_model_param_bsol                 ? 
_refine.solvent_model_param_ksol                 ? 
_refine.ls_R_factor_gt                           ? 
_refine.ls_goodness_of_fit_gt                    ? 
_refine.ls_goodness_of_fit_ref                   ? 
_refine.ls_shift_over_su_max                     ? 
_refine.ls_shift_over_su_max_lt                  ? 
_refine.ls_shift_over_su_mean                    ? 
_refine.ls_shift_over_su_mean_lt                 ? 
_refine.pdbx_ls_sigma_I                          ? 
_refine.pdbx_ls_sigma_F                          0.940 
_refine.pdbx_ls_sigma_Fsqd                       ? 
_refine.pdbx_data_cutoff_high_absF               ? 
_refine.pdbx_data_cutoff_high_rms_absF           ? 
_refine.pdbx_data_cutoff_low_absF                ? 
_refine.pdbx_isotropic_thermal_model             ? 
_refine.pdbx_ls_cross_valid_method               'FREE R-VALUE' 
_refine.pdbx_method_to_determine_struct          SAD 
_refine.pdbx_starting_model                      ? 
_refine.pdbx_stereochemistry_target_values       ML 
_refine.pdbx_R_Free_selection_details            ? 
_refine.pdbx_stereochem_target_val_spec_case     ? 
_refine.pdbx_overall_ESU_R                       ? 
_refine.pdbx_overall_ESU_R_Free                  ? 
_refine.pdbx_solvent_vdw_probe_radii             1.1100 
_refine.pdbx_solvent_ion_probe_radii             ? 
_refine.pdbx_solvent_shrinkage_radii             0.9000 
_refine.pdbx_real_space_R                        ? 
_refine.pdbx_density_correlation                 ? 
_refine.pdbx_pd_number_of_powder_patterns        ? 
_refine.pdbx_pd_number_of_points                 ? 
_refine.pdbx_pd_meas_number_of_points            ? 
_refine.pdbx_pd_proc_ls_prof_R_factor            ? 
_refine.pdbx_pd_proc_ls_prof_wR_factor           ? 
_refine.pdbx_pd_Marquardt_correlation_coeff      ? 
_refine.pdbx_pd_Fsqrd_R_factor                   ? 
_refine.pdbx_pd_ls_matrix_band_width             ? 
_refine.pdbx_overall_phase_error                 25.8200 
_refine.pdbx_overall_SU_R_free_Cruickshank_DPI   ? 
_refine.pdbx_overall_SU_R_free_Blow_DPI          ? 
_refine.pdbx_overall_SU_R_Blow_DPI               ? 
_refine.pdbx_TLS_residual_ADP_flag               ? 
_refine.pdbx_diffrn_id                           1 
_refine.overall_SU_B                             ? 
_refine.overall_SU_ML                            0.1200 
_refine.overall_SU_R_Cruickshank_DPI             ? 
_refine.overall_SU_R_free                        ? 
_refine.overall_FOM_free_R_set                   ? 
_refine.overall_FOM_work_R_set                   ? 
_refine.pdbx_average_fsc_overall                 ? 
_refine.pdbx_average_fsc_work                    ? 
_refine.pdbx_average_fsc_free                    ? 
# 
_refine_hist.cycle_id                         final 
_refine_hist.pdbx_refine_id                   'X-RAY DIFFRACTION' 
_refine_hist.d_res_high                       2.90 
_refine_hist.d_res_low                        38.2210 
_refine_hist.pdbx_number_atoms_ligand         4 
_refine_hist.number_atoms_solvent             0 
_refine_hist.number_atoms_total               826 
_refine_hist.pdbx_number_residues_total       104 
_refine_hist.pdbx_B_iso_mean_ligand           94.76 
_refine_hist.pdbx_number_atoms_protein        822 
_refine_hist.pdbx_number_atoms_nucleic_acid   0 
# 
loop_
_refine_ls_restr.pdbx_refine_id 
_refine_ls_restr.criterion 
_refine_ls_restr.dev_ideal 
_refine_ls_restr.dev_ideal_target 
_refine_ls_restr.number 
_refine_ls_restr.rejects 
_refine_ls_restr.type 
_refine_ls_restr.weight 
_refine_ls_restr.pdbx_restraint_function 
'X-RAY DIFFRACTION' ? 0.011  ? 859  ? f_bond_d           ? ? 
'X-RAY DIFFRACTION' ? 1.371  ? 1166 ? f_angle_d          ? ? 
'X-RAY DIFFRACTION' ? 0.045  ? 130  ? f_chiral_restr     ? ? 
'X-RAY DIFFRACTION' ? 0.007  ? 142  ? f_plane_restr      ? ? 
'X-RAY DIFFRACTION' ? 15.928 ? 318  ? f_dihedral_angle_d ? ? 
# 
loop_
_refine_ls_restr_ncs.pdbx_ordinal 
_refine_ls_restr_ncs.pdbx_refine_id 
_refine_ls_restr_ncs.pdbx_ens_id 
_refine_ls_restr_ncs.dom_id 
_refine_ls_restr_ncs.pdbx_type 
_refine_ls_restr_ncs.pdbx_auth_asym_id 
_refine_ls_restr_ncs.pdbx_number 
_refine_ls_restr_ncs.pdbx_rms 
_refine_ls_restr_ncs.weight_position 
_refine_ls_restr_ncs.ncs_model_details 
_refine_ls_restr_ncs.rms_dev_position 
_refine_ls_restr_ncs.rms_dev_B_iso 
_refine_ls_restr_ncs.weight_B_iso 
_refine_ls_restr_ncs.pdbx_asym_id 
_refine_ls_restr_ncs.pdbx_weight 
1 'X-RAY DIFFRACTION' 1 1 TORSIONAL A 468 5.105 ? ? ? ? ? ? ? 
2 'X-RAY DIFFRACTION' 1 2 TORSIONAL B 468 5.105 ? ? ? ? ? ? ? 
# 
loop_
_refine_ls_shell.pdbx_refine_id 
_refine_ls_shell.d_res_high 
_refine_ls_shell.d_res_low 
_refine_ls_shell.number_reflns_all 
_refine_ls_shell.number_reflns_obs 
_refine_ls_shell.number_reflns_R_free 
_refine_ls_shell.number_reflns_R_work 
_refine_ls_shell.percent_reflns_obs 
_refine_ls_shell.percent_reflns_R_free 
_refine_ls_shell.R_factor_all 
_refine_ls_shell.R_factor_obs 
_refine_ls_shell.R_factor_R_free 
_refine_ls_shell.R_factor_R_free_error 
_refine_ls_shell.R_factor_R_work 
_refine_ls_shell.redundancy_reflns_all 
_refine_ls_shell.redundancy_reflns_obs 
_refine_ls_shell.wR_factor_all 
_refine_ls_shell.wR_factor_obs 
_refine_ls_shell.wR_factor_R_free 
_refine_ls_shell.wR_factor_R_work 
_refine_ls_shell.pdbx_total_number_of_bins_used 
_refine_ls_shell.pdbx_phase_error 
_refine_ls_shell.pdbx_fsc_work 
_refine_ls_shell.pdbx_fsc_free 
'X-RAY DIFFRACTION' 2.9018 3.3214  3122 . 133 2989 100.0000 . . . 0.2729 . 0.2740 . . . . . . 3 . . . 
'X-RAY DIFFRACTION' 3.3214 4.1838  3090 . 152 2938 100.0000 . . . 0.1996 . 0.2089 . . . . . . 3 . . . 
'X-RAY DIFFRACTION' 4.1838 38.2244 3105 . 148 2957 99.0000  . . . 0.2015 . 0.1641 . . . . . . 3 . . . 
# 
loop_
_struct_ncs_dom.pdbx_ens_id 
_struct_ncs_dom.id 
_struct_ncs_dom.details 
1 1 'chain A' 
1 2 'chain B' 
# 
loop_
_struct_ncs_dom_lim.pdbx_ens_id 
_struct_ncs_dom_lim.dom_id 
_struct_ncs_dom_lim.pdbx_component_id 
_struct_ncs_dom_lim.pdbx_refine_code 
_struct_ncs_dom_lim.beg_auth_asym_id 
_struct_ncs_dom_lim.beg_auth_seq_id 
_struct_ncs_dom_lim.end_auth_asym_id 
_struct_ncs_dom_lim.end_auth_seq_id 
_struct_ncs_dom_lim.selection_details 
_struct_ncs_dom_lim.beg_label_asym_id 
_struct_ncs_dom_lim.beg_label_comp_id 
_struct_ncs_dom_lim.beg_label_seq_id 
_struct_ncs_dom_lim.beg_label_alt_id 
_struct_ncs_dom_lim.end_label_asym_id 
_struct_ncs_dom_lim.end_label_comp_id 
_struct_ncs_dom_lim.end_label_seq_id 
_struct_ncs_dom_lim.end_label_alt_id 
_struct_ncs_dom_lim.beg_auth_comp_id 
_struct_ncs_dom_lim.end_auth_comp_id 
1 1 1 ? A 1 A 2 'chain A' ? ? ? ? ? ? ? ? ? ? 
1 2 1 ? B 1 B 2 'chain B' ? ? ? ? ? ? ? ? ? ? 
# 
_struct_ncs_ens.id        1 
_struct_ncs_ens.details   ? 
# 
_struct.entry_id                     5I72 
_struct.title                        'Crystal structure of the oligomeric form of the Lassa virus matrix protein Z' 
_struct.pdbx_model_details           ? 
_struct.pdbx_formula_weight          ? 
_struct.pdbx_formula_weight_method   ? 
_struct.pdbx_model_type_details      ? 
_struct.pdbx_CASP_flag               ? 
# 
_struct_keywords.entry_id        5I72 
_struct_keywords.text            'arenavirus, Lassa virus, matrix, Z, oligomer, VIRAL PROTEIN' 
_struct_keywords.pdbx_keywords   'VIRAL PROTEIN' 
# 
loop_
_struct_asym.id 
_struct_asym.pdbx_blank_PDB_chainid_flag 
_struct_asym.pdbx_modified 
_struct_asym.entity_id 
_struct_asym.details 
A N N 1 ? 
B N N 1 ? 
C N N 2 ? 
D N N 2 ? 
E N N 2 ? 
F N N 2 ? 
# 
_struct_ref.id                         1 
_struct_ref.db_name                    UNP 
_struct_ref.db_code                    Z_LASSJ 
_struct_ref.pdbx_db_accession          O73557 
_struct_ref.pdbx_db_isoform            ? 
_struct_ref.entity_id                  1 
_struct_ref.pdbx_seq_one_letter_code   HLGPQFCKSCWFENKGLVECNNHYLCLNCLTLLLSVSNRCPICKMPLPTKLRP 
_struct_ref.pdbx_align_begin           25 
# 
loop_
_struct_ref_seq.align_id 
_struct_ref_seq.ref_id 
_struct_ref_seq.pdbx_PDB_id_code 
_struct_ref_seq.pdbx_strand_id 
_struct_ref_seq.seq_align_beg 
_struct_ref_seq.pdbx_seq_align_beg_ins_code 
_struct_ref_seq.seq_align_end 
_struct_ref_seq.pdbx_seq_align_end_ins_code 
_struct_ref_seq.pdbx_db_accession 
_struct_ref_seq.db_align_beg 
_struct_ref_seq.pdbx_db_align_beg_ins_code 
_struct_ref_seq.db_align_end 
_struct_ref_seq.pdbx_db_align_end_ins_code 
_struct_ref_seq.pdbx_auth_seq_align_beg 
_struct_ref_seq.pdbx_auth_seq_align_end 
1 1 5I72 A 1 ? 53 ? O73557 25 ? 77 ? 25 77 
2 1 5I72 B 1 ? 53 ? O73557 25 ? 77 ? 25 77 
# 
_pdbx_struct_assembly.id                   1 
_pdbx_struct_assembly.details              author_and_software_defined_assembly 
_pdbx_struct_assembly.method_details       PISA 
_pdbx_struct_assembly.oligomeric_details   dodecameric 
_pdbx_struct_assembly.oligomeric_count     12 
# 
loop_
_pdbx_struct_assembly_prop.biol_id 
_pdbx_struct_assembly_prop.type 
_pdbx_struct_assembly_prop.value 
_pdbx_struct_assembly_prop.details 
1 'ABSA (A^2)' 16200 ? 
1 MORE         -151  ? 
1 'SSA (A^2)'  33300 ? 
# 
_pdbx_struct_assembly_gen.assembly_id       1 
_pdbx_struct_assembly_gen.oper_expression   1,2,3,4,5,6 
_pdbx_struct_assembly_gen.asym_id_list      A,B,C,D,E,F 
# 
loop_
_pdbx_struct_oper_list.id 
_pdbx_struct_oper_list.type 
_pdbx_struct_oper_list.name 
_pdbx_struct_oper_list.symmetry_operation 
_pdbx_struct_oper_list.matrix[1][1] 
_pdbx_struct_oper_list.matrix[1][2] 
_pdbx_struct_oper_list.matrix[1][3] 
_pdbx_struct_oper_list.vector[1] 
_pdbx_struct_oper_list.matrix[2][1] 
_pdbx_struct_oper_list.matrix[2][2] 
_pdbx_struct_oper_list.matrix[2][3] 
_pdbx_struct_oper_list.vector[2] 
_pdbx_struct_oper_list.matrix[3][1] 
_pdbx_struct_oper_list.matrix[3][2] 
_pdbx_struct_oper_list.matrix[3][3] 
_pdbx_struct_oper_list.vector[3] 
1 'identity operation'         1_555  x,y,z                  1.0000000000  0.0000000000  0.0000000000  0.0000000000   0.0000000000  1.0000000000  0.0000000000  0.0000000000   0.0000000000  0.0000000000  1.0000000000  0.0000000000   
2 'crystal symmetry operation' 2_655  -y+1,x-y,z             0.8745767756  -0.1390725769 -0.4645151040 -12.7774866302 0.3459783336  -0.4922139685 0.7987642968  4.3421819307   -0.3397270319 -0.8592928648 -0.3823628071 -42.5603792424 
3 'crystal symmetry operation' 3_665  -x+y+1,-x+1,z          0.8745767756  0.3459783336  -0.3397270319 -4.7863191272  -0.1390725769 -0.4922139685 -0.8592928648 -36.2115456003 -0.4645151040 0.7987642968  -0.3823628071 -25.6772215077 
4 'crystal symmetry operation' 16_545 y+1/3,x-1/3,-z+2/3     -0.9367885565 -0.3237171469 0.1327946129  -10.9313944318 -0.3237171469 0.6578136075  -0.6800650458 -20.9368187524 0.1327946129  -0.6800650458 -0.7210250510 -45.8348262388 
5 'crystal symmetry operation' 17_555 x-y+1/3,-y+2/3,-z+2/3  -0.9764065539 0.1755102367  0.1258030136  -6.0190190096  0.1755102367  0.3056101730  0.9358411078  14.9996453862  0.1258030136  0.9358411078  -0.3292036191 -19.7974741686 
6 'crystal symmetry operation' 18_655 -x+4/3,-x+y+2/3,-z+2/3 -0.8359584408 -0.0586988465 0.5456445094  1.8648760886   -0.0586988465 -0.9789958435 -0.1952474939 -25.7456718024 0.5456445094  -0.1952474939 0.8149542843  -3.3302972692 
# 
loop_
_struct_conf.conf_type_id 
_struct_conf.id 
_struct_conf.pdbx_PDB_helix_id 
_struct_conf.beg_label_comp_id 
_struct_conf.beg_label_asym_id 
_struct_conf.beg_label_seq_id 
_struct_conf.pdbx_beg_PDB_ins_code 
_struct_conf.end_label_comp_id 
_struct_conf.end_label_asym_id 
_struct_conf.end_label_seq_id 
_struct_conf.pdbx_end_PDB_ins_code 
_struct_conf.beg_auth_comp_id 
_struct_conf.beg_auth_asym_id 
_struct_conf.beg_auth_seq_id 
_struct_conf.end_auth_comp_id 
_struct_conf.end_auth_asym_id 
_struct_conf.end_auth_seq_id 
_struct_conf.pdbx_PDB_helix_class 
_struct_conf.details 
_struct_conf.pdbx_PDB_helix_length 
HELX_P HELX_P1 AA1 LEU A 27 ? SER A 37 ? LEU A 51 SER A 61 1 ? 11 
HELX_P HELX_P2 AA2 LEU B 27 ? SER B 37 ? LEU B 51 SER B 61 1 ? 11 
# 
_struct_conf_type.id          HELX_P 
_struct_conf_type.criteria    ? 
_struct_conf_type.reference   ? 
# 
loop_
_struct_conn.id 
_struct_conn.conn_type_id 
_struct_conn.pdbx_leaving_atom_flag 
_struct_conn.pdbx_PDB_id 
_struct_conn.ptnr1_label_asym_id 
_struct_conn.ptnr1_label_comp_id 
_struct_conn.ptnr1_label_seq_id 
_struct_conn.ptnr1_label_atom_id 
_struct_conn.pdbx_ptnr1_label_alt_id 
_struct_conn.pdbx_ptnr1_PDB_ins_code 
_struct_conn.pdbx_ptnr1_standard_comp_id 
_struct_conn.ptnr1_symmetry 
_struct_conn.ptnr2_label_asym_id 
_struct_conn.ptnr2_label_comp_id 
_struct_conn.ptnr2_label_seq_id 
_struct_conn.ptnr2_label_atom_id 
_struct_conn.pdbx_ptnr2_label_alt_id 
_struct_conn.pdbx_ptnr2_PDB_ins_code 
_struct_conn.ptnr1_auth_asym_id 
_struct_conn.ptnr1_auth_comp_id 
_struct_conn.ptnr1_auth_seq_id 
_struct_conn.ptnr2_auth_asym_id 
_struct_conn.ptnr2_auth_comp_id 
_struct_conn.ptnr2_auth_seq_id 
_struct_conn.ptnr2_symmetry 
_struct_conn.pdbx_ptnr3_label_atom_id 
_struct_conn.pdbx_ptnr3_label_seq_id 
_struct_conn.pdbx_ptnr3_label_comp_id 
_struct_conn.pdbx_ptnr3_label_asym_id 
_struct_conn.pdbx_ptnr3_label_alt_id 
_struct_conn.pdbx_ptnr3_PDB_ins_code 
_struct_conn.details 
_struct_conn.pdbx_dist_value 
_struct_conn.pdbx_value_order 
_struct_conn.pdbx_role 
metalc1  metalc ? ? A CYS 7  SG  ? ? ? 1_555 C ZN . ZN ? ? A CYS 31 A ZN 101 1_555 ? ? ? ? ? ? ? 2.355 ? ? 
metalc2  metalc ? ? A CYS 10 SG  ? ? ? 1_555 C ZN . ZN ? ? A CYS 34 A ZN 101 1_555 ? ? ? ? ? ? ? 2.264 ? ? 
metalc3  metalc ? ? A CYS 20 SG  ? ? ? 1_555 D ZN . ZN ? ? A CYS 44 A ZN 102 1_555 ? ? ? ? ? ? ? 2.391 ? ? 
metalc4  metalc ? ? A HIS 23 NE2 ? ? ? 1_555 D ZN . ZN ? ? A HIS 47 A ZN 102 1_555 ? ? ? ? ? ? ? 2.051 ? ? 
metalc5  metalc ? ? A CYS 26 SG  ? ? ? 1_555 C ZN . ZN ? ? A CYS 50 A ZN 101 1_555 ? ? ? ? ? ? ? 2.351 ? ? 
metalc6  metalc ? ? A CYS 29 SG  ? ? ? 1_555 C ZN . ZN ? ? A CYS 53 A ZN 101 1_555 ? ? ? ? ? ? ? 2.317 ? ? 
metalc7  metalc ? ? A CYS 40 SG  ? ? ? 1_555 D ZN . ZN ? ? A CYS 64 A ZN 102 1_555 ? ? ? ? ? ? ? 2.446 ? ? 
metalc8  metalc ? ? A CYS 43 SG  ? ? ? 1_555 D ZN . ZN ? ? A CYS 67 A ZN 102 1_555 ? ? ? ? ? ? ? 2.307 ? ? 
metalc9  metalc ? ? B CYS 7  SG  ? ? ? 1_555 E ZN . ZN ? ? B CYS 31 B ZN 101 1_555 ? ? ? ? ? ? ? 2.361 ? ? 
metalc10 metalc ? ? B CYS 10 SG  ? ? ? 1_555 E ZN . ZN ? ? B CYS 34 B ZN 101 1_555 ? ? ? ? ? ? ? 2.321 ? ? 
metalc11 metalc ? ? B CYS 20 SG  ? ? ? 1_555 F ZN . ZN ? ? B CYS 44 B ZN 102 1_555 ? ? ? ? ? ? ? 2.402 ? ? 
metalc12 metalc ? ? B HIS 23 NE2 ? ? ? 1_555 F ZN . ZN ? ? B HIS 47 B ZN 102 1_555 ? ? ? ? ? ? ? 2.040 ? ? 
metalc13 metalc ? ? B CYS 26 SG  ? ? ? 1_555 E ZN . ZN ? ? B CYS 50 B ZN 101 1_555 ? ? ? ? ? ? ? 2.375 ? ? 
metalc14 metalc ? ? B CYS 29 SG  ? ? ? 1_555 E ZN . ZN ? ? B CYS 53 B ZN 101 1_555 ? ? ? ? ? ? ? 2.272 ? ? 
metalc15 metalc ? ? B CYS 40 SG  ? ? ? 1_555 F ZN . ZN ? ? B CYS 64 B ZN 102 1_555 ? ? ? ? ? ? ? 2.408 ? ? 
metalc16 metalc ? ? B CYS 43 SG  ? ? ? 1_555 F ZN . ZN ? ? B CYS 67 B ZN 102 1_555 ? ? ? ? ? ? ? 2.317 ? ? 
# 
_struct_conn_type.id          metalc 
_struct_conn_type.criteria    ? 
_struct_conn_type.reference   ? 
# 
loop_
_pdbx_struct_conn_angle.id 
_pdbx_struct_conn_angle.ptnr1_label_atom_id 
_pdbx_struct_conn_angle.ptnr1_label_alt_id 
_pdbx_struct_conn_angle.ptnr1_label_asym_id 
_pdbx_struct_conn_angle.ptnr1_label_comp_id 
_pdbx_struct_conn_angle.ptnr1_label_seq_id 
_pdbx_struct_conn_angle.ptnr1_auth_atom_id 
_pdbx_struct_conn_angle.ptnr1_auth_asym_id 
_pdbx_struct_conn_angle.ptnr1_auth_comp_id 
_pdbx_struct_conn_angle.ptnr1_auth_seq_id 
_pdbx_struct_conn_angle.ptnr1_PDB_ins_code 
_pdbx_struct_conn_angle.ptnr1_symmetry 
_pdbx_struct_conn_angle.ptnr2_label_atom_id 
_pdbx_struct_conn_angle.ptnr2_label_alt_id 
_pdbx_struct_conn_angle.ptnr2_label_asym_id 
_pdbx_struct_conn_angle.ptnr2_label_comp_id 
_pdbx_struct_conn_angle.ptnr2_label_seq_id 
_pdbx_struct_conn_angle.ptnr2_auth_atom_id 
_pdbx_struct_conn_angle.ptnr2_auth_asym_id 
_pdbx_struct_conn_angle.ptnr2_auth_comp_id 
_pdbx_struct_conn_angle.ptnr2_auth_seq_id 
_pdbx_struct_conn_angle.ptnr2_PDB_ins_code 
_pdbx_struct_conn_angle.ptnr2_symmetry 
_pdbx_struct_conn_angle.ptnr3_label_atom_id 
_pdbx_struct_conn_angle.ptnr3_label_alt_id 
_pdbx_struct_conn_angle.ptnr3_label_asym_id 
_pdbx_struct_conn_angle.ptnr3_label_comp_id 
_pdbx_struct_conn_angle.ptnr3_label_seq_id 
_pdbx_struct_conn_angle.ptnr3_auth_atom_id 
_pdbx_struct_conn_angle.ptnr3_auth_asym_id 
_pdbx_struct_conn_angle.ptnr3_auth_comp_id 
_pdbx_struct_conn_angle.ptnr3_auth_seq_id 
_pdbx_struct_conn_angle.ptnr3_PDB_ins_code 
_pdbx_struct_conn_angle.ptnr3_symmetry 
_pdbx_struct_conn_angle.value 
_pdbx_struct_conn_angle.value_esd 
1  SG  ? A CYS 7  ? A CYS 31 ? 1_555 ZN ? C ZN . ? A ZN 101 ? 1_555 SG  ? A CYS 10 ? A CYS 34 ? 1_555 108.6 ? 
2  SG  ? A CYS 7  ? A CYS 31 ? 1_555 ZN ? C ZN . ? A ZN 101 ? 1_555 SG  ? A CYS 26 ? A CYS 50 ? 1_555 103.0 ? 
3  SG  ? A CYS 10 ? A CYS 34 ? 1_555 ZN ? C ZN . ? A ZN 101 ? 1_555 SG  ? A CYS 26 ? A CYS 50 ? 1_555 123.9 ? 
4  SG  ? A CYS 7  ? A CYS 31 ? 1_555 ZN ? C ZN . ? A ZN 101 ? 1_555 SG  ? A CYS 29 ? A CYS 53 ? 1_555 101.9 ? 
5  SG  ? A CYS 10 ? A CYS 34 ? 1_555 ZN ? C ZN . ? A ZN 101 ? 1_555 SG  ? A CYS 29 ? A CYS 53 ? 1_555 123.2 ? 
6  SG  ? A CYS 26 ? A CYS 50 ? 1_555 ZN ? C ZN . ? A ZN 101 ? 1_555 SG  ? A CYS 29 ? A CYS 53 ? 1_555 92.8  ? 
7  SG  ? A CYS 20 ? A CYS 44 ? 1_555 ZN ? D ZN . ? A ZN 102 ? 1_555 NE2 ? A HIS 23 ? A HIS 47 ? 1_555 97.0  ? 
8  SG  ? A CYS 20 ? A CYS 44 ? 1_555 ZN ? D ZN . ? A ZN 102 ? 1_555 SG  ? A CYS 40 ? A CYS 64 ? 1_555 113.3 ? 
9  NE2 ? A HIS 23 ? A HIS 47 ? 1_555 ZN ? D ZN . ? A ZN 102 ? 1_555 SG  ? A CYS 40 ? A CYS 64 ? 1_555 103.6 ? 
10 SG  ? A CYS 20 ? A CYS 44 ? 1_555 ZN ? D ZN . ? A ZN 102 ? 1_555 SG  ? A CYS 43 ? A CYS 67 ? 1_555 120.6 ? 
11 NE2 ? A HIS 23 ? A HIS 47 ? 1_555 ZN ? D ZN . ? A ZN 102 ? 1_555 SG  ? A CYS 43 ? A CYS 67 ? 1_555 113.7 ? 
12 SG  ? A CYS 40 ? A CYS 64 ? 1_555 ZN ? D ZN . ? A ZN 102 ? 1_555 SG  ? A CYS 43 ? A CYS 67 ? 1_555 107.2 ? 
13 SG  ? B CYS 7  ? B CYS 31 ? 1_555 ZN ? E ZN . ? B ZN 101 ? 1_555 SG  ? B CYS 10 ? B CYS 34 ? 1_555 109.3 ? 
14 SG  ? B CYS 7  ? B CYS 31 ? 1_555 ZN ? E ZN . ? B ZN 101 ? 1_555 SG  ? B CYS 26 ? B CYS 50 ? 1_555 104.1 ? 
15 SG  ? B CYS 10 ? B CYS 34 ? 1_555 ZN ? E ZN . ? B ZN 101 ? 1_555 SG  ? B CYS 26 ? B CYS 50 ? 1_555 121.5 ? 
16 SG  ? B CYS 7  ? B CYS 31 ? 1_555 ZN ? E ZN . ? B ZN 101 ? 1_555 SG  ? B CYS 29 ? B CYS 53 ? 1_555 107.5 ? 
17 SG  ? B CYS 10 ? B CYS 34 ? 1_555 ZN ? E ZN . ? B ZN 101 ? 1_555 SG  ? B CYS 29 ? B CYS 53 ? 1_555 118.5 ? 
18 SG  ? B CYS 26 ? B CYS 50 ? 1_555 ZN ? E ZN . ? B ZN 101 ? 1_555 SG  ? B CYS 29 ? B CYS 53 ? 1_555 94.0  ? 
19 SG  ? B CYS 20 ? B CYS 44 ? 1_555 ZN ? F ZN . ? B ZN 102 ? 1_555 NE2 ? B HIS 23 ? B HIS 47 ? 1_555 98.9  ? 
20 SG  ? B CYS 20 ? B CYS 44 ? 1_555 ZN ? F ZN . ? B ZN 102 ? 1_555 SG  ? B CYS 40 ? B CYS 64 ? 1_555 110.6 ? 
21 NE2 ? B HIS 23 ? B HIS 47 ? 1_555 ZN ? F ZN . ? B ZN 102 ? 1_555 SG  ? B CYS 40 ? B CYS 64 ? 1_555 106.3 ? 
22 SG  ? B CYS 20 ? B CYS 44 ? 1_555 ZN ? F ZN . ? B ZN 102 ? 1_555 SG  ? B CYS 43 ? B CYS 67 ? 1_555 115.4 ? 
23 NE2 ? B HIS 23 ? B HIS 47 ? 1_555 ZN ? F ZN . ? B ZN 102 ? 1_555 SG  ? B CYS 43 ? B CYS 67 ? 1_555 114.3 ? 
24 SG  ? B CYS 40 ? B CYS 64 ? 1_555 ZN ? F ZN . ? B ZN 102 ? 1_555 SG  ? B CYS 43 ? B CYS 67 ? 1_555 110.4 ? 
# 
loop_
_struct_sheet.id 
_struct_sheet.type 
_struct_sheet.number_strands 
_struct_sheet.details 
AA1 ? 2 ? 
AA2 ? 2 ? 
# 
loop_
_struct_sheet_order.sheet_id 
_struct_sheet_order.range_id_1 
_struct_sheet_order.range_id_2 
_struct_sheet_order.offset 
_struct_sheet_order.sense 
AA1 1 2 ? anti-parallel 
AA2 1 2 ? anti-parallel 
# 
loop_
_struct_sheet_range.sheet_id 
_struct_sheet_range.id 
_struct_sheet_range.beg_label_comp_id 
_struct_sheet_range.beg_label_asym_id 
_struct_sheet_range.beg_label_seq_id 
_struct_sheet_range.pdbx_beg_PDB_ins_code 
_struct_sheet_range.end_label_comp_id 
_struct_sheet_range.end_label_asym_id 
_struct_sheet_range.end_label_seq_id 
_struct_sheet_range.pdbx_end_PDB_ins_code 
_struct_sheet_range.beg_auth_comp_id 
_struct_sheet_range.beg_auth_asym_id 
_struct_sheet_range.beg_auth_seq_id 
_struct_sheet_range.end_auth_comp_id 
_struct_sheet_range.end_auth_asym_id 
_struct_sheet_range.end_auth_seq_id 
AA1 1 LEU A 17 ? GLU A 19 ? LEU A 41 GLU A 43 
AA1 2 TYR A 24 ? CYS A 26 ? TYR A 48 CYS A 50 
AA2 1 LEU B 17 ? GLU B 19 ? LEU B 41 GLU B 43 
AA2 2 TYR B 24 ? CYS B 26 ? TYR B 48 CYS B 50 
# 
loop_
_pdbx_struct_sheet_hbond.sheet_id 
_pdbx_struct_sheet_hbond.range_id_1 
_pdbx_struct_sheet_hbond.range_id_2 
_pdbx_struct_sheet_hbond.range_1_label_atom_id 
_pdbx_struct_sheet_hbond.range_1_label_comp_id 
_pdbx_struct_sheet_hbond.range_1_label_asym_id 
_pdbx_struct_sheet_hbond.range_1_label_seq_id 
_pdbx_struct_sheet_hbond.range_1_PDB_ins_code 
_pdbx_struct_sheet_hbond.range_1_auth_atom_id 
_pdbx_struct_sheet_hbond.range_1_auth_comp_id 
_pdbx_struct_sheet_hbond.range_1_auth_asym_id 
_pdbx_struct_sheet_hbond.range_1_auth_seq_id 
_pdbx_struct_sheet_hbond.range_2_label_atom_id 
_pdbx_struct_sheet_hbond.range_2_label_comp_id 
_pdbx_struct_sheet_hbond.range_2_label_asym_id 
_pdbx_struct_sheet_hbond.range_2_label_seq_id 
_pdbx_struct_sheet_hbond.range_2_PDB_ins_code 
_pdbx_struct_sheet_hbond.range_2_auth_atom_id 
_pdbx_struct_sheet_hbond.range_2_auth_comp_id 
_pdbx_struct_sheet_hbond.range_2_auth_asym_id 
_pdbx_struct_sheet_hbond.range_2_auth_seq_id 
AA1 1 2 N VAL A 18 ? N VAL A 42 O LEU A 25 ? O LEU A 49 
AA2 1 2 N VAL B 18 ? N VAL B 42 O LEU B 25 ? O LEU B 49 
# 
loop_
_struct_site.id 
_struct_site.pdbx_evidence_code 
_struct_site.pdbx_auth_asym_id 
_struct_site.pdbx_auth_comp_id 
_struct_site.pdbx_auth_seq_id 
_struct_site.pdbx_auth_ins_code 
_struct_site.pdbx_num_residues 
_struct_site.details 
AC1 Software A ZN 101 ? 4 'binding site for residue ZN A 101' 
AC2 Software A ZN 102 ? 4 'binding site for residue ZN A 102' 
AC3 Software B ZN 101 ? 4 'binding site for residue ZN B 101' 
AC4 Software B ZN 102 ? 4 'binding site for residue ZN B 102' 
# 
loop_
_struct_site_gen.id 
_struct_site_gen.site_id 
_struct_site_gen.pdbx_num_res 
_struct_site_gen.label_comp_id 
_struct_site_gen.label_asym_id 
_struct_site_gen.label_seq_id 
_struct_site_gen.pdbx_auth_ins_code 
_struct_site_gen.auth_comp_id 
_struct_site_gen.auth_asym_id 
_struct_site_gen.auth_seq_id 
_struct_site_gen.label_atom_id 
_struct_site_gen.label_alt_id 
_struct_site_gen.symmetry 
_struct_site_gen.details 
1  AC1 4 CYS A 7  ? CYS A 31 . ? 1_555 ? 
2  AC1 4 CYS A 10 ? CYS A 34 . ? 1_555 ? 
3  AC1 4 CYS A 26 ? CYS A 50 . ? 1_555 ? 
4  AC1 4 CYS A 29 ? CYS A 53 . ? 1_555 ? 
5  AC2 4 CYS A 20 ? CYS A 44 . ? 1_555 ? 
6  AC2 4 HIS A 23 ? HIS A 47 . ? 1_555 ? 
7  AC2 4 CYS A 40 ? CYS A 64 . ? 1_555 ? 
8  AC2 4 CYS A 43 ? CYS A 67 . ? 1_555 ? 
9  AC3 4 CYS B 7  ? CYS B 31 . ? 1_555 ? 
10 AC3 4 CYS B 10 ? CYS B 34 . ? 1_555 ? 
11 AC3 4 CYS B 26 ? CYS B 50 . ? 1_555 ? 
12 AC3 4 CYS B 29 ? CYS B 53 . ? 1_555 ? 
13 AC4 4 CYS B 20 ? CYS B 44 . ? 1_555 ? 
14 AC4 4 HIS B 23 ? HIS B 47 . ? 1_555 ? 
15 AC4 4 CYS B 40 ? CYS B 64 . ? 1_555 ? 
16 AC4 4 CYS B 43 ? CYS B 67 . ? 1_555 ? 
# 
loop_
_pdbx_validate_symm_contact.id 
_pdbx_validate_symm_contact.PDB_model_num 
_pdbx_validate_symm_contact.auth_atom_id_1 
_pdbx_validate_symm_contact.auth_asym_id_1 
_pdbx_validate_symm_contact.auth_comp_id_1 
_pdbx_validate_symm_contact.auth_seq_id_1 
_pdbx_validate_symm_contact.PDB_ins_code_1 
_pdbx_validate_symm_contact.label_alt_id_1 
_pdbx_validate_symm_contact.site_symmetry_1 
_pdbx_validate_symm_contact.auth_atom_id_2 
_pdbx_validate_symm_contact.auth_asym_id_2 
_pdbx_validate_symm_contact.auth_comp_id_2 
_pdbx_validate_symm_contact.auth_seq_id_2 
_pdbx_validate_symm_contact.PDB_ins_code_2 
_pdbx_validate_symm_contact.label_alt_id_2 
_pdbx_validate_symm_contact.site_symmetry_2 
_pdbx_validate_symm_contact.dist 
1 1 NH2 A ARG 63 ? ? 1_555 O   B CYS 34 ? ? 18_655 2.13 
2 1 O   A CYS 34 ? ? 1_555 NH2 B ARG 63 ? ? 17_555 2.14 
# 
_pdbx_validate_rmsd_angle.id                         1 
_pdbx_validate_rmsd_angle.PDB_model_num              1 
_pdbx_validate_rmsd_angle.auth_atom_id_1             C 
_pdbx_validate_rmsd_angle.auth_asym_id_1             B 
_pdbx_validate_rmsd_angle.auth_comp_id_1             ARG 
_pdbx_validate_rmsd_angle.auth_seq_id_1              76 
_pdbx_validate_rmsd_angle.PDB_ins_code_1             ? 
_pdbx_validate_rmsd_angle.label_alt_id_1             ? 
_pdbx_validate_rmsd_angle.auth_atom_id_2             N 
_pdbx_validate_rmsd_angle.auth_asym_id_2             B 
_pdbx_validate_rmsd_angle.auth_comp_id_2             PRO 
_pdbx_validate_rmsd_angle.auth_seq_id_2              77 
_pdbx_validate_rmsd_angle.PDB_ins_code_2             ? 
_pdbx_validate_rmsd_angle.label_alt_id_2             ? 
_pdbx_validate_rmsd_angle.auth_atom_id_3             CA 
_pdbx_validate_rmsd_angle.auth_asym_id_3             B 
_pdbx_validate_rmsd_angle.auth_comp_id_3             PRO 
_pdbx_validate_rmsd_angle.auth_seq_id_3              77 
_pdbx_validate_rmsd_angle.PDB_ins_code_3             ? 
_pdbx_validate_rmsd_angle.label_alt_id_3             ? 
_pdbx_validate_rmsd_angle.angle_value                133.72 
_pdbx_validate_rmsd_angle.angle_target_value         119.30 
_pdbx_validate_rmsd_angle.angle_deviation            14.42 
_pdbx_validate_rmsd_angle.angle_standard_deviation   1.50 
_pdbx_validate_rmsd_angle.linker_flag                Y 
# 
loop_
_pdbx_validate_torsion.id 
_pdbx_validate_torsion.PDB_model_num 
_pdbx_validate_torsion.auth_comp_id 
_pdbx_validate_torsion.auth_asym_id 
_pdbx_validate_torsion.auth_seq_id 
_pdbx_validate_torsion.PDB_ins_code 
_pdbx_validate_torsion.label_alt_id 
_pdbx_validate_torsion.phi 
_pdbx_validate_torsion.psi 
1 1 PHE A 36 ? ? -142.48 -48.14 
2 1 LYS A 68 ? ? 69.69   -0.92  
3 1 PHE B 36 ? ? -142.38 -45.66 
4 1 LYS B 68 ? ? 69.63   -1.88  
# 
loop_
_pdbx_unobs_or_zero_occ_residues.id 
_pdbx_unobs_or_zero_occ_residues.PDB_model_num 
_pdbx_unobs_or_zero_occ_residues.polymer_flag 
_pdbx_unobs_or_zero_occ_residues.occupancy_flag 
_pdbx_unobs_or_zero_occ_residues.auth_asym_id 
_pdbx_unobs_or_zero_occ_residues.auth_comp_id 
_pdbx_unobs_or_zero_occ_residues.auth_seq_id 
_pdbx_unobs_or_zero_occ_residues.PDB_ins_code 
_pdbx_unobs_or_zero_occ_residues.label_asym_id 
_pdbx_unobs_or_zero_occ_residues.label_comp_id 
_pdbx_unobs_or_zero_occ_residues.label_seq_id 
1 1 Y 1 A ARG 76 ? A ARG 52 
2 1 Y 1 A PRO 77 ? A PRO 53 
# 
loop_
_chem_comp_atom.comp_id 
_chem_comp_atom.atom_id 
_chem_comp_atom.type_symbol 
_chem_comp_atom.pdbx_aromatic_flag 
_chem_comp_atom.pdbx_stereo_config 
_chem_comp_atom.pdbx_ordinal 
ARG N    N  N N 1   
ARG CA   C  N S 2   
ARG C    C  N N 3   
ARG O    O  N N 4   
ARG CB   C  N N 5   
ARG CG   C  N N 6   
ARG CD   C  N N 7   
ARG NE   N  N N 8   
ARG CZ   C  N N 9   
ARG NH1  N  N N 10  
ARG NH2  N  N N 11  
ARG OXT  O  N N 12  
ARG H    H  N N 13  
ARG H2   H  N N 14  
ARG HA   H  N N 15  
ARG HB2  H  N N 16  
ARG HB3  H  N N 17  
ARG HG2  H  N N 18  
ARG HG3  H  N N 19  
ARG HD2  H  N N 20  
ARG HD3  H  N N 21  
ARG HE   H  N N 22  
ARG HH11 H  N N 23  
ARG HH12 H  N N 24  
ARG HH21 H  N N 25  
ARG HH22 H  N N 26  
ARG HXT  H  N N 27  
ASN N    N  N N 28  
ASN CA   C  N S 29  
ASN C    C  N N 30  
ASN O    O  N N 31  
ASN CB   C  N N 32  
ASN CG   C  N N 33  
ASN OD1  O  N N 34  
ASN ND2  N  N N 35  
ASN OXT  O  N N 36  
ASN H    H  N N 37  
ASN H2   H  N N 38  
ASN HA   H  N N 39  
ASN HB2  H  N N 40  
ASN HB3  H  N N 41  
ASN HD21 H  N N 42  
ASN HD22 H  N N 43  
ASN HXT  H  N N 44  
CYS N    N  N N 45  
CYS CA   C  N R 46  
CYS C    C  N N 47  
CYS O    O  N N 48  
CYS CB   C  N N 49  
CYS SG   S  N N 50  
CYS OXT  O  N N 51  
CYS H    H  N N 52  
CYS H2   H  N N 53  
CYS HA   H  N N 54  
CYS HB2  H  N N 55  
CYS HB3  H  N N 56  
CYS HG   H  N N 57  
CYS HXT  H  N N 58  
GLN N    N  N N 59  
GLN CA   C  N S 60  
GLN C    C  N N 61  
GLN O    O  N N 62  
GLN CB   C  N N 63  
GLN CG   C  N N 64  
GLN CD   C  N N 65  
GLN OE1  O  N N 66  
GLN NE2  N  N N 67  
GLN OXT  O  N N 68  
GLN H    H  N N 69  
GLN H2   H  N N 70  
GLN HA   H  N N 71  
GLN HB2  H  N N 72  
GLN HB3  H  N N 73  
GLN HG2  H  N N 74  
GLN HG3  H  N N 75  
GLN HE21 H  N N 76  
GLN HE22 H  N N 77  
GLN HXT  H  N N 78  
GLU N    N  N N 79  
GLU CA   C  N S 80  
GLU C    C  N N 81  
GLU O    O  N N 82  
GLU CB   C  N N 83  
GLU CG   C  N N 84  
GLU CD   C  N N 85  
GLU OE1  O  N N 86  
GLU OE2  O  N N 87  
GLU OXT  O  N N 88  
GLU H    H  N N 89  
GLU H2   H  N N 90  
GLU HA   H  N N 91  
GLU HB2  H  N N 92  
GLU HB3  H  N N 93  
GLU HG2  H  N N 94  
GLU HG3  H  N N 95  
GLU HE2  H  N N 96  
GLU HXT  H  N N 97  
GLY N    N  N N 98  
GLY CA   C  N N 99  
GLY C    C  N N 100 
GLY O    O  N N 101 
GLY OXT  O  N N 102 
GLY H    H  N N 103 
GLY H2   H  N N 104 
GLY HA2  H  N N 105 
GLY HA3  H  N N 106 
GLY HXT  H  N N 107 
HIS N    N  N N 108 
HIS CA   C  N S 109 
HIS C    C  N N 110 
HIS O    O  N N 111 
HIS CB   C  N N 112 
HIS CG   C  Y N 113 
HIS ND1  N  Y N 114 
HIS CD2  C  Y N 115 
HIS CE1  C  Y N 116 
HIS NE2  N  Y N 117 
HIS OXT  O  N N 118 
HIS H    H  N N 119 
HIS H2   H  N N 120 
HIS HA   H  N N 121 
HIS HB2  H  N N 122 
HIS HB3  H  N N 123 
HIS HD1  H  N N 124 
HIS HD2  H  N N 125 
HIS HE1  H  N N 126 
HIS HE2  H  N N 127 
HIS HXT  H  N N 128 
ILE N    N  N N 129 
ILE CA   C  N S 130 
ILE C    C  N N 131 
ILE O    O  N N 132 
ILE CB   C  N S 133 
ILE CG1  C  N N 134 
ILE CG2  C  N N 135 
ILE CD1  C  N N 136 
ILE OXT  O  N N 137 
ILE H    H  N N 138 
ILE H2   H  N N 139 
ILE HA   H  N N 140 
ILE HB   H  N N 141 
ILE HG12 H  N N 142 
ILE HG13 H  N N 143 
ILE HG21 H  N N 144 
ILE HG22 H  N N 145 
ILE HG23 H  N N 146 
ILE HD11 H  N N 147 
ILE HD12 H  N N 148 
ILE HD13 H  N N 149 
ILE HXT  H  N N 150 
LEU N    N  N N 151 
LEU CA   C  N S 152 
LEU C    C  N N 153 
LEU O    O  N N 154 
LEU CB   C  N N 155 
LEU CG   C  N N 156 
LEU CD1  C  N N 157 
LEU CD2  C  N N 158 
LEU OXT  O  N N 159 
LEU H    H  N N 160 
LEU H2   H  N N 161 
LEU HA   H  N N 162 
LEU HB2  H  N N 163 
LEU HB3  H  N N 164 
LEU HG   H  N N 165 
LEU HD11 H  N N 166 
LEU HD12 H  N N 167 
LEU HD13 H  N N 168 
LEU HD21 H  N N 169 
LEU HD22 H  N N 170 
LEU HD23 H  N N 171 
LEU HXT  H  N N 172 
LYS N    N  N N 173 
LYS CA   C  N S 174 
LYS C    C  N N 175 
LYS O    O  N N 176 
LYS CB   C  N N 177 
LYS CG   C  N N 178 
LYS CD   C  N N 179 
LYS CE   C  N N 180 
LYS NZ   N  N N 181 
LYS OXT  O  N N 182 
LYS H    H  N N 183 
LYS H2   H  N N 184 
LYS HA   H  N N 185 
LYS HB2  H  N N 186 
LYS HB3  H  N N 187 
LYS HG2  H  N N 188 
LYS HG3  H  N N 189 
LYS HD2  H  N N 190 
LYS HD3  H  N N 191 
LYS HE2  H  N N 192 
LYS HE3  H  N N 193 
LYS HZ1  H  N N 194 
LYS HZ2  H  N N 195 
LYS HZ3  H  N N 196 
LYS HXT  H  N N 197 
MET N    N  N N 198 
MET CA   C  N S 199 
MET C    C  N N 200 
MET O    O  N N 201 
MET CB   C  N N 202 
MET CG   C  N N 203 
MET SD   S  N N 204 
MET CE   C  N N 205 
MET OXT  O  N N 206 
MET H    H  N N 207 
MET H2   H  N N 208 
MET HA   H  N N 209 
MET HB2  H  N N 210 
MET HB3  H  N N 211 
MET HG2  H  N N 212 
MET HG3  H  N N 213 
MET HE1  H  N N 214 
MET HE2  H  N N 215 
MET HE3  H  N N 216 
MET HXT  H  N N 217 
PHE N    N  N N 218 
PHE CA   C  N S 219 
PHE C    C  N N 220 
PHE O    O  N N 221 
PHE CB   C  N N 222 
PHE CG   C  Y N 223 
PHE CD1  C  Y N 224 
PHE CD2  C  Y N 225 
PHE CE1  C  Y N 226 
PHE CE2  C  Y N 227 
PHE CZ   C  Y N 228 
PHE OXT  O  N N 229 
PHE H    H  N N 230 
PHE H2   H  N N 231 
PHE HA   H  N N 232 
PHE HB2  H  N N 233 
PHE HB3  H  N N 234 
PHE HD1  H  N N 235 
PHE HD2  H  N N 236 
PHE HE1  H  N N 237 
PHE HE2  H  N N 238 
PHE HZ   H  N N 239 
PHE HXT  H  N N 240 
PRO N    N  N N 241 
PRO CA   C  N S 242 
PRO C    C  N N 243 
PRO O    O  N N 244 
PRO CB   C  N N 245 
PRO CG   C  N N 246 
PRO CD   C  N N 247 
PRO OXT  O  N N 248 
PRO H    H  N N 249 
PRO HA   H  N N 250 
PRO HB2  H  N N 251 
PRO HB3  H  N N 252 
PRO HG2  H  N N 253 
PRO HG3  H  N N 254 
PRO HD2  H  N N 255 
PRO HD3  H  N N 256 
PRO HXT  H  N N 257 
SER N    N  N N 258 
SER CA   C  N S 259 
SER C    C  N N 260 
SER O    O  N N 261 
SER CB   C  N N 262 
SER OG   O  N N 263 
SER OXT  O  N N 264 
SER H    H  N N 265 
SER H2   H  N N 266 
SER HA   H  N N 267 
SER HB2  H  N N 268 
SER HB3  H  N N 269 
SER HG   H  N N 270 
SER HXT  H  N N 271 
THR N    N  N N 272 
THR CA   C  N S 273 
THR C    C  N N 274 
THR O    O  N N 275 
THR CB   C  N R 276 
THR OG1  O  N N 277 
THR CG2  C  N N 278 
THR OXT  O  N N 279 
THR H    H  N N 280 
THR H2   H  N N 281 
THR HA   H  N N 282 
THR HB   H  N N 283 
THR HG1  H  N N 284 
THR HG21 H  N N 285 
THR HG22 H  N N 286 
THR HG23 H  N N 287 
THR HXT  H  N N 288 
TRP N    N  N N 289 
TRP CA   C  N S 290 
TRP C    C  N N 291 
TRP O    O  N N 292 
TRP CB   C  N N 293 
TRP CG   C  Y N 294 
TRP CD1  C  Y N 295 
TRP CD2  C  Y N 296 
TRP NE1  N  Y N 297 
TRP CE2  C  Y N 298 
TRP CE3  C  Y N 299 
TRP CZ2  C  Y N 300 
TRP CZ3  C  Y N 301 
TRP CH2  C  Y N 302 
TRP OXT  O  N N 303 
TRP H    H  N N 304 
TRP H2   H  N N 305 
TRP HA   H  N N 306 
TRP HB2  H  N N 307 
TRP HB3  H  N N 308 
TRP HD1  H  N N 309 
TRP HE1  H  N N 310 
TRP HE3  H  N N 311 
TRP HZ2  H  N N 312 
TRP HZ3  H  N N 313 
TRP HH2  H  N N 314 
TRP HXT  H  N N 315 
TYR N    N  N N 316 
TYR CA   C  N S 317 
TYR C    C  N N 318 
TYR O    O  N N 319 
TYR CB   C  N N 320 
TYR CG   C  Y N 321 
TYR CD1  C  Y N 322 
TYR CD2  C  Y N 323 
TYR CE1  C  Y N 324 
TYR CE2  C  Y N 325 
TYR CZ   C  Y N 326 
TYR OH   O  N N 327 
TYR OXT  O  N N 328 
TYR H    H  N N 329 
TYR H2   H  N N 330 
TYR HA   H  N N 331 
TYR HB2  H  N N 332 
TYR HB3  H  N N 333 
TYR HD1  H  N N 334 
TYR HD2  H  N N 335 
TYR HE1  H  N N 336 
TYR HE2  H  N N 337 
TYR HH   H  N N 338 
TYR HXT  H  N N 339 
VAL N    N  N N 340 
VAL CA   C  N S 341 
VAL C    C  N N 342 
VAL O    O  N N 343 
VAL CB   C  N N 344 
VAL CG1  C  N N 345 
VAL CG2  C  N N 346 
VAL OXT  O  N N 347 
VAL H    H  N N 348 
VAL H2   H  N N 349 
VAL HA   H  N N 350 
VAL HB   H  N N 351 
VAL HG11 H  N N 352 
VAL HG12 H  N N 353 
VAL HG13 H  N N 354 
VAL HG21 H  N N 355 
VAL HG22 H  N N 356 
VAL HG23 H  N N 357 
VAL HXT  H  N N 358 
ZN  ZN   ZN N N 359 
# 
loop_
_chem_comp_bond.comp_id 
_chem_comp_bond.atom_id_1 
_chem_comp_bond.atom_id_2 
_chem_comp_bond.value_order 
_chem_comp_bond.pdbx_aromatic_flag 
_chem_comp_bond.pdbx_stereo_config 
_chem_comp_bond.pdbx_ordinal 
ARG N   CA   sing N N 1   
ARG N   H    sing N N 2   
ARG N   H2   sing N N 3   
ARG CA  C    sing N N 4   
ARG CA  CB   sing N N 5   
ARG CA  HA   sing N N 6   
ARG C   O    doub N N 7   
ARG C   OXT  sing N N 8   
ARG CB  CG   sing N N 9   
ARG CB  HB2  sing N N 10  
ARG CB  HB3  sing N N 11  
ARG CG  CD   sing N N 12  
ARG CG  HG2  sing N N 13  
ARG CG  HG3  sing N N 14  
ARG CD  NE   sing N N 15  
ARG CD  HD2  sing N N 16  
ARG CD  HD3  sing N N 17  
ARG NE  CZ   sing N N 18  
ARG NE  HE   sing N N 19  
ARG CZ  NH1  sing N N 20  
ARG CZ  NH2  doub N N 21  
ARG NH1 HH11 sing N N 22  
ARG NH1 HH12 sing N N 23  
ARG NH2 HH21 sing N N 24  
ARG NH2 HH22 sing N N 25  
ARG OXT HXT  sing N N 26  
ASN N   CA   sing N N 27  
ASN N   H    sing N N 28  
ASN N   H2   sing N N 29  
ASN CA  C    sing N N 30  
ASN CA  CB   sing N N 31  
ASN CA  HA   sing N N 32  
ASN C   O    doub N N 33  
ASN C   OXT  sing N N 34  
ASN CB  CG   sing N N 35  
ASN CB  HB2  sing N N 36  
ASN CB  HB3  sing N N 37  
ASN CG  OD1  doub N N 38  
ASN CG  ND2  sing N N 39  
ASN ND2 HD21 sing N N 40  
ASN ND2 HD22 sing N N 41  
ASN OXT HXT  sing N N 42  
CYS N   CA   sing N N 43  
CYS N   H    sing N N 44  
CYS N   H2   sing N N 45  
CYS CA  C    sing N N 46  
CYS CA  CB   sing N N 47  
CYS CA  HA   sing N N 48  
CYS C   O    doub N N 49  
CYS C   OXT  sing N N 50  
CYS CB  SG   sing N N 51  
CYS CB  HB2  sing N N 52  
CYS CB  HB3  sing N N 53  
CYS SG  HG   sing N N 54  
CYS OXT HXT  sing N N 55  
GLN N   CA   sing N N 56  
GLN N   H    sing N N 57  
GLN N   H2   sing N N 58  
GLN CA  C    sing N N 59  
GLN CA  CB   sing N N 60  
GLN CA  HA   sing N N 61  
GLN C   O    doub N N 62  
GLN C   OXT  sing N N 63  
GLN CB  CG   sing N N 64  
GLN CB  HB2  sing N N 65  
GLN CB  HB3  sing N N 66  
GLN CG  CD   sing N N 67  
GLN CG  HG2  sing N N 68  
GLN CG  HG3  sing N N 69  
GLN CD  OE1  doub N N 70  
GLN CD  NE2  sing N N 71  
GLN NE2 HE21 sing N N 72  
GLN NE2 HE22 sing N N 73  
GLN OXT HXT  sing N N 74  
GLU N   CA   sing N N 75  
GLU N   H    sing N N 76  
GLU N   H2   sing N N 77  
GLU CA  C    sing N N 78  
GLU CA  CB   sing N N 79  
GLU CA  HA   sing N N 80  
GLU C   O    doub N N 81  
GLU C   OXT  sing N N 82  
GLU CB  CG   sing N N 83  
GLU CB  HB2  sing N N 84  
GLU CB  HB3  sing N N 85  
GLU CG  CD   sing N N 86  
GLU CG  HG2  sing N N 87  
GLU CG  HG3  sing N N 88  
GLU CD  OE1  doub N N 89  
GLU CD  OE2  sing N N 90  
GLU OE2 HE2  sing N N 91  
GLU OXT HXT  sing N N 92  
GLY N   CA   sing N N 93  
GLY N   H    sing N N 94  
GLY N   H2   sing N N 95  
GLY CA  C    sing N N 96  
GLY CA  HA2  sing N N 97  
GLY CA  HA3  sing N N 98  
GLY C   O    doub N N 99  
GLY C   OXT  sing N N 100 
GLY OXT HXT  sing N N 101 
HIS N   CA   sing N N 102 
HIS N   H    sing N N 103 
HIS N   H2   sing N N 104 
HIS CA  C    sing N N 105 
HIS CA  CB   sing N N 106 
HIS CA  HA   sing N N 107 
HIS C   O    doub N N 108 
HIS C   OXT  sing N N 109 
HIS CB  CG   sing N N 110 
HIS CB  HB2  sing N N 111 
HIS CB  HB3  sing N N 112 
HIS CG  ND1  sing Y N 113 
HIS CG  CD2  doub Y N 114 
HIS ND1 CE1  doub Y N 115 
HIS ND1 HD1  sing N N 116 
HIS CD2 NE2  sing Y N 117 
HIS CD2 HD2  sing N N 118 
HIS CE1 NE2  sing Y N 119 
HIS CE1 HE1  sing N N 120 
HIS NE2 HE2  sing N N 121 
HIS OXT HXT  sing N N 122 
ILE N   CA   sing N N 123 
ILE N   H    sing N N 124 
ILE N   H2   sing N N 125 
ILE CA  C    sing N N 126 
ILE CA  CB   sing N N 127 
ILE CA  HA   sing N N 128 
ILE C   O    doub N N 129 
ILE C   OXT  sing N N 130 
ILE CB  CG1  sing N N 131 
ILE CB  CG2  sing N N 132 
ILE CB  HB   sing N N 133 
ILE CG1 CD1  sing N N 134 
ILE CG1 HG12 sing N N 135 
ILE CG1 HG13 sing N N 136 
ILE CG2 HG21 sing N N 137 
ILE CG2 HG22 sing N N 138 
ILE CG2 HG23 sing N N 139 
ILE CD1 HD11 sing N N 140 
ILE CD1 HD12 sing N N 141 
ILE CD1 HD13 sing N N 142 
ILE OXT HXT  sing N N 143 
LEU N   CA   sing N N 144 
LEU N   H    sing N N 145 
LEU N   H2   sing N N 146 
LEU CA  C    sing N N 147 
LEU CA  CB   sing N N 148 
LEU CA  HA   sing N N 149 
LEU C   O    doub N N 150 
LEU C   OXT  sing N N 151 
LEU CB  CG   sing N N 152 
LEU CB  HB2  sing N N 153 
LEU CB  HB3  sing N N 154 
LEU CG  CD1  sing N N 155 
LEU CG  CD2  sing N N 156 
LEU CG  HG   sing N N 157 
LEU CD1 HD11 sing N N 158 
LEU CD1 HD12 sing N N 159 
LEU CD1 HD13 sing N N 160 
LEU CD2 HD21 sing N N 161 
LEU CD2 HD22 sing N N 162 
LEU CD2 HD23 sing N N 163 
LEU OXT HXT  sing N N 164 
LYS N   CA   sing N N 165 
LYS N   H    sing N N 166 
LYS N   H2   sing N N 167 
LYS CA  C    sing N N 168 
LYS CA  CB   sing N N 169 
LYS CA  HA   sing N N 170 
LYS C   O    doub N N 171 
LYS C   OXT  sing N N 172 
LYS CB  CG   sing N N 173 
LYS CB  HB2  sing N N 174 
LYS CB  HB3  sing N N 175 
LYS CG  CD   sing N N 176 
LYS CG  HG2  sing N N 177 
LYS CG  HG3  sing N N 178 
LYS CD  CE   sing N N 179 
LYS CD  HD2  sing N N 180 
LYS CD  HD3  sing N N 181 
LYS CE  NZ   sing N N 182 
LYS CE  HE2  sing N N 183 
LYS CE  HE3  sing N N 184 
LYS NZ  HZ1  sing N N 185 
LYS NZ  HZ2  sing N N 186 
LYS NZ  HZ3  sing N N 187 
LYS OXT HXT  sing N N 188 
MET N   CA   sing N N 189 
MET N   H    sing N N 190 
MET N   H2   sing N N 191 
MET CA  C    sing N N 192 
MET CA  CB   sing N N 193 
MET CA  HA   sing N N 194 
MET C   O    doub N N 195 
MET C   OXT  sing N N 196 
MET CB  CG   sing N N 197 
MET CB  HB2  sing N N 198 
MET CB  HB3  sing N N 199 
MET CG  SD   sing N N 200 
MET CG  HG2  sing N N 201 
MET CG  HG3  sing N N 202 
MET SD  CE   sing N N 203 
MET CE  HE1  sing N N 204 
MET CE  HE2  sing N N 205 
MET CE  HE3  sing N N 206 
MET OXT HXT  sing N N 207 
PHE N   CA   sing N N 208 
PHE N   H    sing N N 209 
PHE N   H2   sing N N 210 
PHE CA  C    sing N N 211 
PHE CA  CB   sing N N 212 
PHE CA  HA   sing N N 213 
PHE C   O    doub N N 214 
PHE C   OXT  sing N N 215 
PHE CB  CG   sing N N 216 
PHE CB  HB2  sing N N 217 
PHE CB  HB3  sing N N 218 
PHE CG  CD1  doub Y N 219 
PHE CG  CD2  sing Y N 220 
PHE CD1 CE1  sing Y N 221 
PHE CD1 HD1  sing N N 222 
PHE CD2 CE2  doub Y N 223 
PHE CD2 HD2  sing N N 224 
PHE CE1 CZ   doub Y N 225 
PHE CE1 HE1  sing N N 226 
PHE CE2 CZ   sing Y N 227 
PHE CE2 HE2  sing N N 228 
PHE CZ  HZ   sing N N 229 
PHE OXT HXT  sing N N 230 
PRO N   CA   sing N N 231 
PRO N   CD   sing N N 232 
PRO N   H    sing N N 233 
PRO CA  C    sing N N 234 
PRO CA  CB   sing N N 235 
PRO CA  HA   sing N N 236 
PRO C   O    doub N N 237 
PRO C   OXT  sing N N 238 
PRO CB  CG   sing N N 239 
PRO CB  HB2  sing N N 240 
PRO CB  HB3  sing N N 241 
PRO CG  CD   sing N N 242 
PRO CG  HG2  sing N N 243 
PRO CG  HG3  sing N N 244 
PRO CD  HD2  sing N N 245 
PRO CD  HD3  sing N N 246 
PRO OXT HXT  sing N N 247 
SER N   CA   sing N N 248 
SER N   H    sing N N 249 
SER N   H2   sing N N 250 
SER CA  C    sing N N 251 
SER CA  CB   sing N N 252 
SER CA  HA   sing N N 253 
SER C   O    doub N N 254 
SER C   OXT  sing N N 255 
SER CB  OG   sing N N 256 
SER CB  HB2  sing N N 257 
SER CB  HB3  sing N N 258 
SER OG  HG   sing N N 259 
SER OXT HXT  sing N N 260 
THR N   CA   sing N N 261 
THR N   H    sing N N 262 
THR N   H2   sing N N 263 
THR CA  C    sing N N 264 
THR CA  CB   sing N N 265 
THR CA  HA   sing N N 266 
THR C   O    doub N N 267 
THR C   OXT  sing N N 268 
THR CB  OG1  sing N N 269 
THR CB  CG2  sing N N 270 
THR CB  HB   sing N N 271 
THR OG1 HG1  sing N N 272 
THR CG2 HG21 sing N N 273 
THR CG2 HG22 sing N N 274 
THR CG2 HG23 sing N N 275 
THR OXT HXT  sing N N 276 
TRP N   CA   sing N N 277 
TRP N   H    sing N N 278 
TRP N   H2   sing N N 279 
TRP CA  C    sing N N 280 
TRP CA  CB   sing N N 281 
TRP CA  HA   sing N N 282 
TRP C   O    doub N N 283 
TRP C   OXT  sing N N 284 
TRP CB  CG   sing N N 285 
TRP CB  HB2  sing N N 286 
TRP CB  HB3  sing N N 287 
TRP CG  CD1  doub Y N 288 
TRP CG  CD2  sing Y N 289 
TRP CD1 NE1  sing Y N 290 
TRP CD1 HD1  sing N N 291 
TRP CD2 CE2  doub Y N 292 
TRP CD2 CE3  sing Y N 293 
TRP NE1 CE2  sing Y N 294 
TRP NE1 HE1  sing N N 295 
TRP CE2 CZ2  sing Y N 296 
TRP CE3 CZ3  doub Y N 297 
TRP CE3 HE3  sing N N 298 
TRP CZ2 CH2  doub Y N 299 
TRP CZ2 HZ2  sing N N 300 
TRP CZ3 CH2  sing Y N 301 
TRP CZ3 HZ3  sing N N 302 
TRP CH2 HH2  sing N N 303 
TRP OXT HXT  sing N N 304 
TYR N   CA   sing N N 305 
TYR N   H    sing N N 306 
TYR N   H2   sing N N 307 
TYR CA  C    sing N N 308 
TYR CA  CB   sing N N 309 
TYR CA  HA   sing N N 310 
TYR C   O    doub N N 311 
TYR C   OXT  sing N N 312 
TYR CB  CG   sing N N 313 
TYR CB  HB2  sing N N 314 
TYR CB  HB3  sing N N 315 
TYR CG  CD1  doub Y N 316 
TYR CG  CD2  sing Y N 317 
TYR CD1 CE1  sing Y N 318 
TYR CD1 HD1  sing N N 319 
TYR CD2 CE2  doub Y N 320 
TYR CD2 HD2  sing N N 321 
TYR CE1 CZ   doub Y N 322 
TYR CE1 HE1  sing N N 323 
TYR CE2 CZ   sing Y N 324 
TYR CE2 HE2  sing N N 325 
TYR CZ  OH   sing N N 326 
TYR OH  HH   sing N N 327 
TYR OXT HXT  sing N N 328 
VAL N   CA   sing N N 329 
VAL N   H    sing N N 330 
VAL N   H2   sing N N 331 
VAL CA  C    sing N N 332 
VAL CA  CB   sing N N 333 
VAL CA  HA   sing N N 334 
VAL C   O    doub N N 335 
VAL C   OXT  sing N N 336 
VAL CB  CG1  sing N N 337 
VAL CB  CG2  sing N N 338 
VAL CB  HB   sing N N 339 
VAL CG1 HG11 sing N N 340 
VAL CG1 HG12 sing N N 341 
VAL CG1 HG13 sing N N 342 
VAL CG2 HG21 sing N N 343 
VAL CG2 HG22 sing N N 344 
VAL CG2 HG23 sing N N 345 
VAL OXT HXT  sing N N 346 
# 
_pdbx_audit_support.funding_organization   
'National Institutes of Health/National Institute Of Allergy and Infectious Diseases (NIH/NIAID)' 
_pdbx_audit_support.country                'United States' 
_pdbx_audit_support.grant_number           AI2008031 
_pdbx_audit_support.ordinal                1 
# 
_atom_sites.entry_id                    5I72 
_atom_sites.fract_transf_matrix[1][1]   0.00039416 
_atom_sites.fract_transf_matrix[1][2]   -0.00979472 
_atom_sites.fract_transf_matrix[1][3]   -0.00117250 
_atom_sites.fract_transf_matrix[2][1]   0.00264587 
_atom_sites.fract_transf_matrix[2][2]   -0.00577384 
_atom_sites.fract_transf_matrix[2][3]   0.00755899 
_atom_sites.fract_transf_matrix[3][1]   -0.01159744 
_atom_sites.fract_transf_matrix[3][2]   -0.00087284 
_atom_sites.fract_transf_matrix[3][3]   0.00339274 
_atom_sites.fract_transf_vector[1]      0.538254 
_atom_sites.fract_transf_vector[2]      0.459439 
_atom_sites.fract_transf_vector[3]      0.338568 
# 
loop_
_atom_type.symbol 
C  
N  
O  
S  
ZN 
# 
loop_
_atom_site.group_PDB 
_atom_site.id 
_atom_site.type_symbol 
_atom_site.label_atom_id 
_atom_site.label_alt_id 
_atom_site.label_comp_id 
_atom_site.label_asym_id 
_atom_site.label_entity_id 
_atom_site.label_seq_id 
_atom_site.pdbx_PDB_ins_code 
_atom_site.Cartn_x 
_atom_site.Cartn_y 
_atom_site.Cartn_z 
_atom_site.occupancy 
_atom_site.B_iso_or_equiv 
_atom_site.pdbx_formal_charge 
_atom_site.auth_seq_id 
_atom_site.auth_comp_id 
_atom_site.auth_asym_id 
_atom_site.auth_atom_id 
_atom_site.pdbx_PDB_model_num 
ATOM   1   N  N   . HIS A 1 1  ? 15.736  -6.529  -15.003 1.00 143.23 ? 25  HIS A N   1 
ATOM   2   C  CA  . HIS A 1 1  ? 15.667  -6.472  -13.548 1.00 143.76 ? 25  HIS A CA  1 
ATOM   3   C  C   . HIS A 1 1  ? 14.422  -5.723  -13.068 1.00 150.34 ? 25  HIS A C   1 
ATOM   4   O  O   . HIS A 1 1  ? 13.374  -5.763  -13.717 1.00 148.80 ? 25  HIS A O   1 
ATOM   5   C  CB  . HIS A 1 1  ? 16.991  -5.867  -13.008 1.00 139.18 ? 25  HIS A CB  1 
ATOM   6   C  CG  . HIS A 1 1  ? 17.159  -4.383  -13.220 1.00 156.92 ? 25  HIS A CG  1 
ATOM   7   N  ND1 . HIS A 1 1  ? 16.463  -3.422  -12.520 1.00 160.62 ? 25  HIS A ND1 1 
ATOM   8   C  CD2 . HIS A 1 1  ? 17.968  -3.702  -14.069 1.00 153.61 ? 25  HIS A CD2 1 
ATOM   9   C  CE1 . HIS A 1 1  ? 16.826  -2.223  -12.920 1.00 149.93 ? 25  HIS A CE1 1 
ATOM   10  N  NE2 . HIS A 1 1  ? 17.747  -2.364  -13.872 1.00 155.78 ? 25  HIS A NE2 1 
ATOM   11  N  N   . LEU A 1 2  ? 14.531  -5.097  -11.906 1.00 148.79 ? 26  LEU A N   1 
ATOM   12  C  CA  . LEU A 1 2  ? 13.500  -4.234  -11.346 1.00 133.23 ? 26  LEU A CA  1 
ATOM   13  C  C   . LEU A 1 2  ? 13.178  -3.083  -12.297 1.00 137.01 ? 26  LEU A C   1 
ATOM   14  O  O   . LEU A 1 2  ? 14.031  -2.659  -13.073 1.00 150.83 ? 26  LEU A O   1 
ATOM   15  C  CB  . LEU A 1 2  ? 13.945  -3.690  -9.990  1.00 113.97 ? 26  LEU A CB  1 
ATOM   16  C  CG  . LEU A 1 2  ? 13.748  -4.570  -8.751  1.00 117.59 ? 26  LEU A CG  1 
ATOM   17  C  CD1 . LEU A 1 2  ? 14.292  -5.977  -8.928  1.00 111.93 ? 26  LEU A CD1 1 
ATOM   18  C  CD2 . LEU A 1 2  ? 14.442  -3.908  -7.595  1.00 118.27 ? 26  LEU A CD2 1 
ATOM   19  N  N   . GLY A 1 3  ? 11.935  -2.618  -12.277 1.00 130.57 ? 27  GLY A N   1 
ATOM   20  C  CA  . GLY A 1 3  ? 11.511  -1.568  -13.185 1.00 138.09 ? 27  GLY A CA  1 
ATOM   21  C  C   . GLY A 1 3  ? 11.983  -0.199  -12.725 1.00 134.63 ? 27  GLY A C   1 
ATOM   22  O  O   . GLY A 1 3  ? 13.038  -0.080  -12.094 1.00 130.92 ? 27  GLY A O   1 
ATOM   23  N  N   . PRO A 1 4  ? 11.213  0.848   -13.067 1.00 128.91 ? 28  PRO A N   1 
ATOM   24  C  CA  . PRO A 1 4  ? 11.517  2.235   -12.702 1.00 130.48 ? 28  PRO A CA  1 
ATOM   25  C  C   . PRO A 1 4  ? 11.648  2.400   -11.196 1.00 122.18 ? 28  PRO A C   1 
ATOM   26  O  O   . PRO A 1 4  ? 11.048  1.655   -10.417 1.00 117.91 ? 28  PRO A O   1 
ATOM   27  C  CB  . PRO A 1 4  ? 10.317  3.023   -13.248 1.00 116.84 ? 28  PRO A CB  1 
ATOM   28  C  CG  . PRO A 1 4  ? 9.245   2.008   -13.442 1.00 114.51 ? 28  PRO A CG  1 
ATOM   29  C  CD  . PRO A 1 4  ? 9.968   0.760   -13.845 1.00 118.44 ? 28  PRO A CD  1 
ATOM   30  N  N   . GLN A 1 5  ? 12.440  3.386   -10.801 1.00 105.77 ? 29  GLN A N   1 
ATOM   31  C  CA  . GLN A 1 5  ? 12.808  3.582   -9.414  1.00 96.51  ? 29  GLN A CA  1 
ATOM   32  C  C   . GLN A 1 5  ? 11.677  4.245   -8.619  1.00 95.55  ? 29  GLN A C   1 
ATOM   33  O  O   . GLN A 1 5  ? 11.703  5.439   -8.325  1.00 103.24 ? 29  GLN A O   1 
ATOM   34  C  CB  . GLN A 1 5  ? 14.101  4.418   -9.359  1.00 104.58 ? 29  GLN A CB  1 
ATOM   35  C  CG  . GLN A 1 5  ? 14.061  5.874   -9.940  1.00 134.49 ? 29  GLN A CG  1 
ATOM   36  C  CD  . GLN A 1 5  ? 13.533  6.033   -11.379 1.00 141.10 ? 29  GLN A CD  1 
ATOM   37  O  OE1 . GLN A 1 5  ? 12.989  5.108   -11.986 1.00 139.69 ? 29  GLN A OE1 1 
ATOM   38  N  NE2 . GLN A 1 5  ? 13.675  7.241   -11.912 1.00 128.70 ? 29  GLN A NE2 1 
ATOM   39  N  N   . PHE A 1 6  ? 10.697  3.440   -8.229  1.00 83.99  ? 30  PHE A N   1 
ATOM   40  C  CA  . PHE A 1 6  ? 9.614   3.931   -7.392  1.00 69.35  ? 30  PHE A CA  1 
ATOM   41  C  C   . PHE A 1 6  ? 9.070   2.811   -6.521  1.00 75.79  ? 30  PHE A C   1 
ATOM   42  O  O   . PHE A 1 6  ? 9.063   1.646   -6.924  1.00 93.27  ? 30  PHE A O   1 
ATOM   43  C  CB  . PHE A 1 6  ? 8.497   4.537   -8.247  1.00 76.98  ? 30  PHE A CB  1 
ATOM   44  C  CG  . PHE A 1 6  ? 8.749   5.967   -8.648  1.00 90.84  ? 30  PHE A CG  1 
ATOM   45  C  CD1 . PHE A 1 6  ? 8.525   7.001   -7.755  1.00 95.13  ? 30  PHE A CD1 1 
ATOM   46  C  CD2 . PHE A 1 6  ? 9.199   6.277   -9.923  1.00 97.58  ? 30  PHE A CD2 1 
ATOM   47  C  CE1 . PHE A 1 6  ? 8.758   8.315   -8.121  1.00 91.18  ? 30  PHE A CE1 1 
ATOM   48  C  CE2 . PHE A 1 6  ? 9.432   7.591   -10.295 1.00 87.93  ? 30  PHE A CE2 1 
ATOM   49  C  CZ  . PHE A 1 6  ? 9.210   8.610   -9.392  1.00 86.98  ? 30  PHE A CZ  1 
ATOM   50  N  N   . CYS A 1 7  ? 8.632   3.166   -5.318  1.00 75.06  ? 31  CYS A N   1 
ATOM   51  C  CA  . CYS A 1 7  ? 8.021   2.205   -4.412  1.00 78.05  ? 31  CYS A CA  1 
ATOM   52  C  C   . CYS A 1 7  ? 6.761   1.649   -5.059  1.00 74.30  ? 31  CYS A C   1 
ATOM   53  O  O   . CYS A 1 7  ? 5.822   2.391   -5.319  1.00 70.92  ? 31  CYS A O   1 
ATOM   54  C  CB  . CYS A 1 7  ? 7.699   2.871   -3.070  1.00 61.70  ? 31  CYS A CB  1 
ATOM   55  S  SG  . CYS A 1 7  ? 6.756   1.848   -1.914  1.00 79.59  ? 31  CYS A SG  1 
ATOM   56  N  N   . LYS A 1 8  ? 6.737   0.347   -5.324  1.00 75.70  ? 32  LYS A N   1 
ATOM   57  C  CA  . LYS A 1 8  ? 5.620   -0.241  -6.062  1.00 70.14  ? 32  LYS A CA  1 
ATOM   58  C  C   . LYS A 1 8  ? 4.346   -0.299  -5.213  1.00 72.41  ? 32  LYS A C   1 
ATOM   59  O  O   . LYS A 1 8  ? 3.274   -0.640  -5.713  1.00 74.66  ? 32  LYS A O   1 
ATOM   60  C  CB  . LYS A 1 8  ? 5.986   -1.640  -6.570  1.00 67.99  ? 32  LYS A CB  1 
ATOM   61  C  CG  . LYS A 1 8  ? 5.180   -2.095  -7.789  1.00 67.97  ? 32  LYS A CG  1 
ATOM   62  C  CD  . LYS A 1 8  ? 5.543   -3.518  -8.183  1.00 81.98  ? 32  LYS A CD  1 
ATOM   63  C  CE  . LYS A 1 8  ? 4.828   -3.974  -9.445  1.00 76.85  ? 32  LYS A CE  1 
ATOM   64  N  NZ  . LYS A 1 8  ? 5.167   -5.391  -9.777  1.00 83.04  ? 32  LYS A NZ  1 
ATOM   65  N  N   . SER A 1 9  ? 4.466   0.052   -3.935  1.00 74.26  ? 33  SER A N   1 
ATOM   66  C  CA  . SER A 1 9  ? 3.317   0.081   -3.034  1.00 72.33  ? 33  SER A CA  1 
ATOM   67  C  C   . SER A 1 9  ? 2.614   1.430   -3.025  1.00 75.10  ? 33  SER A C   1 
ATOM   68  O  O   . SER A 1 9  ? 1.385   1.495   -3.064  1.00 82.67  ? 33  SER A O   1 
ATOM   69  C  CB  . SER A 1 9  ? 3.742   -0.263  -1.608  1.00 69.54  ? 33  SER A CB  1 
ATOM   70  O  OG  . SER A 1 9  ? 2.714   0.071   -0.689  1.00 69.95  ? 33  SER A OG  1 
ATOM   71  N  N   . CYS A 1 10 ? 3.392   2.506   -2.969  1.00 66.28  ? 34  CYS A N   1 
ATOM   72  C  CA  . CYS A 1 10 ? 2.818   3.843   -2.885  1.00 69.88  ? 34  CYS A CA  1 
ATOM   73  C  C   . CYS A 1 10 ? 3.037   4.631   -4.171  1.00 65.66  ? 34  CYS A C   1 
ATOM   74  O  O   . CYS A 1 10 ? 2.519   5.733   -4.312  1.00 82.32  ? 34  CYS A O   1 
ATOM   75  C  CB  . CYS A 1 10 ? 3.406   4.617   -1.702  1.00 77.38  ? 34  CYS A CB  1 
ATOM   76  S  SG  . CYS A 1 10 ? 5.096   5.211   -1.961  1.00 87.39  ? 34  CYS A SG  1 
ATOM   77  N  N   . TRP A 1 11 ? 3.808   4.059   -5.096  1.00 63.45  ? 35  TRP A N   1 
ATOM   78  C  CA  . TRP A 1 11 ? 4.078   4.671   -6.402  1.00 70.15  ? 35  TRP A CA  1 
ATOM   79  C  C   . TRP A 1 11 ? 4.475   6.141   -6.325  1.00 72.08  ? 35  TRP A C   1 
ATOM   80  O  O   . TRP A 1 11 ? 4.068   6.934   -7.173  1.00 80.46  ? 35  TRP A O   1 
ATOM   81  C  CB  . TRP A 1 11 ? 2.852   4.531   -7.308  1.00 71.97  ? 35  TRP A CB  1 
ATOM   82  C  CG  . TRP A 1 11 ? 2.537   3.120   -7.730  1.00 67.93  ? 35  TRP A CG  1 
ATOM   83  C  CD1 . TRP A 1 11 ? 1.920   2.159   -6.983  1.00 77.51  ? 35  TRP A CD1 1 
ATOM   84  C  CD2 . TRP A 1 11 ? 2.768   2.537   -9.019  1.00 76.78  ? 35  TRP A CD2 1 
ATOM   85  N  NE1 . TRP A 1 11 ? 1.783   1.004   -7.714  1.00 79.53  ? 35  TRP A NE1 1 
ATOM   86  C  CE2 . TRP A 1 11 ? 2.290   1.212   -8.970  1.00 76.33  ? 35  TRP A CE2 1 
ATOM   87  C  CE3 . TRP A 1 11 ? 3.339   3.003   -10.206 1.00 99.02  ? 35  TRP A CE3 1 
ATOM   88  C  CZ2 . TRP A 1 11 ? 2.369   0.350   -10.060 1.00 74.83  ? 35  TRP A CZ2 1 
ATOM   89  C  CZ3 . TRP A 1 11 ? 3.418   2.143   -11.287 1.00 94.99  ? 35  TRP A CZ3 1 
ATOM   90  C  CH2 . TRP A 1 11 ? 2.936   0.832   -11.205 1.00 81.57  ? 35  TRP A CH2 1 
ATOM   91  N  N   . PHE A 1 12 ? 5.260   6.514   -5.319  1.00 73.01  ? 36  PHE A N   1 
ATOM   92  C  CA  . PHE A 1 12 ? 5.615   7.920   -5.157  1.00 81.06  ? 36  PHE A CA  1 
ATOM   93  C  C   . PHE A 1 12 ? 7.045   8.164   -4.683  1.00 83.01  ? 36  PHE A C   1 
ATOM   94  O  O   . PHE A 1 12 ? 7.757   8.996   -5.249  1.00 82.40  ? 36  PHE A O   1 
ATOM   95  C  CB  . PHE A 1 12 ? 4.651   8.587   -4.182  1.00 67.13  ? 36  PHE A CB  1 
ATOM   96  C  CG  . PHE A 1 12 ? 4.317   10.001  -4.542  1.00 84.72  ? 36  PHE A CG  1 
ATOM   97  C  CD1 . PHE A 1 12 ? 3.322   10.276  -5.465  1.00 84.02  ? 36  PHE A CD1 1 
ATOM   98  C  CD2 . PHE A 1 12 ? 5.008   11.056  -3.971  1.00 89.33  ? 36  PHE A CD2 1 
ATOM   99  C  CE1 . PHE A 1 12 ? 3.013   11.580  -5.802  1.00 79.47  ? 36  PHE A CE1 1 
ATOM   100 C  CE2 . PHE A 1 12 ? 4.704   12.362  -4.308  1.00 83.77  ? 36  PHE A CE2 1 
ATOM   101 C  CZ  . PHE A 1 12 ? 3.709   12.622  -5.226  1.00 76.81  ? 36  PHE A CZ  1 
ATOM   102 N  N   . GLU A 1 13 ? 7.463   7.452   -3.642  1.00 76.47  ? 37  GLU A N   1 
ATOM   103 C  CA  . GLU A 1 13 ? 8.801   7.646   -3.091  1.00 78.22  ? 37  GLU A CA  1 
ATOM   104 C  C   . GLU A 1 13 ? 9.885   7.060   -3.987  1.00 82.29  ? 37  GLU A C   1 
ATOM   105 O  O   . GLU A 1 13 ? 9.779   5.921   -4.442  1.00 85.52  ? 37  GLU A O   1 
ATOM   106 C  CB  . GLU A 1 13 ? 8.905   7.041   -1.691  1.00 89.98  ? 37  GLU A CB  1 
ATOM   107 C  CG  . GLU A 1 13 ? 10.163  7.475   -0.963  1.00 100.95 ? 37  GLU A CG  1 
ATOM   108 C  CD  . GLU A 1 13 ? 10.204  8.972   -0.732  1.00 99.96  ? 37  GLU A CD  1 
ATOM   109 O  OE1 . GLU A 1 13 ? 10.834  9.677   -1.544  1.00 93.51  ? 37  GLU A OE1 1 
ATOM   110 O  OE2 . GLU A 1 13 ? 9.592   9.447   0.247   1.00 90.20  ? 37  GLU A OE2 1 
ATOM   111 N  N   . ASN A 1 14 ? 10.933  7.842   -4.233  1.00 89.06  ? 38  ASN A N   1 
ATOM   112 C  CA  . ASN A 1 14 ? 12.047  7.380   -5.052  1.00 94.57  ? 38  ASN A CA  1 
ATOM   113 C  C   . ASN A 1 14 ? 13.385  7.391   -4.315  1.00 94.72  ? 38  ASN A C   1 
ATOM   114 O  O   . ASN A 1 14 ? 14.417  7.044   -4.890  1.00 96.35  ? 38  ASN A O   1 
ATOM   115 C  CB  . ASN A 1 14 ? 12.149  8.224   -6.326  1.00 82.96  ? 38  ASN A CB  1 
ATOM   116 C  CG  . ASN A 1 14 ? 12.250  9.705   -6.036  1.00 97.56  ? 38  ASN A CG  1 
ATOM   117 O  OD1 . ASN A 1 14 ? 11.934  10.156  -4.934  1.00 105.28 ? 38  ASN A OD1 1 
ATOM   118 N  ND2 . ASN A 1 14 ? 12.686  10.475  -7.028  1.00 107.44 ? 38  ASN A ND2 1 
ATOM   119 N  N   . LYS A 1 15 ? 13.371  7.795   -3.048  1.00 94.26  ? 39  LYS A N   1 
ATOM   120 C  CA  . LYS A 1 15 ? 14.597  7.844   -2.255  1.00 101.59 ? 39  LYS A CA  1 
ATOM   121 C  C   . LYS A 1 15 ? 14.451  6.990   -1.000  1.00 102.82 ? 39  LYS A C   1 
ATOM   122 O  O   . LYS A 1 15 ? 13.370  6.906   -0.413  1.00 101.55 ? 39  LYS A O   1 
ATOM   123 C  CB  . LYS A 1 15 ? 14.982  9.284   -1.900  1.00 110.44 ? 39  LYS A CB  1 
ATOM   124 C  CG  . LYS A 1 15 ? 13.840  10.177  -1.473  1.00 116.93 ? 39  LYS A CG  1 
ATOM   125 C  CD  . LYS A 1 15 ? 14.296  11.626  -1.386  1.00 118.98 ? 39  LYS A CD  1 
ATOM   126 C  CE  . LYS A 1 15 ? 13.131  12.557  -1.105  1.00 123.77 ? 39  LYS A CE  1 
ATOM   127 N  NZ  . LYS A 1 15 ? 12.381  12.882  -2.351  1.00 124.80 ? 39  LYS A NZ  1 
ATOM   128 N  N   . GLY A 1 16 ? 15.549  6.369   -0.587  1.00 95.80  ? 40  GLY A N   1 
ATOM   129 C  CA  . GLY A 1 16 ? 15.528  5.486   0.560   1.00 100.85 ? 40  GLY A CA  1 
ATOM   130 C  C   . GLY A 1 16 ? 14.759  4.233   0.203   1.00 90.81  ? 40  GLY A C   1 
ATOM   131 O  O   . GLY A 1 16 ? 13.938  3.743   0.979   1.00 94.44  ? 40  GLY A O   1 
ATOM   132 N  N   . LEU A 1 17 ? 15.038  3.715   -0.989  1.00 89.43  ? 41  LEU A N   1 
ATOM   133 C  CA  . LEU A 1 17 ? 14.341  2.543   -1.500  1.00 86.90  ? 41  LEU A CA  1 
ATOM   134 C  C   . LEU A 1 17 ? 15.081  1.261   -1.171  1.00 89.57  ? 41  LEU A C   1 
ATOM   135 O  O   . LEU A 1 17 ? 16.287  1.147   -1.387  1.00 90.94  ? 41  LEU A O   1 
ATOM   136 C  CB  . LEU A 1 17 ? 14.151  2.635   -3.015  1.00 78.46  ? 41  LEU A CB  1 
ATOM   137 C  CG  . LEU A 1 17 ? 13.202  3.701   -3.555  1.00 86.94  ? 41  LEU A CG  1 
ATOM   138 C  CD1 . LEU A 1 17 ? 13.167  3.653   -5.075  1.00 75.98  ? 41  LEU A CD1 1 
ATOM   139 C  CD2 . LEU A 1 17 ? 11.813  3.496   -2.977  1.00 79.12  ? 41  LEU A CD2 1 
ATOM   140 N  N   . VAL A 1 18 ? 14.334  0.288   -0.662  1.00 87.51  ? 42  VAL A N   1 
ATOM   141 C  CA  . VAL A 1 18 ? 14.874  -1.030  -0.396  1.00 83.83  ? 42  VAL A CA  1 
ATOM   142 C  C   . VAL A 1 18 ? 14.477  -1.940  -1.549  1.00 87.08  ? 42  VAL A C   1 
ATOM   143 O  O   . VAL A 1 18 ? 13.383  -1.819  -2.102  1.00 89.73  ? 42  VAL A O   1 
ATOM   144 C  CB  . VAL A 1 18 ? 14.360  -1.598  0.942   1.00 85.57  ? 42  VAL A CB  1 
ATOM   145 C  CG1 . VAL A 1 18 ? 15.024  -2.935  1.256   1.00 86.81  ? 42  VAL A CG1 1 
ATOM   146 C  CG2 . VAL A 1 18 ? 14.603  -0.602  2.066   1.00 104.13 ? 42  VAL A CG2 1 
ATOM   147 N  N   . GLU A 1 19 ? 15.368  -2.858  -1.902  1.00 94.93  ? 43  GLU A N   1 
ATOM   148 C  CA  . GLU A 1 19 ? 15.133  -3.752  -3.021  1.00 89.01  ? 43  GLU A CA  1 
ATOM   149 C  C   . GLU A 1 19 ? 14.288  -4.926  -2.558  1.00 86.40  ? 43  GLU A C   1 
ATOM   150 O  O   . GLU A 1 19 ? 14.769  -5.791  -1.826  1.00 105.23 ? 43  GLU A O   1 
ATOM   151 C  CB  . GLU A 1 19 ? 16.464  -4.252  -3.590  1.00 93.44  ? 43  GLU A CB  1 
ATOM   152 C  CG  . GLU A 1 19 ? 16.781  -3.765  -4.992  1.00 118.26 ? 43  GLU A CG  1 
ATOM   153 C  CD  . GLU A 1 19 ? 17.852  -4.599  -5.671  1.00 132.89 ? 43  GLU A CD  1 
ATOM   154 O  OE1 . GLU A 1 19 ? 17.612  -5.803  -5.903  1.00 124.59 ? 43  GLU A OE1 1 
ATOM   155 O  OE2 . GLU A 1 19 ? 18.932  -4.049  -5.977  1.00 139.61 ? 43  GLU A OE2 1 
ATOM   156 N  N   . CYS A 1 20 ? 13.026  -4.960  -2.973  1.00 87.02  ? 44  CYS A N   1 
ATOM   157 C  CA  . CYS A 1 20 ? 12.218  -6.151  -2.752  1.00 79.28  ? 44  CYS A CA  1 
ATOM   158 C  C   . CYS A 1 20 ? 12.541  -7.084  -3.912  1.00 98.07  ? 44  CYS A C   1 
ATOM   159 O  O   . CYS A 1 20 ? 13.426  -6.780  -4.712  1.00 127.94 ? 44  CYS A O   1 
ATOM   160 C  CB  . CYS A 1 20 ? 10.727  -5.820  -2.670  1.00 83.67  ? 44  CYS A CB  1 
ATOM   161 S  SG  . CYS A 1 20 ? 9.717   -7.060  -1.805  1.00 83.07  ? 44  CYS A SG  1 
ATOM   162 N  N   . ASN A 1 21 ? 11.839  -8.202  -4.029  1.00 75.39  ? 45  ASN A N   1 
ATOM   163 C  CA  . ASN A 1 21 ? 12.322  -9.264  -4.907  1.00 76.98  ? 45  ASN A CA  1 
ATOM   164 C  C   . ASN A 1 21 ? 12.316  -8.912  -6.400  1.00 81.24  ? 45  ASN A C   1 
ATOM   165 O  O   . ASN A 1 21 ? 13.299  -9.174  -7.093  1.00 91.72  ? 45  ASN A O   1 
ATOM   166 C  CB  . ASN A 1 21 ? 11.521  -10.537 -4.649  1.00 73.90  ? 45  ASN A CB  1 
ATOM   167 C  CG  . ASN A 1 21 ? 11.652  -11.014 -3.217  1.00 81.80  ? 45  ASN A CG  1 
ATOM   168 O  OD1 . ASN A 1 21 ? 12.579  -11.753 -2.880  1.00 91.07  ? 45  ASN A OD1 1 
ATOM   169 N  ND2 . ASN A 1 21 ? 10.739  -10.573 -2.357  1.00 86.64  ? 45  ASN A ND2 1 
ATOM   170 N  N   . ASN A 1 22 ? 11.247  -8.298  -6.894  1.00 84.31  ? 46  ASN A N   1 
ATOM   171 C  CA  . ASN A 1 22 ? 11.222  -7.871  -8.295  1.00 78.90  ? 46  ASN A CA  1 
ATOM   172 C  C   . ASN A 1 22 ? 10.684  -6.453  -8.456  1.00 78.82  ? 46  ASN A C   1 
ATOM   173 O  O   . ASN A 1 22 ? 10.182  -6.081  -9.516  1.00 85.95  ? 46  ASN A O   1 
ATOM   174 C  CB  . ASN A 1 22 ? 10.415  -8.851  -9.160  1.00 62.53  ? 46  ASN A CB  1 
ATOM   175 C  CG  . ASN A 1 22 ? 8.959   -8.975  -8.731  1.00 74.15  ? 46  ASN A CG  1 
ATOM   176 O  OD1 . ASN A 1 22 ? 8.386   -8.068  -8.126  1.00 83.23  ? 46  ASN A OD1 1 
ATOM   177 N  ND2 . ASN A 1 22 ? 8.351   -10.110 -9.060  1.00 74.98  ? 46  ASN A ND2 1 
ATOM   178 N  N   . HIS A 1 23 ? 10.793  -5.673  -7.387  1.00 80.53  ? 47  HIS A N   1 
ATOM   179 C  CA  . HIS A 1 23 ? 10.303  -4.305  -7.365  1.00 64.96  ? 47  HIS A CA  1 
ATOM   180 C  C   . HIS A 1 23 ? 10.957  -3.562  -6.209  1.00 84.42  ? 47  HIS A C   1 
ATOM   181 O  O   . HIS A 1 23 ? 11.807  -4.115  -5.508  1.00 78.90  ? 47  HIS A O   1 
ATOM   182 C  CB  . HIS A 1 23 ? 8.784   -4.273  -7.221  1.00 65.91  ? 47  HIS A CB  1 
ATOM   183 C  CG  . HIS A 1 23 ? 8.290   -4.809  -5.914  1.00 63.16  ? 47  HIS A CG  1 
ATOM   184 N  ND1 . HIS A 1 23 ? 7.906   -3.993  -4.873  1.00 70.46  ? 47  HIS A ND1 1 
ATOM   185 C  CD2 . HIS A 1 23 ? 8.120   -6.081  -5.477  1.00 72.66  ? 47  HIS A CD2 1 
ATOM   186 C  CE1 . HIS A 1 23 ? 7.521   -4.736  -3.850  1.00 68.08  ? 47  HIS A CE1 1 
ATOM   187 N  NE2 . HIS A 1 23 ? 7.642   -6.007  -4.191  1.00 72.48  ? 47  HIS A NE2 1 
ATOM   188 N  N   . TYR A 1 24 ? 10.558  -2.312  -6.005  1.00 82.44  ? 48  TYR A N   1 
ATOM   189 C  CA  . TYR A 1 24 ? 11.105  -1.516  -4.912  1.00 76.84  ? 48  TYR A CA  1 
ATOM   190 C  C   . TYR A 1 24 ? 10.080  -1.251  -3.819  1.00 78.40  ? 48  TYR A C   1 
ATOM   191 O  O   . TYR A 1 24 ? 8.878   -1.422  -4.021  1.00 79.97  ? 48  TYR A O   1 
ATOM   192 C  CB  . TYR A 1 24 ? 11.649  -0.186  -5.439  1.00 82.47  ? 48  TYR A CB  1 
ATOM   193 C  CG  . TYR A 1 24 ? 12.859  -0.324  -6.333  1.00 89.29  ? 48  TYR A CG  1 
ATOM   194 C  CD1 . TYR A 1 24 ? 14.111  -0.609  -5.796  1.00 89.43  ? 48  TYR A CD1 1 
ATOM   195 C  CD2 . TYR A 1 24 ? 12.755  -0.171  -7.709  1.00 94.84  ? 48  TYR A CD2 1 
ATOM   196 C  CE1 . TYR A 1 24 ? 15.226  -0.731  -6.605  1.00 82.51  ? 48  TYR A CE1 1 
ATOM   197 C  CE2 . TYR A 1 24 ? 13.863  -0.295  -8.529  1.00 111.73 ? 48  TYR A CE2 1 
ATOM   198 C  CZ  . TYR A 1 24 ? 15.096  -0.575  -7.971  1.00 105.79 ? 48  TYR A CZ  1 
ATOM   199 O  OH  . TYR A 1 24 ? 16.200  -0.701  -8.783  1.00 108.87 ? 48  TYR A OH  1 
ATOM   200 N  N   . LEU A 1 25 ? 10.575  -0.835  -2.658  1.00 77.61  ? 49  LEU A N   1 
ATOM   201 C  CA  . LEU A 1 25 ? 9.726   -0.406  -1.554  1.00 74.21  ? 49  LEU A CA  1 
ATOM   202 C  C   . LEU A 1 25 ? 10.409  0.702   -0.762  1.00 80.95  ? 49  LEU A C   1 
ATOM   203 O  O   . LEU A 1 25 ? 11.584  0.591   -0.414  1.00 90.93  ? 49  LEU A O   1 
ATOM   204 C  CB  . LEU A 1 25 ? 9.395   -1.578  -0.627  1.00 67.76  ? 49  LEU A CB  1 
ATOM   205 C  CG  . LEU A 1 25 ? 8.306   -2.561  -1.055  1.00 74.76  ? 49  LEU A CG  1 
ATOM   206 C  CD1 . LEU A 1 25 ? 8.179   -3.689  -0.040  1.00 63.52  ? 49  LEU A CD1 1 
ATOM   207 C  CD2 . LEU A 1 25 ? 6.983   -1.838  -1.219  1.00 64.61  ? 49  LEU A CD2 1 
ATOM   208 N  N   . CYS A 1 26 ? 9.672   1.771   -0.476  1.00 84.29  ? 50  CYS A N   1 
ATOM   209 C  CA  . CYS A 1 26 ? 10.186  2.831   0.380   1.00 78.40  ? 50  CYS A CA  1 
ATOM   210 C  C   . CYS A 1 26 ? 10.173  2.337   1.820   1.00 82.55  ? 50  CYS A C   1 
ATOM   211 O  O   . CYS A 1 26 ? 9.516   1.345   2.132   1.00 82.25  ? 50  CYS A O   1 
ATOM   212 C  CB  . CYS A 1 26 ? 9.361   4.109   0.235   1.00 64.89  ? 50  CYS A CB  1 
ATOM   213 S  SG  . CYS A 1 26 ? 7.699   3.994   0.926   1.00 87.00  ? 50  CYS A SG  1 
ATOM   214 N  N   . LEU A 1 27 ? 10.901  3.024   2.693   1.00 83.44  ? 51  LEU A N   1 
ATOM   215 C  CA  . LEU A 1 27 ? 11.060  2.565   4.068   1.00 80.67  ? 51  LEU A CA  1 
ATOM   216 C  C   . LEU A 1 27 ? 9.735   2.513   4.827   1.00 81.25  ? 51  LEU A C   1 
ATOM   217 O  O   . LEU A 1 27 ? 9.478   1.567   5.571   1.00 76.68  ? 51  LEU A O   1 
ATOM   218 C  CB  . LEU A 1 27 ? 12.047  3.459   4.814   1.00 90.67  ? 51  LEU A CB  1 
ATOM   219 C  CG  . LEU A 1 27 ? 12.906  2.728   5.843   1.00 90.40  ? 51  LEU A CG  1 
ATOM   220 C  CD1 . LEU A 1 27 ? 13.989  1.913   5.143   1.00 95.91  ? 51  LEU A CD1 1 
ATOM   221 C  CD2 . LEU A 1 27 ? 13.512  3.709   6.833   1.00 88.16  ? 51  LEU A CD2 1 
ATOM   222 N  N   . ASN A 1 28 ? 8.901   3.533   4.639   1.00 83.48  ? 52  ASN A N   1 
ATOM   223 C  CA  . ASN A 1 28 ? 7.614   3.610   5.327   1.00 80.28  ? 52  ASN A CA  1 
ATOM   224 C  C   . ASN A 1 28 ? 6.685   2.461   4.947   1.00 83.89  ? 52  ASN A C   1 
ATOM   225 O  O   . ASN A 1 28 ? 6.058   1.844   5.808   1.00 77.85  ? 52  ASN A O   1 
ATOM   226 C  CB  . ASN A 1 28 ? 6.934   4.946   5.035   1.00 88.95  ? 52  ASN A CB  1 
ATOM   227 C  CG  . ASN A 1 28 ? 7.760   6.131   5.493   1.00 92.02  ? 52  ASN A CG  1 
ATOM   228 O  OD1 . ASN A 1 28 ? 7.668   6.559   6.644   1.00 90.14  ? 52  ASN A OD1 1 
ATOM   229 N  ND2 . ASN A 1 28 ? 8.584   6.661   4.594   1.00 89.10  ? 52  ASN A ND2 1 
ATOM   230 N  N   . CYS A 1 29 ? 6.597   2.187   3.650   1.00 90.74  ? 53  CYS A N   1 
ATOM   231 C  CA  . CYS A 1 29 ? 5.762   1.105   3.146   1.00 75.89  ? 53  CYS A CA  1 
ATOM   232 C  C   . CYS A 1 29 ? 6.267   -0.255  3.615   1.00 69.36  ? 53  CYS A C   1 
ATOM   233 O  O   . CYS A 1 29 ? 5.481   -1.106  4.031   1.00 76.91  ? 53  CYS A O   1 
ATOM   234 C  CB  . CYS A 1 29 ? 5.694   1.149   1.620   1.00 75.85  ? 53  CYS A CB  1 
ATOM   235 S  SG  . CYS A 1 29 ? 4.670   2.494   0.984   1.00 76.51  ? 53  CYS A SG  1 
ATOM   236 N  N   . LEU A 1 30 ? 7.578   -0.454  3.540   1.00 72.65  ? 54  LEU A N   1 
ATOM   237 C  CA  . LEU A 1 30 ? 8.192   -1.708  3.973   1.00 74.25  ? 54  LEU A CA  1 
ATOM   238 C  C   . LEU A 1 30 ? 7.879   -2.000  5.437   1.00 77.30  ? 54  LEU A C   1 
ATOM   239 O  O   . LEU A 1 30 ? 7.598   -3.142  5.806   1.00 79.41  ? 54  LEU A O   1 
ATOM   240 C  CB  . LEU A 1 30 ? 9.706   -1.662  3.761   1.00 68.76  ? 54  LEU A CB  1 
ATOM   241 C  CG  . LEU A 1 30 ? 10.516  -2.852  4.280   1.00 74.19  ? 54  LEU A CG  1 
ATOM   242 C  CD1 . LEU A 1 30 ? 9.929   -4.172  3.796   1.00 78.80  ? 54  LEU A CD1 1 
ATOM   243 C  CD2 . LEU A 1 30 ? 11.970  -2.720  3.855   1.00 74.09  ? 54  LEU A CD2 1 
ATOM   244 N  N   . THR A 1 31 ? 7.936   -0.959  6.262   1.00 76.81  ? 55  THR A N   1 
ATOM   245 C  CA  . THR A 1 31 ? 7.655   -1.080  7.687   1.00 80.88  ? 55  THR A CA  1 
ATOM   246 C  C   . THR A 1 31 ? 6.220   -1.532  7.939   1.00 79.00  ? 55  THR A C   1 
ATOM   247 O  O   . THR A 1 31 ? 5.975   -2.473  8.698   1.00 88.82  ? 55  THR A O   1 
ATOM   248 C  CB  . THR A 1 31 ? 7.890   0.257   8.417   1.00 90.11  ? 55  THR A CB  1 
ATOM   249 O  OG1 . THR A 1 31 ? 9.296   0.536   8.476   1.00 89.25  ? 55  THR A OG1 1 
ATOM   250 C  CG2 . THR A 1 31 ? 7.325   0.204   9.830   1.00 88.92  ? 55  THR A CG2 1 
ATOM   251 N  N   . LEU A 1 32 ? 5.278   -0.861  7.283   1.00 78.45  ? 56  LEU A N   1 
ATOM   252 C  CA  . LEU A 1 32 ? 3.862   -1.162  7.447   1.00 81.74  ? 56  LEU A CA  1 
ATOM   253 C  C   . LEU A 1 32 ? 3.545   -2.572  6.953   1.00 89.15  ? 56  LEU A C   1 
ATOM   254 O  O   . LEU A 1 32 ? 2.714   -3.270  7.535   1.00 95.20  ? 56  LEU A O   1 
ATOM   255 C  CB  . LEU A 1 32 ? 3.012   -0.124  6.710   1.00 74.40  ? 56  LEU A CB  1 
ATOM   256 C  CG  . LEU A 1 32 ? 1.492   -0.247  6.815   1.00 79.75  ? 56  LEU A CG  1 
ATOM   257 C  CD1 . LEU A 1 32 ? 1.065   -0.365  8.269   1.00 84.10  ? 56  LEU A CD1 1 
ATOM   258 C  CD2 . LEU A 1 32 ? 0.829   0.955   6.160   1.00 81.89  ? 56  LEU A CD2 1 
ATOM   259 N  N   . LEU A 1 33 ? 4.213   -2.991  5.881   1.00 81.60  ? 57  LEU A N   1 
ATOM   260 C  CA  . LEU A 1 33 ? 4.021   -4.334  5.346   1.00 81.52  ? 57  LEU A CA  1 
ATOM   261 C  C   . LEU A 1 33 ? 4.615   -5.393  6.275   1.00 81.44  ? 57  LEU A C   1 
ATOM   262 O  O   . LEU A 1 33 ? 4.057   -6.476  6.423   1.00 94.60  ? 57  LEU A O   1 
ATOM   263 C  CB  . LEU A 1 33 ? 4.637   -4.459  3.951   1.00 83.44  ? 57  LEU A CB  1 
ATOM   264 C  CG  . LEU A 1 33 ? 4.029   -3.624  2.820   1.00 74.30  ? 57  LEU A CG  1 
ATOM   265 C  CD1 . LEU A 1 33 ? 4.829   -3.817  1.542   1.00 76.21  ? 57  LEU A CD1 1 
ATOM   266 C  CD2 . LEU A 1 33 ? 2.560   -3.963  2.592   1.00 58.72  ? 57  LEU A CD2 1 
ATOM   267 N  N   . LEU A 1 34 ? 5.766   -5.096  6.871   1.00 77.63  ? 58  LEU A N   1 
ATOM   268 C  CA  . LEU A 1 34 ? 6.378   -6.021  7.820   1.00 82.24  ? 58  LEU A CA  1 
ATOM   269 C  C   . LEU A 1 34 ? 5.550   -6.106  9.095   1.00 92.55  ? 58  LEU A C   1 
ATOM   270 O  O   . LEU A 1 34 ? 5.452   -7.163  9.721   1.00 83.93  ? 58  LEU A O   1 
ATOM   271 C  CB  . LEU A 1 34 ? 7.811   -5.597  8.147   1.00 75.87  ? 58  LEU A CB  1 
ATOM   272 C  CG  . LEU A 1 34 ? 8.865   -6.033  7.132   1.00 75.73  ? 58  LEU A CG  1 
ATOM   273 C  CD1 . LEU A 1 34 ? 10.185  -5.326  7.382   1.00 66.87  ? 58  LEU A CD1 1 
ATOM   274 C  CD2 . LEU A 1 34 ? 9.039   -7.544  7.188   1.00 77.97  ? 58  LEU A CD2 1 
ATOM   275 N  N   . SER A 1 35 ? 4.957   -4.974  9.461   1.00 90.03  ? 59  SER A N   1 
ATOM   276 C  CA  . SER A 1 35 ? 4.014   -4.897  10.568  1.00 87.51  ? 59  SER A CA  1 
ATOM   277 C  C   . SER A 1 35 ? 2.897   -5.932  10.469  1.00 86.96  ? 59  SER A C   1 
ATOM   278 O  O   . SER A 1 35 ? 2.395   -6.416  11.484  1.00 97.16  ? 59  SER A O   1 
ATOM   279 C  CB  . SER A 1 35 ? 3.411   -3.488  10.633  1.00 80.31  ? 59  SER A CB  1 
ATOM   280 O  OG  . SER A 1 35 ? 2.074   -3.512  11.103  1.00 93.72  ? 59  SER A OG  1 
ATOM   281 N  N   . VAL A 1 36 ? 2.522   -6.281  9.244   1.00 93.37  ? 60  VAL A N   1 
ATOM   282 C  CA  . VAL A 1 36 ? 1.337   -7.095  9.029   1.00 87.30  ? 60  VAL A CA  1 
ATOM   283 C  C   . VAL A 1 36 ? 1.643   -8.559  8.668   1.00 77.35  ? 60  VAL A C   1 
ATOM   284 O  O   . VAL A 1 36 ? 0.863   -9.454  9.007   1.00 77.34  ? 60  VAL A O   1 
ATOM   285 C  CB  . VAL A 1 36 ? 0.436   -6.447  7.952   1.00 82.68  ? 60  VAL A CB  1 
ATOM   286 C  CG1 . VAL A 1 36 ? 1.025   -6.588  6.555   1.00 86.08  ? 60  VAL A CG1 1 
ATOM   287 C  CG2 . VAL A 1 36 ? -0.943  -7.015  8.024   1.00 88.23  ? 60  VAL A CG2 1 
ATOM   288 N  N   . SER A 1 37 ? 2.765   -8.808  7.991   1.00 78.75  ? 61  SER A N   1 
ATOM   289 C  CA  . SER A 1 37 ? 3.156   -10.172 7.612   1.00 71.29  ? 61  SER A CA  1 
ATOM   290 C  C   . SER A 1 37 ? 4.580   -10.216 7.057   1.00 75.48  ? 61  SER A C   1 
ATOM   291 O  O   . SER A 1 37 ? 5.144   -9.185  6.696   1.00 85.70  ? 61  SER A O   1 
ATOM   292 C  CB  . SER A 1 37 ? 2.185   -10.749 6.578   1.00 80.00  ? 61  SER A CB  1 
ATOM   293 O  OG  . SER A 1 37 ? 2.636   -12.004 6.097   1.00 81.83  ? 61  SER A OG  1 
ATOM   294 N  N   . ASN A 1 38 ? 5.157   -11.413 6.989   1.00 68.69  ? 62  ASN A N   1 
ATOM   295 C  CA  . ASN A 1 38 ? 6.490   -11.578 6.414   1.00 71.88  ? 62  ASN A CA  1 
ATOM   296 C  C   . ASN A 1 38 ? 6.454   -11.710 4.897   1.00 83.07  ? 62  ASN A C   1 
ATOM   297 O  O   . ASN A 1 38 ? 7.498   -11.693 4.243   1.00 85.95  ? 62  ASN A O   1 
ATOM   298 C  CB  . ASN A 1 38 ? 7.188   -12.802 7.011   1.00 67.62  ? 62  ASN A CB  1 
ATOM   299 C  CG  . ASN A 1 38 ? 6.295   -14.024 7.043   1.00 82.04  ? 62  ASN A CG  1 
ATOM   300 O  OD1 . ASN A 1 38 ? 5.074   -13.908 7.161   1.00 93.83  ? 62  ASN A OD1 1 
ATOM   301 N  ND2 . ASN A 1 38 ? 6.896   -15.205 6.931   1.00 72.19  ? 62  ASN A ND2 1 
ATOM   302 N  N   . ARG A 1 39 ? 5.253   -11.842 4.341   1.00 84.94  ? 63  ARG A N   1 
ATOM   303 C  CA  . ARG A 1 39 ? 5.094   -12.047 2.903   1.00 75.97  ? 63  ARG A CA  1 
ATOM   304 C  C   . ARG A 1 39 ? 4.540   -10.804 2.209   1.00 77.90  ? 63  ARG A C   1 
ATOM   305 O  O   . ARG A 1 39 ? 3.556   -10.213 2.652   1.00 83.86  ? 63  ARG A O   1 
ATOM   306 C  CB  . ARG A 1 39 ? 4.185   -13.248 2.642   1.00 82.88  ? 63  ARG A CB  1 
ATOM   307 C  CG  . ARG A 1 39 ? 3.763   -13.421 1.196   1.00 72.13  ? 63  ARG A CG  1 
ATOM   308 C  CD  . ARG A 1 39 ? 3.079   -14.763 1.011   1.00 52.25  ? 63  ARG A CD  1 
ATOM   309 N  NE  . ARG A 1 39 ? 4.043   -15.784 0.618   1.00 65.19  ? 63  ARG A NE  1 
ATOM   310 C  CZ  . ARG A 1 39 ? 3.973   -17.059 0.977   1.00 72.67  ? 63  ARG A CZ  1 
ATOM   311 N  NH1 . ARG A 1 39 ? 2.977   -17.487 1.742   1.00 81.80  ? 63  ARG A NH1 1 
ATOM   312 N  NH2 . ARG A 1 39 ? 4.903   -17.908 0.572   1.00 75.96  ? 63  ARG A NH2 1 
ATOM   313 N  N   . CYS A 1 40 ? 5.180   -10.420 1.112   1.00 70.92  ? 64  CYS A N   1 
ATOM   314 C  CA  . CYS A 1 40 ? 4.818   -9.211  0.381   1.00 61.90  ? 64  CYS A CA  1 
ATOM   315 C  C   . CYS A 1 40 ? 3.541   -9.420  -0.430  1.00 64.81  ? 64  CYS A C   1 
ATOM   316 O  O   . CYS A 1 40 ? 3.413   -10.409 -1.148  1.00 67.47  ? 64  CYS A O   1 
ATOM   317 C  CB  . CYS A 1 40 ? 5.979   -8.795  -0.530  1.00 67.75  ? 64  CYS A CB  1 
ATOM   318 S  SG  . CYS A 1 40 ? 5.695   -7.341  -1.548  1.00 73.78  ? 64  CYS A SG  1 
ATOM   319 N  N   . PRO A 1 41 ? 2.586   -8.484  -0.320  1.00 67.39  ? 65  PRO A N   1 
ATOM   320 C  CA  . PRO A 1 41 ? 1.310   -8.617  -1.030  1.00 62.55  ? 65  PRO A CA  1 
ATOM   321 C  C   . PRO A 1 41 ? 1.419   -8.229  -2.500  1.00 64.02  ? 65  PRO A C   1 
ATOM   322 O  O   . PRO A 1 41 ? 0.495   -8.462  -3.272  1.00 73.23  ? 65  PRO A O   1 
ATOM   323 C  CB  . PRO A 1 41 ? 0.397   -7.648  -0.280  1.00 64.71  ? 65  PRO A CB  1 
ATOM   324 C  CG  . PRO A 1 41 ? 1.324   -6.568  0.178   1.00 67.78  ? 65  PRO A CG  1 
ATOM   325 C  CD  . PRO A 1 41 ? 2.648   -7.244  0.475   1.00 63.57  ? 65  PRO A CD  1 
ATOM   326 N  N   . ILE A 1 42 ? 2.544   -7.639  -2.878  1.00 64.51  ? 66  ILE A N   1 
ATOM   327 C  CA  . ILE A 1 42 ? 2.727   -7.161  -4.242  1.00 58.06  ? 66  ILE A CA  1 
ATOM   328 C  C   . ILE A 1 42 ? 3.333   -8.237  -5.140  1.00 58.33  ? 66  ILE A C   1 
ATOM   329 O  O   . ILE A 1 42 ? 2.920   -8.405  -6.287  1.00 73.37  ? 66  ILE A O   1 
ATOM   330 C  CB  . ILE A 1 42 ? 3.625   -5.914  -4.271  1.00 60.47  ? 66  ILE A CB  1 
ATOM   331 C  CG1 . ILE A 1 42 ? 2.952   -4.759  -3.531  1.00 56.26  ? 66  ILE A CG1 1 
ATOM   332 C  CG2 . ILE A 1 42 ? 3.963   -5.529  -5.701  1.00 55.24  ? 66  ILE A CG2 1 
ATOM   333 C  CD1 . ILE A 1 42 ? 3.913   -3.665  -3.120  1.00 68.42  ? 66  ILE A CD1 1 
ATOM   334 N  N   . CYS A 1 43 ? 4.306   -8.972  -4.609  1.00 59.67  ? 67  CYS A N   1 
ATOM   335 C  CA  . CYS A 1 43 ? 5.034   -9.953  -5.407  1.00 61.53  ? 67  CYS A CA  1 
ATOM   336 C  C   . CYS A 1 43 ? 4.950   -11.368 -4.832  1.00 61.05  ? 67  CYS A C   1 
ATOM   337 O  O   . CYS A 1 43 ? 5.535   -12.298 -5.390  1.00 81.83  ? 67  CYS A O   1 
ATOM   338 C  CB  . CYS A 1 43 ? 6.502   -9.533  -5.547  1.00 58.56  ? 67  CYS A CB  1 
ATOM   339 S  SG  . CYS A 1 43 ? 7.477   -9.650  -4.026  1.00 74.79  ? 67  CYS A SG  1 
ATOM   340 N  N   . LYS A 1 44 ? 4.246   -11.510 -3.711  1.00 64.60  ? 68  LYS A N   1 
ATOM   341 C  CA  . LYS A 1 44 ? 3.953   -12.812 -3.096  1.00 69.16  ? 68  LYS A CA  1 
ATOM   342 C  C   . LYS A 1 44 ? 5.189   -13.495 -2.489  1.00 69.72  ? 68  LYS A C   1 
ATOM   343 O  O   . LYS A 1 44 ? 5.085   -14.572 -1.904  1.00 73.20  ? 68  LYS A O   1 
ATOM   344 C  CB  . LYS A 1 44 ? 3.271   -13.729 -4.122  1.00 62.32  ? 68  LYS A CB  1 
ATOM   345 C  CG  . LYS A 1 44 ? 1.865   -13.258 -4.505  1.00 62.05  ? 68  LYS A CG  1 
ATOM   346 C  CD  . LYS A 1 44 ? 1.477   -13.648 -5.926  1.00 74.92  ? 68  LYS A CD  1 
ATOM   347 C  CE  . LYS A 1 44 ? 1.604   -15.140 -6.162  1.00 83.56  ? 68  LYS A CE  1 
ATOM   348 N  NZ  . LYS A 1 44 ? 1.141   -15.537 -7.520  1.00 96.88  ? 68  LYS A NZ  1 
ATOM   349 N  N   . MET A 1 45 ? 6.350   -12.854 -2.604  1.00 78.59  ? 69  MET A N   1 
ATOM   350 C  CA  . MET A 1 45 ? 7.596   -13.401 -2.062  1.00 70.62  ? 69  MET A CA  1 
ATOM   351 C  C   . MET A 1 45 ? 7.963   -12.761 -0.713  1.00 77.03  ? 69  MET A C   1 
ATOM   352 O  O   . MET A 1 45 ? 7.326   -11.791 -0.299  1.00 86.51  ? 69  MET A O   1 
ATOM   353 C  CB  . MET A 1 45 ? 8.716   -13.215 -3.089  1.00 76.40  ? 69  MET A CB  1 
ATOM   354 C  CG  . MET A 1 45 ? 8.628   -14.202 -4.238  1.00 79.66  ? 69  MET A CG  1 
ATOM   355 S  SD  . MET A 1 45 ? 9.649   -13.748 -5.646  1.00 87.23  ? 69  MET A SD  1 
ATOM   356 C  CE  . MET A 1 45 ? 8.701   -12.391 -6.325  1.00 87.99  ? 69  MET A CE  1 
ATOM   357 N  N   . PRO A 1 46 ? 8.979   -13.305 -0.010  1.00 83.67  ? 70  PRO A N   1 
ATOM   358 C  CA  . PRO A 1 46 ? 9.248   -12.753 1.324   1.00 86.81  ? 70  PRO A CA  1 
ATOM   359 C  C   . PRO A 1 46 ? 9.747   -11.314 1.302   1.00 77.86  ? 70  PRO A C   1 
ATOM   360 O  O   . PRO A 1 46 ? 10.493  -10.919 0.404   1.00 81.57  ? 70  PRO A O   1 
ATOM   361 C  CB  . PRO A 1 46 ? 10.329  -13.690 1.886   1.00 65.68  ? 70  PRO A CB  1 
ATOM   362 C  CG  . PRO A 1 46 ? 10.924  -14.351 0.701   1.00 72.85  ? 70  PRO A CG  1 
ATOM   363 C  CD  . PRO A 1 46 ? 9.786   -14.513 -0.258  1.00 85.31  ? 70  PRO A CD  1 
ATOM   364 N  N   . LEU A 1 47 ? 9.310   -10.540 2.291   1.00 81.97  ? 71  LEU A N   1 
ATOM   365 C  CA  . LEU A 1 47 ? 9.742   -9.157  2.448   1.00 77.86  ? 71  LEU A CA  1 
ATOM   366 C  C   . LEU A 1 47 ? 11.199  -9.073  2.881   1.00 82.74  ? 71  LEU A C   1 
ATOM   367 O  O   . LEU A 1 47 ? 11.711  -9.984  3.533   1.00 99.20  ? 71  LEU A O   1 
ATOM   368 C  CB  . LEU A 1 47 ? 8.856   -8.431  3.464   1.00 62.16  ? 71  LEU A CB  1 
ATOM   369 C  CG  . LEU A 1 47 ? 7.483   -7.986  2.962   1.00 66.75  ? 71  LEU A CG  1 
ATOM   370 C  CD1 . LEU A 1 47 ? 6.518   -7.789  4.120   1.00 75.99  ? 71  LEU A CD1 1 
ATOM   371 C  CD2 . LEU A 1 47 ? 7.613   -6.710  2.151   1.00 70.89  ? 71  LEU A CD2 1 
ATOM   372 N  N   . PRO A 1 48 ? 11.873  -7.975  2.512   1.00 81.84  ? 72  PRO A N   1 
ATOM   373 C  CA  . PRO A 1 48 ? 13.242  -7.724  2.970   1.00 87.36  ? 72  PRO A CA  1 
ATOM   374 C  C   . PRO A 1 48 ? 13.270  -7.485  4.476   1.00 99.81  ? 72  PRO A C   1 
ATOM   375 O  O   . PRO A 1 48 ? 12.487  -6.683  4.989   1.00 97.71  ? 72  PRO A O   1 
ATOM   376 C  CB  . PRO A 1 48 ? 13.657  -6.465  2.195   1.00 76.45  ? 72  PRO A CB  1 
ATOM   377 C  CG  . PRO A 1 48 ? 12.704  -6.376  1.052   1.00 78.20  ? 72  PRO A CG  1 
ATOM   378 C  CD  . PRO A 1 48 ? 11.417  -6.945  1.564   1.00 91.10  ? 72  PRO A CD  1 
ATOM   379 N  N   . THR A 1 49 ? 14.165  -8.178  5.172   1.00 120.85 ? 73  THR A N   1 
ATOM   380 C  CA  . THR A 1 49 ? 14.312  -8.010  6.610   1.00 118.71 ? 73  THR A CA  1 
ATOM   381 C  C   . THR A 1 49 ? 15.384  -6.973  6.850   1.00 125.31 ? 73  THR A C   1 
ATOM   382 O  O   . THR A 1 49 ? 15.490  -6.404  7.937   1.00 120.17 ? 73  THR A O   1 
ATOM   383 C  CB  . THR A 1 49 ? 14.723  -9.313  7.318   1.00 108.54 ? 73  THR A CB  1 
ATOM   384 O  OG1 . THR A 1 49 ? 15.912  -9.833  6.710   1.00 117.64 ? 73  THR A OG1 1 
ATOM   385 C  CG2 . THR A 1 49 ? 13.616  -10.346 7.236   1.00 104.97 ? 73  THR A CG2 1 
ATOM   386 N  N   . LYS A 1 50 ? 16.183  -6.731  5.818   1.00 133.77 ? 74  LYS A N   1 
ATOM   387 C  CA  . LYS A 1 50 ? 17.120  -5.627  5.852   1.00 134.68 ? 74  LYS A CA  1 
ATOM   388 C  C   . LYS A 1 50 ? 16.404  -4.289  5.952   1.00 140.42 ? 74  LYS A C   1 
ATOM   389 O  O   . LYS A 1 50 ? 15.382  -4.058  5.301   1.00 134.98 ? 74  LYS A O   1 
ATOM   390 C  CB  . LYS A 1 50 ? 17.991  -5.644  4.595   1.00 131.83 ? 74  LYS A CB  1 
ATOM   391 C  CG  . LYS A 1 50 ? 18.775  -6.929  4.408   1.00 138.59 ? 74  LYS A CG  1 
ATOM   392 C  CD  . LYS A 1 50 ? 18.489  -7.555  3.051   1.00 141.29 ? 74  LYS A CD  1 
ATOM   393 C  CE  . LYS A 1 50 ? 18.686  -9.061  3.094   1.00 127.45 ? 74  LYS A CE  1 
ATOM   394 N  NZ  . LYS A 1 50 ? 19.342  -9.570  1.860   1.00 124.36 ? 74  LYS A NZ  1 
ATOM   395 N  N   . LEU A 1 51 ? 16.999  -3.398  6.736   1.00 147.27 ? 75  LEU A N   1 
ATOM   396 C  CA  . LEU A 1 51 ? 16.487  -2.056  6.970   1.00 143.74 ? 75  LEU A CA  1 
ATOM   397 C  C   . LEU A 1 51 ? 14.989  -2.016  7.303   1.00 135.13 ? 75  LEU A C   1 
ATOM   398 O  O   . LEU A 1 51 ? 14.573  -2.317  8.428   1.00 126.42 ? 75  LEU A O   1 
ATOM   399 C  CB  . LEU A 1 51 ? 16.783  -1.221  5.728   1.00 122.70 ? 75  LEU A CB  1 
ATOM   400 C  CG  . LEU A 1 51 ? 17.254  0.210   5.911   1.00 126.45 ? 75  LEU A CG  1 
ATOM   401 C  CD1 . LEU A 1 51 ? 18.298  0.247   7.018   1.00 101.95 ? 75  LEU A CD1 1 
ATOM   402 C  CD2 . LEU A 1 51 ? 17.862  0.656   4.601   1.00 112.43 ? 75  LEU A CD2 1 
ATOM   403 N  N   . HIS B 1 1  ? -20.097 -4.555  -7.439  1.00 142.08 ? 25  HIS B N   1 
ATOM   404 C  CA  . HIS B 1 1  ? -19.420 -3.420  -6.823  1.00 145.72 ? 25  HIS B CA  1 
ATOM   405 C  C   . HIS B 1 1  ? -18.111 -3.853  -6.150  1.00 152.73 ? 25  HIS B C   1 
ATOM   406 O  O   . HIS B 1 1  ? -17.412 -4.737  -6.648  1.00 147.58 ? 25  HIS B O   1 
ATOM   407 C  CB  . HIS B 1 1  ? -20.357 -2.688  -5.842  1.00 141.14 ? 25  HIS B CB  1 
ATOM   408 C  CG  . HIS B 1 1  ? -20.613 -3.414  -4.556  1.00 157.21 ? 25  HIS B CG  1 
ATOM   409 N  ND1 . HIS B 1 1  ? -20.733 -4.792  -4.480  1.00 160.35 ? 25  HIS B ND1 1 
ATOM   410 C  CD2 . HIS B 1 1  ? -20.771 -2.960  -3.294  1.00 148.72 ? 25  HIS B CD2 1 
ATOM   411 C  CE1 . HIS B 1 1  ? -20.954 -5.142  -3.231  1.00 151.28 ? 25  HIS B CE1 1 
ATOM   412 N  NE2 . HIS B 1 1  ? -20.982 -4.049  -2.484  1.00 155.53 ? 25  HIS B NE2 1 
ATOM   413 N  N   . LEU B 1 2  ? -17.790 -3.218  -5.027  1.00 149.44 ? 26  LEU B N   1 
ATOM   414 C  CA  . LEU B 1 2  ? -16.572 -3.479  -4.269  1.00 131.86 ? 26  LEU B CA  1 
ATOM   415 C  C   . LEU B 1 2  ? -16.413 -4.960  -3.921  1.00 137.17 ? 26  LEU B C   1 
ATOM   416 O  O   . LEU B 1 2  ? -17.391 -5.642  -3.616  1.00 153.08 ? 26  LEU B O   1 
ATOM   417 C  CB  . LEU B 1 2  ? -16.595 -2.666  -2.980  1.00 110.43 ? 26  LEU B CB  1 
ATOM   418 C  CG  . LEU B 1 2  ? -16.280 -1.171  -2.983  1.00 115.98 ? 26  LEU B CG  1 
ATOM   419 C  CD1 . LEU B 1 2  ? -17.128 -0.382  -3.981  1.00 111.76 ? 26  LEU B CD1 1 
ATOM   420 C  CD2 . LEU B 1 2  ? -16.528 -0.673  -1.596  1.00 114.58 ? 26  LEU B CD2 1 
ATOM   421 N  N   . GLY B 1 3  ? -15.176 -5.451  -3.953  1.00 131.17 ? 27  GLY B N   1 
ATOM   422 C  CA  . GLY B 1 3  ? -14.913 -6.868  -3.758  1.00 134.70 ? 27  GLY B CA  1 
ATOM   423 C  C   . GLY B 1 3  ? -14.926 -7.340  -2.316  1.00 128.35 ? 27  GLY B C   1 
ATOM   424 O  O   . GLY B 1 3  ? -15.593 -6.741  -1.470  1.00 124.36 ? 27  GLY B O   1 
ATOM   425 N  N   . PRO B 1 4  ? -14.192 -8.430  -2.029  1.00 126.81 ? 28  PRO B N   1 
ATOM   426 C  CA  . PRO B 1 4  ? -14.127 -8.994  -0.676  1.00 130.50 ? 28  PRO B CA  1 
ATOM   427 C  C   . PRO B 1 4  ? -13.595 -7.961  0.304   1.00 122.77 ? 28  PRO B C   1 
ATOM   428 O  O   . PRO B 1 4  ? -12.787 -7.118  -0.089  1.00 121.14 ? 28  PRO B O   1 
ATOM   429 C  CB  . PRO B 1 4  ? -13.156 -10.173 -0.825  1.00 116.29 ? 28  PRO B CB  1 
ATOM   430 C  CG  . PRO B 1 4  ? -12.393 -9.885  -2.078  1.00 113.30 ? 28  PRO B CG  1 
ATOM   431 C  CD  . PRO B 1 4  ? -13.371 -9.199  -2.977  1.00 121.99 ? 28  PRO B CD  1 
ATOM   432 N  N   . GLN B 1 5  ? -14.024 -8.026  1.558   1.00 103.37 ? 29  GLN B N   1 
ATOM   433 C  CA  . GLN B 1 5  ? -13.664 -6.981  2.504   1.00 96.90  ? 29  GLN B CA  1 
ATOM   434 C  C   . GLN B 1 5  ? -12.256 -7.167  3.053   1.00 92.74  ? 29  GLN B C   1 
ATOM   435 O  O   . GLN B 1 5  ? -12.047 -7.746  4.119   1.00 97.78  ? 29  GLN B O   1 
ATOM   436 C  CB  . GLN B 1 5  ? -14.695 -6.892  3.631   1.00 103.72 ? 29  GLN B CB  1 
ATOM   437 C  CG  . GLN B 1 5  ? -16.092 -6.560  3.111   1.00 126.81 ? 29  GLN B CG  1 
ATOM   438 C  CD  . GLN B 1 5  ? -17.041 -6.078  4.192   1.00 140.34 ? 29  GLN B CD  1 
ATOM   439 O  OE1 . GLN B 1 5  ? -16.614 -5.647  5.265   1.00 137.15 ? 29  GLN B OE1 1 
ATOM   440 N  NE2 . GLN B 1 5  ? -18.338 -6.131  3.906   1.00 130.68 ? 29  GLN B NE2 1 
ATOM   441 N  N   . PHE B 1 6  ? -11.299 -6.651  2.290   1.00 86.35  ? 30  PHE B N   1 
ATOM   442 C  CA  . PHE B 1 6  ? -9.897  -6.602  2.678   1.00 76.15  ? 30  PHE B CA  1 
ATOM   443 C  C   . PHE B 1 6  ? -9.267  -5.356  2.072   1.00 76.37  ? 30  PHE B C   1 
ATOM   444 O  O   . PHE B 1 6  ? -9.636  -4.933  0.977   1.00 86.88  ? 30  PHE B O   1 
ATOM   445 C  CB  . PHE B 1 6  ? -9.145  -7.851  2.220   1.00 77.19  ? 30  PHE B CB  1 
ATOM   446 C  CG  . PHE B 1 6  ? -9.245  -9.007  3.169   1.00 89.89  ? 30  PHE B CG  1 
ATOM   447 C  CD1 . PHE B 1 6  ? -8.451  -9.055  4.303   1.00 93.81  ? 30  PHE B CD1 1 
ATOM   448 C  CD2 . PHE B 1 6  ? -10.120 -10.054 2.924   1.00 95.88  ? 30  PHE B CD2 1 
ATOM   449 C  CE1 . PHE B 1 6  ? -8.534  -10.118 5.183   1.00 91.00  ? 30  PHE B CE1 1 
ATOM   450 C  CE2 . PHE B 1 6  ? -10.207 -11.122 3.798   1.00 89.18  ? 30  PHE B CE2 1 
ATOM   451 C  CZ  . PHE B 1 6  ? -9.412  -11.154 4.930   1.00 92.92  ? 30  PHE B CZ  1 
ATOM   452 N  N   . CYS B 1 7  ? -8.327  -4.762  2.798   1.00 71.59  ? 31  CYS B N   1 
ATOM   453 C  CA  . CYS B 1 7  ? -7.612  -3.594  2.304   1.00 75.40  ? 31  CYS B CA  1 
ATOM   454 C  C   . CYS B 1 7  ? -6.826  -3.951  1.051   1.00 76.82  ? 31  CYS B C   1 
ATOM   455 O  O   . CYS B 1 7  ? -5.919  -4.775  1.102   1.00 72.06  ? 31  CYS B O   1 
ATOM   456 C  CB  . CYS B 1 7  ? -6.675  -3.047  3.379   1.00 55.81  ? 31  CYS B CB  1 
ATOM   457 S  SG  . CYS B 1 7  ? -5.620  -1.709  2.796   1.00 76.03  ? 31  CYS B SG  1 
ATOM   458 N  N   . LYS B 1 8  ? -7.157  -3.326  -0.073  1.00 73.55  ? 32  LYS B N   1 
ATOM   459 C  CA  . LYS B 1 8  ? -6.544  -3.700  -1.344  1.00 65.32  ? 32  LYS B CA  1 
ATOM   460 C  C   . LYS B 1 8  ? -5.077  -3.272  -1.426  1.00 68.49  ? 32  LYS B C   1 
ATOM   461 O  O   . LYS B 1 8  ? -4.372  -3.625  -2.372  1.00 76.58  ? 32  LYS B O   1 
ATOM   462 C  CB  . LYS B 1 8  ? -7.330  -3.104  -2.514  1.00 68.46  ? 32  LYS B CB  1 
ATOM   463 C  CG  . LYS B 1 8  ? -7.149  -3.864  -3.826  1.00 71.49  ? 32  LYS B CG  1 
ATOM   464 C  CD  . LYS B 1 8  ? -7.885  -3.187  -4.963  1.00 83.45  ? 32  LYS B CD  1 
ATOM   465 C  CE  . LYS B 1 8  ? -7.792  -3.984  -6.251  1.00 75.71  ? 32  LYS B CE  1 
ATOM   466 N  NZ  . LYS B 1 8  ? -8.482  -3.270  -7.363  1.00 84.50  ? 32  LYS B NZ  1 
ATOM   467 N  N   . SER B 1 9  ? -4.616  -2.527  -0.428  1.00 70.91  ? 33  SER B N   1 
ATOM   468 C  CA  . SER B 1 9  ? -3.225  -2.087  -0.384  1.00 74.91  ? 33  SER B CA  1 
ATOM   469 C  C   . SER B 1 9  ? -2.326  -3.090  0.330   1.00 74.58  ? 33  SER B C   1 
ATOM   470 O  O   . SER B 1 9  ? -1.217  -3.371  -0.122  1.00 84.10  ? 33  SER B O   1 
ATOM   471 C  CB  . SER B 1 9  ? -3.109  -0.728  0.303   1.00 67.64  ? 33  SER B CB  1 
ATOM   472 O  OG  . SER B 1 9  ? -1.758  -0.449  0.625   1.00 71.92  ? 33  SER B OG  1 
ATOM   473 N  N   . CYS B 1 10 ? -2.803  -3.611  1.455   1.00 64.85  ? 34  CYS B N   1 
ATOM   474 C  CA  . CYS B 1 10 ? -2.009  -4.530  2.261   1.00 68.32  ? 34  CYS B CA  1 
ATOM   475 C  C   . CYS B 1 10 ? -2.572  -5.947  2.234   1.00 67.35  ? 34  CYS B C   1 
ATOM   476 O  O   . CYS B 1 10 ? -1.954  -6.868  2.759   1.00 82.72  ? 34  CYS B O   1 
ATOM   477 C  CB  . CYS B 1 10 ? -1.920  -4.030  3.707   1.00 80.21  ? 34  CYS B CB  1 
ATOM   478 S  SG  . CYS B 1 10 ? -3.440  -4.219  4.676   1.00 83.24  ? 34  CYS B SG  1 
ATOM   479 N  N   . TRP B 1 11 ? -3.743  -6.106  1.623   1.00 64.02  ? 35  TRP B N   1 
ATOM   480 C  CA  . TRP B 1 11 ? -4.405  -7.407  1.476   1.00 71.45  ? 35  TRP B CA  1 
ATOM   481 C  C   . TRP B 1 11 ? -4.429  -8.231  2.762   1.00 69.50  ? 35  TRP B C   1 
ATOM   482 O  O   . TRP B 1 11 ? -4.240  -9.443  2.724   1.00 81.26  ? 35  TRP B O   1 
ATOM   483 C  CB  . TRP B 1 11 ? -3.739  -8.237  0.375   1.00 74.17  ? 35  TRP B CB  1 
ATOM   484 C  CG  . TRP B 1 11 ? -3.882  -7.686  -1.015  1.00 63.54  ? 35  TRP B CG  1 
ATOM   485 C  CD1 . TRP B 1 11 ? -3.124  -6.710  -1.590  1.00 75.27  ? 35  TRP B CD1 1 
ATOM   486 C  CD2 . TRP B 1 11 ? -4.854  -8.071  -1.992  1.00 75.23  ? 35  TRP B CD2 1 
ATOM   487 N  NE1 . TRP B 1 11 ? -3.553  -6.473  -2.875  1.00 82.12  ? 35  TRP B NE1 1 
ATOM   488 C  CE2 . TRP B 1 11 ? -4.617  -7.296  -3.147  1.00 75.69  ? 35  TRP B CE2 1 
ATOM   489 C  CE3 . TRP B 1 11 ? -5.899  -9.000  -2.015  1.00 99.81  ? 35  TRP B CE3 1 
ATOM   490 C  CZ2 . TRP B 1 11 ? -5.384  -7.418  -4.301  1.00 79.60  ? 35  TRP B CZ2 1 
ATOM   491 C  CZ3 . TRP B 1 11 ? -6.660  -9.122  -3.162  1.00 93.15  ? 35  TRP B CZ3 1 
ATOM   492 C  CH2 . TRP B 1 11 ? -6.398  -8.334  -4.289  1.00 86.00  ? 35  TRP B CH2 1 
ATOM   493 N  N   . PHE B 1 12 ? -4.640  -7.583  3.900   1.00 73.39  ? 36  PHE B N   1 
ATOM   494 C  CA  . PHE B 1 12 ? -4.611  -8.305  5.167   1.00 84.41  ? 36  PHE B CA  1 
ATOM   495 C  C   . PHE B 1 12 ? -5.650  -7.814  6.158   1.00 83.39  ? 36  PHE B C   1 
ATOM   496 O  O   . PHE B 1 12 ? -6.337  -8.611  6.797   1.00 87.43  ? 36  PHE B O   1 
ATOM   497 C  CB  . PHE B 1 12 ? -3.230  -8.207  5.803   1.00 68.12  ? 36  PHE B CB  1 
ATOM   498 C  CG  . PHE B 1 12 ? -2.810  -9.454  6.518   1.00 80.92  ? 36  PHE B CG  1 
ATOM   499 C  CD1 . PHE B 1 12 ? -2.219  -10.494 5.822   1.00 79.67  ? 36  PHE B CD1 1 
ATOM   500 C  CD2 . PHE B 1 12 ? -3.036  -9.603  7.876   1.00 86.74  ? 36  PHE B CD2 1 
ATOM   501 C  CE1 . PHE B 1 12 ? -1.836  -11.647 6.471   1.00 80.73  ? 36  PHE B CE1 1 
ATOM   502 C  CE2 . PHE B 1 12 ? -2.653  -10.754 8.534   1.00 84.49  ? 36  PHE B CE2 1 
ATOM   503 C  CZ  . PHE B 1 12 ? -2.054  -11.781 7.830   1.00 83.57  ? 36  PHE B CZ  1 
ATOM   504 N  N   . GLU B 1 13 ? -5.751  -6.497  6.293   1.00 76.98  ? 37  GLU B N   1 
ATOM   505 C  CA  . GLU B 1 13 ? -6.654  -5.914  7.265   1.00 79.53  ? 37  GLU B CA  1 
ATOM   506 C  C   . GLU B 1 13 ? -8.123  -6.078  6.811   1.00 85.69  ? 37  GLU B C   1 
ATOM   507 O  O   . GLU B 1 13 ? -8.418  -5.816  5.660   1.00 88.44  ? 37  GLU B O   1 
ATOM   508 C  CB  . GLU B 1 13 ? -6.322  -4.432  7.469   1.00 87.34  ? 37  GLU B CB  1 
ATOM   509 C  CG  . GLU B 1 13 ? -6.937  -3.993  8.733   1.00 102.28 ? 37  GLU B CG  1 
ATOM   510 C  CD  . GLU B 1 13 ? -6.280  -4.694  9.891   1.00 103.62 ? 37  GLU B CD  1 
ATOM   511 O  OE1 . GLU B 1 13 ? -6.720  -5.794  10.259  1.00 98.34  ? 37  GLU B OE1 1 
ATOM   512 O  OE2 . GLU B 1 13 ? -5.292  -4.177  10.425  1.00 94.52  ? 37  GLU B OE2 1 
ATOM   513 N  N   . ASN B 1 14 ? -9.040  -6.530  7.673   1.00 88.78  ? 38  ASN B N   1 
ATOM   514 C  CA  . ASN B 1 14 ? -10.462 -6.653  7.270   1.00 90.34  ? 38  ASN B CA  1 
ATOM   515 C  C   . ASN B 1 14 ? -11.486 -5.878  8.121   1.00 96.93  ? 38  ASN B C   1 
ATOM   516 O  O   . ASN B 1 14 ? -12.666 -5.913  7.878   1.00 102.85 ? 38  ASN B O   1 
ATOM   517 C  CB  . ASN B 1 14 ? -10.857 -8.128  7.243   1.00 80.47  ? 38  ASN B CB  1 
ATOM   518 C  CG  . ASN B 1 14 ? -10.601 -8.842  8.573   1.00 97.92  ? 38  ASN B CG  1 
ATOM   519 O  OD1 . ASN B 1 14 ? -9.862  -8.370  9.428   1.00 106.37 ? 38  ASN B OD1 1 
ATOM   520 N  ND2 . ASN B 1 14 ? -11.221 -9.998  8.736   1.00 105.92 ? 38  ASN B ND2 1 
ATOM   521 N  N   . LYS B 1 15 ? -11.021 -5.191  9.143   1.00 93.45  ? 39  LYS B N   1 
ATOM   522 C  CA  . LYS B 1 15 ? -11.868 -4.388  10.028  1.00 104.78 ? 39  LYS B CA  1 
ATOM   523 C  C   . LYS B 1 15 ? -11.318 -2.951  10.027  1.00 102.97 ? 39  LYS B C   1 
ATOM   524 O  O   . LYS B 1 15 ? -10.120 -2.754  9.795   1.00 101.13 ? 39  LYS B O   1 
ATOM   525 C  CB  . LYS B 1 15 ? -11.941 -4.998  11.448  1.00 120.82 ? 39  LYS B CB  1 
ATOM   526 C  CG  . LYS B 1 15 ? -11.670 -4.037  12.537  1.00 124.15 ? 39  LYS B CG  1 
ATOM   527 C  CD  . LYS B 1 15 ? -11.729 -4.906  13.835  1.00 119.20 ? 39  LYS B CD  1 
ATOM   528 C  CE  . LYS B 1 15 ? -10.672 -4.619  14.965  1.00 131.77 ? 39  LYS B CE  1 
ATOM   529 N  NZ  . LYS B 1 15 ? -10.646 -3.327  15.598  1.00 126.87 ? 39  LYS B NZ  1 
ATOM   530 N  N   . GLY B 1 16 ? -12.160 -1.945  10.226  1.00 96.45  ? 40  GLY B N   1 
ATOM   531 C  CA  . GLY B 1 16 ? -11.684 -0.580  10.164  1.00 100.73 ? 40  GLY B CA  1 
ATOM   532 C  C   . GLY B 1 16 ? -11.348 -0.221  8.731   1.00 90.51  ? 40  GLY B C   1 
ATOM   533 O  O   . GLY B 1 16 ? -10.384 0.500   8.447   1.00 89.73  ? 40  GLY B O   1 
ATOM   534 N  N   . LEU B 1 17 ? -12.206 -0.665  7.818   1.00 92.14  ? 41  LEU B N   1 
ATOM   535 C  CA  . LEU B 1 17 ? -11.988 -0.444  6.388   1.00 85.65  ? 41  LEU B CA  1 
ATOM   536 C  C   . LEU B 1 17 ? -12.793 0.740   5.906   1.00 88.92  ? 41  LEU B C   1 
ATOM   537 O  O   . LEU B 1 17 ? -13.979 0.849   6.202   1.00 88.89  ? 41  LEU B O   1 
ATOM   538 C  CB  . LEU B 1 17 ? -12.343 -1.694  5.568   1.00 74.25  ? 41  LEU B CB  1 
ATOM   539 C  CG  . LEU B 1 17 ? -11.462 -2.929  5.760   1.00 84.34  ? 41  LEU B CG  1 
ATOM   540 C  CD1 . LEU B 1 17 ? -11.972 -4.083  4.907   1.00 76.12  ? 41  LEU B CD1 1 
ATOM   541 C  CD2 . LEU B 1 17 ? -10.014 -2.609  5.429   1.00 76.69  ? 41  LEU B CD2 1 
ATOM   542 N  N   . VAL B 1 18 ? -12.138 1.619   5.161   1.00 85.82  ? 42  VAL B N   1 
ATOM   543 C  CA  . VAL B 1 18 ? -12.795 2.760   4.552   1.00 84.53  ? 42  VAL B CA  1 
ATOM   544 C  C   . VAL B 1 18 ? -13.046 2.453   3.089   1.00 84.51  ? 42  VAL B C   1 
ATOM   545 O  O   . VAL B 1 18 ? -12.251 1.765   2.447   1.00 88.18  ? 42  VAL B O   1 
ATOM   546 C  CB  . VAL B 1 18 ? -11.946 4.036   4.688   1.00 83.78  ? 42  VAL B CB  1 
ATOM   547 C  CG1 . VAL B 1 18 ? -12.697 5.239   4.153   1.00 86.43  ? 42  VAL B CG1 1 
ATOM   548 C  CG2 . VAL B 1 18 ? -11.556 4.254   6.141   1.00 101.42 ? 42  VAL B CG2 1 
ATOM   549 N  N   . GLU B 1 19 ? -14.154 2.950   2.561   1.00 93.20  ? 43  GLU B N   1 
ATOM   550 C  CA  . GLU B 1 19 ? -14.487 2.694   1.174   1.00 87.40  ? 43  GLU B CA  1 
ATOM   551 C  C   . GLU B 1 19 ? -13.775 3.681   0.259   1.00 83.70  ? 43  GLU B C   1 
ATOM   552 O  O   . GLU B 1 19 ? -14.103 4.868   0.230   1.00 94.89  ? 43  GLU B O   1 
ATOM   553 C  CB  . GLU B 1 19 ? -16.003 2.767   0.957   1.00 90.45  ? 43  GLU B CB  1 
ATOM   554 C  CG  . GLU B 1 19 ? -16.416 2.520   -0.483  1.00 117.77 ? 43  GLU B CG  1 
ATOM   555 C  CD  . GLU B 1 19 ? -17.921 2.430   -0.682  1.00 134.82 ? 43  GLU B CD  1 
ATOM   556 O  OE1 . GLU B 1 19 ? -18.672 2.642   0.293   1.00 125.53 ? 43  GLU B OE1 1 
ATOM   557 O  OE2 . GLU B 1 19 ? -18.349 2.123   -1.818  1.00 135.42 ? 43  GLU B OE2 1 
ATOM   558 N  N   . CYS B 1 20 ? -12.793 3.183   -0.487  1.00 86.84  ? 44  CYS B N   1 
ATOM   559 C  CA  . CYS B 1 20 ? -12.205 3.960   -1.570  1.00 80.01  ? 44  CYS B CA  1 
ATOM   560 C  C   . CYS B 1 20 ? -13.140 3.739   -2.751  1.00 94.09  ? 44  CYS B C   1 
ATOM   561 O  O   . CYS B 1 20 ? -14.189 3.122   -2.588  1.00 127.85 ? 44  CYS B O   1 
ATOM   562 C  CB  . CYS B 1 20 ? -10.769 3.524   -1.873  1.00 84.28  ? 44  CYS B CB  1 
ATOM   563 S  SG  . CYS B 1 20 ? -9.756  4.758   -2.742  1.00 85.37  ? 44  CYS B SG  1 
ATOM   564 N  N   . ASN B 1 21 ? -12.784 4.210   -3.935  1.00 73.05  ? 45  ASN B N   1 
ATOM   565 C  CA  . ASN B 1 21 ? -13.787 4.305   -4.991  1.00 75.84  ? 45  ASN B CA  1 
ATOM   566 C  C   . ASN B 1 21 ? -14.330 2.955   -5.487  1.00 82.00  ? 45  ASN B C   1 
ATOM   567 O  O   . ASN B 1 21 ? -15.538 2.807   -5.667  1.00 92.83  ? 45  ASN B O   1 
ATOM   568 C  CB  . ASN B 1 21 ? -13.219 5.112   -6.153  1.00 73.93  ? 45  ASN B CB  1 
ATOM   569 C  CG  . ASN B 1 21 ? -12.824 6.515   -5.735  1.00 81.43  ? 45  ASN B CG  1 
ATOM   570 O  OD1 . ASN B 1 21 ? -13.646 7.433   -5.743  1.00 92.26  ? 45  ASN B OD1 1 
ATOM   571 N  ND2 . ASN B 1 21 ? -11.565 6.683   -5.345  1.00 89.33  ? 45  ASN B ND2 1 
ATOM   572 N  N   . ASN B 1 22 ? -13.461 1.968   -5.681  1.00 82.12  ? 46  ASN B N   1 
ATOM   573 C  CA  . ASN B 1 22 ? -13.924 0.642   -6.092  1.00 77.44  ? 46  ASN B CA  1 
ATOM   574 C  C   . ASN B 1 22 ? -13.272 -0.487  -5.296  1.00 74.05  ? 46  ASN B C   1 
ATOM   575 O  O   . ASN B 1 22 ? -13.223 -1.631  -5.741  1.00 76.38  ? 46  ASN B O   1 
ATOM   576 C  CB  . ASN B 1 22 ? -13.685 0.435   -7.593  1.00 60.78  ? 46  ASN B CB  1 
ATOM   577 C  CG  . ASN B 1 22 ? -12.210 0.520   -7.982  1.00 70.17  ? 46  ASN B CG  1 
ATOM   578 O  OD1 . ASN B 1 22 ? -11.315 0.277   -7.173  1.00 78.06  ? 46  ASN B OD1 1 
ATOM   579 N  ND2 . ASN B 1 22 ? -11.958 0.864   -9.241  1.00 73.44  ? 46  ASN B ND2 1 
ATOM   580 N  N   . HIS B 1 23 ? -12.787 -0.151  -4.109  1.00 79.32  ? 47  HIS B N   1 
ATOM   581 C  CA  . HIS B 1 23 ? -12.091 -1.100  -3.259  1.00 64.48  ? 47  HIS B CA  1 
ATOM   582 C  C   . HIS B 1 23 ? -12.050 -0.580  -1.831  1.00 78.16  ? 47  HIS B C   1 
ATOM   583 O  O   . HIS B 1 23 ? -12.594 0.483   -1.536  1.00 74.02  ? 47  HIS B O   1 
ATOM   584 C  CB  . HIS B 1 23 ? -10.676 -1.336  -3.775  1.00 65.75  ? 47  HIS B CB  1 
ATOM   585 C  CG  . HIS B 1 23 ? -9.806  -0.117  -3.724  1.00 64.38  ? 47  HIS B CG  1 
ATOM   586 N  ND1 . HIS B 1 23 ? -8.872  0.090   -2.737  1.00 67.93  ? 47  HIS B ND1 1 
ATOM   587 C  CD2 . HIS B 1 23 ? -9.743  0.963   -4.541  1.00 71.83  ? 47  HIS B CD2 1 
ATOM   588 C  CE1 . HIS B 1 23 ? -8.260  1.245   -2.949  1.00 69.49  ? 47  HIS B CE1 1 
ATOM   589 N  NE2 . HIS B 1 23 ? -8.770  1.791   -4.035  1.00 66.09  ? 47  HIS B NE2 1 
ATOM   590 N  N   . TYR B 1 24 ? -11.392 -1.316  -0.945  1.00 78.23  ? 48  TYR B N   1 
ATOM   591 C  CA  . TYR B 1 24 ? -11.299 -0.885  0.441   1.00 72.21  ? 48  TYR B CA  1 
ATOM   592 C  C   . TYR B 1 24 ? -9.883  -0.481  0.825   1.00 74.73  ? 48  TYR B C   1 
ATOM   593 O  O   . TYR B 1 24 ? -8.918  -0.818  0.140   1.00 77.60  ? 48  TYR B O   1 
ATOM   594 C  CB  . TYR B 1 24 ? -11.791 -1.989  1.376   1.00 79.55  ? 48  TYR B CB  1 
ATOM   595 C  CG  . TYR B 1 24 ? -13.258 -2.311  1.220   1.00 83.42  ? 48  TYR B CG  1 
ATOM   596 C  CD1 . TYR B 1 24 ? -14.233 -1.445  1.697   1.00 83.18  ? 48  TYR B CD1 1 
ATOM   597 C  CD2 . TYR B 1 24 ? -13.668 -3.487  0.608   1.00 89.83  ? 48  TYR B CD2 1 
ATOM   598 C  CE1 . TYR B 1 24 ? -15.576 -1.737  1.560   1.00 79.40  ? 48  TYR B CE1 1 
ATOM   599 C  CE2 . TYR B 1 24 ? -15.010 -3.789  0.468   1.00 111.65 ? 48  TYR B CE2 1 
ATOM   600 C  CZ  . TYR B 1 24 ? -15.960 -2.909  0.946   1.00 104.54 ? 48  TYR B CZ  1 
ATOM   601 O  OH  . TYR B 1 24 ? -17.298 -3.204  0.806   1.00 106.76 ? 48  TYR B OH  1 
ATOM   602 N  N   . LEU B 1 25 ? -9.778  0.242   1.933   1.00 76.13  ? 49  LEU B N   1 
ATOM   603 C  CA  . LEU B 1 25 ? -8.491  0.604   2.507   1.00 73.69  ? 49  LEU B CA  1 
ATOM   604 C  C   . LEU B 1 25 ? -8.604  0.662   4.023   1.00 79.42  ? 49  LEU B C   1 
ATOM   605 O  O   . LEU B 1 25 ? -9.539  1.258   4.557   1.00 88.30  ? 49  LEU B O   1 
ATOM   606 C  CB  . LEU B 1 25 ? -8.005  1.950   1.968   1.00 56.91  ? 49  LEU B CB  1 
ATOM   607 C  CG  . LEU B 1 25 ? -7.393  1.995   0.569   1.00 72.05  ? 49  LEU B CG  1 
ATOM   608 C  CD1 . LEU B 1 25 ? -7.037  3.424   0.195   1.00 63.06  ? 49  LEU B CD1 1 
ATOM   609 C  CD2 . LEU B 1 25 ? -6.174  1.101   0.489   1.00 68.66  ? 49  LEU B CD2 1 
ATOM   610 N  N   . CYS B 1 26 ? -7.658  0.040   4.715   1.00 77.98  ? 50  CYS B N   1 
ATOM   611 C  CA  . CYS B 1 26 ? -7.600  0.144   6.164   1.00 73.53  ? 50  CYS B CA  1 
ATOM   612 C  C   . CYS B 1 26 ? -7.064  1.520   6.551   1.00 82.78  ? 50  CYS B C   1 
ATOM   613 O  O   . CYS B 1 26 ? -6.482  2.218   5.721   1.00 82.34  ? 50  CYS B O   1 
ATOM   614 C  CB  . CYS B 1 26 ? -6.729  -0.969  6.746   1.00 64.05  ? 50  CYS B CB  1 
ATOM   615 S  SG  . CYS B 1 26 ? -4.972  -0.814  6.365   1.00 84.92  ? 50  CYS B SG  1 
ATOM   616 N  N   . LEU B 1 27 ? -7.267  1.910   7.805   1.00 84.91  ? 51  LEU B N   1 
ATOM   617 C  CA  . LEU B 1 27 ? -6.903  3.254   8.249   1.00 80.42  ? 51  LEU B CA  1 
ATOM   618 C  C   . LEU B 1 27 ? -5.406  3.518   8.148   1.00 79.38  ? 51  LEU B C   1 
ATOM   619 O  O   . LEU B 1 27 ? -4.989  4.605   7.748   1.00 74.03  ? 51  LEU B O   1 
ATOM   620 C  CB  . LEU B 1 27 ? -7.367  3.494   9.687   1.00 89.61  ? 51  LEU B CB  1 
ATOM   621 C  CG  . LEU B 1 27 ? -8.857  3.777   9.876   1.00 89.41  ? 51  LEU B CG  1 
ATOM   622 C  CD1 . LEU B 1 27 ? -9.136  4.173   11.308  1.00 96.02  ? 51  LEU B CD1 1 
ATOM   623 C  CD2 . LEU B 1 27 ? -9.319  4.858   8.933   1.00 82.47  ? 51  LEU B CD2 1 
ATOM   624 N  N   . ASN B 1 28 ? -4.600  2.527   8.517   1.00 78.42  ? 52  ASN B N   1 
ATOM   625 C  CA  . ASN B 1 28 ? -3.152  2.684   8.493   1.00 79.34  ? 52  ASN B CA  1 
ATOM   626 C  C   . ASN B 1 28 ? -2.640  2.942   7.084   1.00 84.56  ? 52  ASN B C   1 
ATOM   627 O  O   . ASN B 1 28 ? -1.837  3.850   6.859   1.00 77.53  ? 52  ASN B O   1 
ATOM   628 C  CB  . ASN B 1 28 ? -2.469  1.445   9.071   1.00 89.00  ? 52  ASN B CB  1 
ATOM   629 C  CG  . ASN B 1 28 ? -2.883  1.169   10.498  1.00 89.02  ? 52  ASN B CG  1 
ATOM   630 O  OD1 . ASN B 1 28 ? -2.300  1.707   11.438  1.00 87.76  ? 52  ASN B OD1 1 
ATOM   631 N  ND2 . ASN B 1 28 ? -3.899  0.327   10.667  1.00 86.36  ? 52  ASN B ND2 1 
ATOM   632 N  N   . CYS B 1 29 ? -3.117  2.140   6.137   1.00 90.95  ? 53  CYS B N   1 
ATOM   633 C  CA  . CYS B 1 29 ? -2.726  2.286   4.743   1.00 74.74  ? 53  CYS B CA  1 
ATOM   634 C  C   . CYS B 1 29 ? -3.216  3.613   4.177   1.00 70.47  ? 53  CYS B C   1 
ATOM   635 O  O   . CYS B 1 29 ? -2.463  4.329   3.517   1.00 77.95  ? 53  CYS B O   1 
ATOM   636 C  CB  . CYS B 1 29 ? -3.262  1.120   3.911   1.00 75.85  ? 53  CYS B CB  1 
ATOM   637 S  SG  . CYS B 1 29 ? -2.389  -0.445  4.184   1.00 72.84  ? 53  CYS B SG  1 
ATOM   638 N  N   . LEU B 1 30 ? -4.475  3.941   4.452   1.00 74.06  ? 54  LEU B N   1 
ATOM   639 C  CA  . LEU B 1 30 ? -5.073  5.185   3.975   1.00 68.62  ? 54  LEU B CA  1 
ATOM   640 C  C   . LEU B 1 30 ? -4.291  6.393   4.468   1.00 74.00  ? 54  LEU B C   1 
ATOM   641 O  O   . LEU B 1 30 ? -4.067  7.348   3.724   1.00 79.14  ? 54  LEU B O   1 
ATOM   642 C  CB  . LEU B 1 30 ? -6.530  5.283   4.425   1.00 63.93  ? 54  LEU B CB  1 
ATOM   643 C  CG  . LEU B 1 30 ? -7.274  6.584   4.118   1.00 74.97  ? 54  LEU B CG  1 
ATOM   644 C  CD1 . LEU B 1 30 ? -7.128  6.974   2.655   1.00 78.06  ? 54  LEU B CD1 1 
ATOM   645 C  CD2 . LEU B 1 30 ? -8.740  6.452   4.496   1.00 76.72  ? 54  LEU B CD2 1 
ATOM   646 N  N   . THR B 1 31 ? -3.876  6.336   5.728   1.00 78.42  ? 55  THR B N   1 
ATOM   647 C  CA  . THR B 1 31 ? -3.111  7.413   6.342   1.00 84.24  ? 55  THR B CA  1 
ATOM   648 C  C   . THR B 1 31 ? -1.793  7.615   5.603   1.00 80.56  ? 55  THR B C   1 
ATOM   649 O  O   . THR B 1 31 ? -1.422  8.740   5.264   1.00 88.09  ? 55  THR B O   1 
ATOM   650 C  CB  . THR B 1 31 ? -2.837  7.126   7.830   1.00 90.82  ? 55  THR B CB  1 
ATOM   651 O  OG1 . THR B 1 31 ? -4.056  7.251   8.572   1.00 88.78  ? 55  THR B OG1 1 
ATOM   652 C  CG2 . THR B 1 31 ? -1.802  8.095   8.385   1.00 88.72  ? 55  THR B CG2 1 
ATOM   653 N  N   . LEU B 1 32 ? -1.093  6.513   5.355   1.00 79.03  ? 56  LEU B N   1 
ATOM   654 C  CA  . LEU B 1 32 ? 0.188   6.558   4.664   1.00 82.99  ? 56  LEU B CA  1 
ATOM   655 C  C   . LEU B 1 32 ? 0.034   7.072   3.236   1.00 89.32  ? 56  LEU B C   1 
ATOM   656 O  O   . LEU B 1 32 ? 0.893   7.796   2.734   1.00 100.06 ? 56  LEU B O   1 
ATOM   657 C  CB  . LEU B 1 32 ? 0.835   5.172   4.658   1.00 75.60  ? 56  LEU B CB  1 
ATOM   658 C  CG  . LEU B 1 32 ? 2.199   5.059   3.976   1.00 82.85  ? 56  LEU B CG  1 
ATOM   659 C  CD1 . LEU B 1 32 ? 3.164   6.120   4.486   1.00 85.91  ? 56  LEU B CD1 1 
ATOM   660 C  CD2 . LEU B 1 32 ? 2.772   3.665   4.187   1.00 88.05  ? 56  LEU B CD2 1 
ATOM   661 N  N   . LEU B 1 33 ? -1.064  6.700   2.588   1.00 81.49  ? 57  LEU B N   1 
ATOM   662 C  CA  . LEU B 1 33 ? -1.330  7.144   1.223   1.00 82.69  ? 57  LEU B CA  1 
ATOM   663 C  C   . LEU B 1 33 ? -1.665  8.634   1.158   1.00 79.30  ? 57  LEU B C   1 
ATOM   664 O  O   . LEU B 1 33 ? -1.240  9.329   0.236   1.00 87.74  ? 57  LEU B O   1 
ATOM   665 C  CB  . LEU B 1 33 ? -2.465  6.321   0.609   1.00 83.41  ? 57  LEU B CB  1 
ATOM   666 C  CG  . LEU B 1 33 ? -2.176  4.832   0.397   1.00 69.05  ? 57  LEU B CG  1 
ATOM   667 C  CD1 . LEU B 1 33 ? -3.410  4.111   -0.115  1.00 72.66  ? 57  LEU B CD1 1 
ATOM   668 C  CD2 . LEU B 1 33 ? -1.010  4.635   -0.561  1.00 55.84  ? 57  LEU B CD2 1 
ATOM   669 N  N   . LEU B 1 34 ? -2.421  9.121   2.137   1.00 72.90  ? 58  LEU B N   1 
ATOM   670 C  CA  . LEU B 1 34 ? -2.770  10.536  2.194   1.00 77.02  ? 58  LEU B CA  1 
ATOM   671 C  C   . LEU B 1 34 ? -1.529  11.371  2.479   1.00 89.96  ? 58  LEU B C   1 
ATOM   672 O  O   . LEU B 1 34 ? -1.401  12.500  2.003   1.00 86.10  ? 58  LEU B O   1 
ATOM   673 C  CB  . LEU B 1 34 ? -3.838  10.787  3.258   1.00 73.66  ? 58  LEU B CB  1 
ATOM   674 C  CG  . LEU B 1 34 ? -5.276  10.498  2.833   1.00 76.69  ? 58  LEU B CG  1 
ATOM   675 C  CD1 . LEU B 1 34 ? -6.200  10.499  4.041   1.00 71.31  ? 58  LEU B CD1 1 
ATOM   676 C  CD2 . LEU B 1 34 ? -5.739  11.509  1.793   1.00 78.35  ? 58  LEU B CD2 1 
ATOM   677 N  N   . SER B 1 35 ? -0.627  10.800  3.271   1.00 90.34  ? 59  SER B N   1 
ATOM   678 C  CA  . SER B 1 35 ? 0.691   11.376  3.523   1.00 84.06  ? 59  SER B CA  1 
ATOM   679 C  C   . SER B 1 35 ? 1.440   11.718  2.236   1.00 83.16  ? 59  SER B C   1 
ATOM   680 O  O   . SER B 1 35 ? 2.238   12.651  2.203   1.00 90.90  ? 59  SER B O   1 
ATOM   681 C  CB  . SER B 1 35 ? 1.530   10.413  4.365   1.00 85.24  ? 59  SER B CB  1 
ATOM   682 O  OG  . SER B 1 35 ? 2.906   10.515  4.038   1.00 96.91  ? 59  SER B OG  1 
ATOM   683 N  N   . VAL B 1 36 ? 1.180   10.957  1.177   1.00 95.75  ? 60  VAL B N   1 
ATOM   684 C  CA  . VAL B 1 36 ? 1.962   11.074  -0.045  1.00 90.42  ? 60  VAL B CA  1 
ATOM   685 C  C   . VAL B 1 36 ? 1.227   11.846  -1.146  1.00 74.49  ? 60  VAL B C   1 
ATOM   686 O  O   . VAL B 1 36 ? 1.851   12.600  -1.898  1.00 70.42  ? 60  VAL B O   1 
ATOM   687 C  CB  . VAL B 1 36 ? 2.366   9.666   -0.561  1.00 78.31  ? 60  VAL B CB  1 
ATOM   688 C  CG1 . VAL B 1 36 ? 2.006   9.480   -2.027  1.00 85.76  ? 60  VAL B CG1 1 
ATOM   689 C  CG2 . VAL B 1 36 ? 3.848   9.415   -0.325  1.00 80.88  ? 60  VAL B CG2 1 
ATOM   690 N  N   . SER B 1 37 ? -0.096  11.700  -1.200  1.00 78.09  ? 61  SER B N   1 
ATOM   691 C  CA  . SER B 1 37 ? -0.908  12.374  -2.213  1.00 65.63  ? 61  SER B CA  1 
ATOM   692 C  C   . SER B 1 37 ? -2.397  12.218  -1.927  1.00 71.53  ? 61  SER B C   1 
ATOM   693 O  O   . SER B 1 37 ? -2.798  11.375  -1.127  1.00 82.20  ? 61  SER B O   1 
ATOM   694 C  CB  . SER B 1 37 ? -0.592  11.830  -3.608  1.00 73.58  ? 61  SER B CB  1 
ATOM   695 O  OG  . SER B 1 37 ? -1.477  12.366  -4.576  1.00 82.73  ? 61  SER B OG  1 
ATOM   696 N  N   . ASN B 1 38 ? -3.211  13.042  -2.579  1.00 64.12  ? 62  ASN B N   1 
ATOM   697 C  CA  . ASN B 1 38 ? -4.662  12.947  -2.461  1.00 70.70  ? 62  ASN B CA  1 
ATOM   698 C  C   . ASN B 1 38 ? -5.245  11.920  -3.427  1.00 82.99  ? 62  ASN B C   1 
ATOM   699 O  O   . ASN B 1 38 ? -6.429  11.585  -3.356  1.00 82.15  ? 62  ASN B O   1 
ATOM   700 C  CB  . ASN B 1 38 ? -5.304  14.313  -2.698  1.00 66.22  ? 62  ASN B CB  1 
ATOM   701 C  CG  . ASN B 1 38 ? -4.740  15.015  -3.914  1.00 76.63  ? 62  ASN B CG  1 
ATOM   702 O  OD1 . ASN B 1 38 ? -3.581  14.816  -4.272  1.00 93.68  ? 62  ASN B OD1 1 
ATOM   703 N  ND2 . ASN B 1 38 ? -5.551  15.853  -4.547  1.00 68.40  ? 62  ASN B ND2 1 
ATOM   704 N  N   . ARG B 1 39 ? -4.403  11.422  -4.327  1.00 83.60  ? 63  ARG B N   1 
ATOM   705 C  CA  . ARG B 1 39 ? -4.836  10.482  -5.353  1.00 71.96  ? 63  ARG B CA  1 
ATOM   706 C  C   . ARG B 1 39 ? -4.334  9.067   -5.073  1.00 75.78  ? 63  ARG B C   1 
ATOM   707 O  O   . ARG B 1 39 ? -3.156  8.857   -4.779  1.00 77.75  ? 63  ARG B O   1 
ATOM   708 C  CB  . ARG B 1 39 ? -4.366  10.956  -6.728  1.00 79.92  ? 63  ARG B CB  1 
ATOM   709 C  CG  . ARG B 1 39 ? -4.511  9.931   -7.835  1.00 74.49  ? 63  ARG B CG  1 
ATOM   710 C  CD  . ARG B 1 39 ? -4.269  10.557  -9.200  1.00 52.59  ? 63  ARG B CD  1 
ATOM   711 N  NE  . ARG B 1 39 ? -5.522  10.975  -9.814  1.00 62.91  ? 63  ARG B NE  1 
ATOM   712 C  CZ  . ARG B 1 39 ? -5.660  12.036  -10.599 1.00 71.19  ? 63  ARG B CZ  1 
ATOM   713 N  NH1 . ARG B 1 39 ? -4.619  12.814  -10.870 1.00 77.45  ? 63  ARG B NH1 1 
ATOM   714 N  NH2 . ARG B 1 39 ? -6.848  12.322  -11.107 1.00 72.48  ? 63  ARG B NH2 1 
ATOM   715 N  N   . CYS B 1 40 ? -5.247  8.105   -5.165  1.00 67.47  ? 64  CYS B N   1 
ATOM   716 C  CA  . CYS B 1 40 ? -4.963  6.706   -4.860  1.00 56.72  ? 64  CYS B CA  1 
ATOM   717 C  C   . CYS B 1 40 ? -4.173  6.037   -5.985  1.00 65.63  ? 64  CYS B C   1 
ATOM   718 O  O   . CYS B 1 40 ? -4.536  6.151   -7.154  1.00 67.56  ? 64  CYS B O   1 
ATOM   719 C  CB  . CYS B 1 40 ? -6.279  5.962   -4.608  1.00 65.67  ? 64  CYS B CB  1 
ATOM   720 S  SG  . CYS B 1 40 ? -6.147  4.198   -4.259  1.00 70.63  ? 64  CYS B SG  1 
ATOM   721 N  N   . PRO B 1 41 ? -3.087  5.330   -5.633  1.00 65.25  ? 65  PRO B N   1 
ATOM   722 C  CA  . PRO B 1 41 ? -2.240  4.673   -6.636  1.00 59.72  ? 65  PRO B CA  1 
ATOM   723 C  C   . PRO B 1 41 ? -2.832  3.361   -7.139  1.00 66.82  ? 65  PRO B C   1 
ATOM   724 O  O   . PRO B 1 41 ? -2.348  2.793   -8.117  1.00 72.78  ? 65  PRO B O   1 
ATOM   725 C  CB  . PRO B 1 41 ? -0.942  4.418   -5.874  1.00 62.96  ? 65  PRO B CB  1 
ATOM   726 C  CG  . PRO B 1 41 ? -1.390  4.208   -4.465  1.00 61.63  ? 65  PRO B CG  1 
ATOM   727 C  CD  . PRO B 1 41 ? -2.591  5.107   -4.263  1.00 59.00  ? 65  PRO B CD  1 
ATOM   728 N  N   . ILE B 1 42 ? -3.877  2.890   -6.469  1.00 67.64  ? 66  ILE B N   1 
ATOM   729 C  CA  . ILE B 1 42 ? -4.493  1.612   -6.805  1.00 55.78  ? 66  ILE B CA  1 
ATOM   730 C  C   . ILE B 1 42 ? -5.614  1.770   -7.834  1.00 60.39  ? 66  ILE B C   1 
ATOM   731 O  O   . ILE B 1 42 ? -5.739  0.959   -8.751  1.00 71.22  ? 66  ILE B O   1 
ATOM   732 C  CB  . ILE B 1 42 ? -5.036  0.924   -5.541  1.00 59.87  ? 66  ILE B CB  1 
ATOM   733 C  CG1 . ILE B 1 42 ? -3.877  0.530   -4.623  1.00 61.29  ? 66  ILE B CG1 1 
ATOM   734 C  CG2 . ILE B 1 42 ? -5.851  -0.298  -5.900  1.00 59.89  ? 66  ILE B CG2 1 
ATOM   735 C  CD1 . ILE B 1 42 ? -4.288  0.258   -3.191  1.00 67.98  ? 66  ILE B CD1 1 
ATOM   736 N  N   . CYS B 1 43 ? -6.422  2.818   -7.693  1.00 64.37  ? 67  CYS B N   1 
ATOM   737 C  CA  . CYS B 1 43 ? -7.581  2.995   -8.567  1.00 61.94  ? 67  CYS B CA  1 
ATOM   738 C  C   . CYS B 1 43 ? -7.551  4.316   -9.330  1.00 62.91  ? 67  CYS B C   1 
ATOM   739 O  O   . CYS B 1 43 ? -8.480  4.615   -10.080 1.00 86.56  ? 67  CYS B O   1 
ATOM   740 C  CB  . CYS B 1 43 ? -8.881  2.902   -7.762  1.00 60.02  ? 67  CYS B CB  1 
ATOM   741 S  SG  . CYS B 1 43 ? -9.189  4.305   -6.666  1.00 76.98  ? 67  CYS B SG  1 
ATOM   742 N  N   . LYS B 1 44 ? -6.503  5.110   -9.108  1.00 64.88  ? 68  LYS B N   1 
ATOM   743 C  CA  . LYS B 1 44 ? -6.246  6.347   -9.860  1.00 66.68  ? 68  LYS B CA  1 
ATOM   744 C  C   . LYS B 1 44 ? -7.240  7.479   -9.567  1.00 63.75  ? 68  LYS B C   1 
ATOM   745 O  O   . LYS B 1 44 ? -7.106  8.581   -10.099 1.00 70.32  ? 68  LYS B O   1 
ATOM   746 C  CB  . LYS B 1 44 ? -6.228  6.052   -11.367 1.00 63.59  ? 68  LYS B CB  1 
ATOM   747 C  CG  . LYS B 1 44 ? -5.057  5.185   -11.805 1.00 58.50  ? 68  LYS B CG  1 
ATOM   748 C  CD  . LYS B 1 44 ? -5.388  4.346   -13.032 1.00 76.76  ? 68  LYS B CD  1 
ATOM   749 C  CE  . LYS B 1 44 ? -5.871  5.201   -14.191 1.00 78.75  ? 68  LYS B CE  1 
ATOM   750 N  NZ  . LYS B 1 44 ? -6.113  4.391   -15.418 1.00 93.75  ? 68  LYS B NZ  1 
ATOM   751 N  N   . MET B 1 45 ? -8.224  7.210   -8.715  1.00 75.12  ? 69  MET B N   1 
ATOM   752 C  CA  . MET B 1 45 ? -9.232  8.204   -8.351  1.00 67.02  ? 69  MET B CA  1 
ATOM   753 C  C   . MET B 1 45 ? -8.900  8.822   -6.982  1.00 71.82  ? 69  MET B C   1 
ATOM   754 O  O   . MET B 1 45 ? -7.986  8.350   -6.304  1.00 81.61  ? 69  MET B O   1 
ATOM   755 C  CB  . MET B 1 45 ? -10.617 7.550   -8.368  1.00 74.16  ? 69  MET B CB  1 
ATOM   756 C  CG  . MET B 1 45 ? -11.135 7.308   -9.781  1.00 80.85  ? 69  MET B CG  1 
ATOM   757 S  SD  . MET B 1 45 ? -12.525 6.163   -9.873  1.00 81.64  ? 69  MET B SD  1 
ATOM   758 C  CE  . MET B 1 45 ? -11.707 4.601   -9.567  1.00 84.56  ? 69  MET B CE  1 
ATOM   759 N  N   . PRO B 1 46 ? -9.620  9.883   -6.570  1.00 81.34  ? 70  PRO B N   1 
ATOM   760 C  CA  . PRO B 1 46 ? -9.216  10.524  -5.309  1.00 81.69  ? 70  PRO B CA  1 
ATOM   761 C  C   . PRO B 1 46 ? -9.401  9.645   -4.078  1.00 74.91  ? 70  PRO B C   1 
ATOM   762 O  O   . PRO B 1 46 ? -10.389 8.914   -3.985  1.00 81.37  ? 70  PRO B O   1 
ATOM   763 C  CB  . PRO B 1 46 ? -10.131 11.754  -5.231  1.00 69.26  ? 70  PRO B CB  1 
ATOM   764 C  CG  . PRO B 1 46 ? -11.269 11.456  -6.150  1.00 75.74  ? 70  PRO B CG  1 
ATOM   765 C  CD  . PRO B 1 46 ? -10.661 10.667  -7.261  1.00 85.72  ? 70  PRO B CD  1 
ATOM   766 N  N   . LEU B 1 47 ? -8.462  9.738   -3.139  1.00 80.13  ? 71  LEU B N   1 
ATOM   767 C  CA  . LEU B 1 47 ? -8.544  8.979   -1.900  1.00 75.87  ? 71  LEU B CA  1 
ATOM   768 C  C   . LEU B 1 47 ? -9.692  9.490   -1.056  1.00 81.89  ? 71  LEU B C   1 
ATOM   769 O  O   . LEU B 1 47 ? -10.010 10.685  -1.093  1.00 93.31  ? 71  LEU B O   1 
ATOM   770 C  CB  . LEU B 1 47 ? -7.233  9.078   -1.114  1.00 62.28  ? 71  LEU B CB  1 
ATOM   771 C  CG  . LEU B 1 47 ? -6.069  8.203   -1.571  1.00 63.24  ? 71  LEU B CG  1 
ATOM   772 C  CD1 . LEU B 1 47 ? -4.742  8.780   -1.124  1.00 72.71  ? 71  LEU B CD1 1 
ATOM   773 C  CD2 . LEU B 1 47 ? -6.249  6.818   -0.993  1.00 66.69  ? 71  LEU B CD2 1 
ATOM   774 N  N   . PRO B 1 48 ? -10.312 8.592   -0.275  1.00 81.26  ? 72  PRO B N   1 
ATOM   775 C  CA  . PRO B 1 48 ? -11.366 9.096   0.594   1.00 85.71  ? 72  PRO B CA  1 
ATOM   776 C  C   . PRO B 1 48 ? -10.753 9.967   1.628   1.00 93.80  ? 72  PRO B C   1 
ATOM   777 O  O   . PRO B 1 48 ? -9.849  9.555   2.353   1.00 96.12  ? 72  PRO B O   1 
ATOM   778 C  CB  . PRO B 1 48 ? -11.932 7.843   1.253   1.00 72.80  ? 72  PRO B CB  1 
ATOM   779 C  CG  . PRO B 1 48 ? -11.461 6.718   0.436   1.00 81.03  ? 72  PRO B CG  1 
ATOM   780 C  CD  . PRO B 1 48 ? -10.129 7.144   -0.111  1.00 90.68  ? 72  PRO B CD  1 
ATOM   781 N  N   . THR B 1 49 ? -11.228 11.187  1.700   1.00 114.85 ? 73  THR B N   1 
ATOM   782 C  CA  . THR B 1 49 ? -10.725 12.009  2.752   1.00 117.53 ? 73  THR B CA  1 
ATOM   783 C  C   . THR B 1 49 ? -11.797 11.971  3.851   1.00 124.40 ? 73  THR B C   1 
ATOM   784 O  O   . THR B 1 49 ? -11.471 11.810  5.029   1.00 115.72 ? 73  THR B O   1 
ATOM   785 C  CB  . THR B 1 49 ? -10.383 13.410  2.256   1.00 110.45 ? 73  THR B CB  1 
ATOM   786 O  OG1 . THR B 1 49 ? -11.495 13.937  1.529   1.00 119.72 ? 73  THR B OG1 1 
ATOM   787 C  CG2 . THR B 1 49 ? -9.174  13.391  1.330   1.00 109.26 ? 73  THR B CG2 1 
ATOM   788 N  N   . LYS B 1 50 ? -13.080 11.964  3.486   1.00 126.42 ? 74  LYS B N   1 
ATOM   789 C  CA  . LYS B 1 50 ? -14.121 11.803  4.513   1.00 121.26 ? 74  LYS B CA  1 
ATOM   790 C  C   . LYS B 1 50 ? -15.116 10.625  4.519   1.00 130.44 ? 74  LYS B C   1 
ATOM   791 O  O   . LYS B 1 50 ? -15.779 10.309  3.519   1.00 134.25 ? 74  LYS B O   1 
ATOM   792 C  CB  . LYS B 1 50 ? -14.942 13.094  4.505   1.00 127.53 ? 74  LYS B CB  1 
ATOM   793 C  CG  . LYS B 1 50 ? -15.703 13.343  5.783   1.00 141.91 ? 74  LYS B CG  1 
ATOM   794 C  CD  . LYS B 1 50 ? -15.959 14.809  5.991   1.00 139.20 ? 74  LYS B CD  1 
ATOM   795 C  CE  . LYS B 1 50 ? -14.709 15.506  6.579   1.00 135.68 ? 74  LYS B CE  1 
ATOM   796 N  NZ  . LYS B 1 50 ? -14.364 16.883  6.122   1.00 130.60 ? 74  LYS B NZ  1 
ATOM   797 N  N   . LEU B 1 51 ? -15.303 10.094  5.726   1.00 141.02 ? 75  LEU B N   1 
ATOM   798 C  CA  . LEU B 1 51 ? -16.232 9.012   6.036   1.00 141.23 ? 75  LEU B CA  1 
ATOM   799 C  C   . LEU B 1 51 ? -17.601 9.608   6.217   1.00 140.93 ? 75  LEU B C   1 
ATOM   800 O  O   . LEU B 1 51 ? -17.767 10.459  7.083   1.00 132.58 ? 75  LEU B O   1 
ATOM   801 C  CB  . LEU B 1 51 ? -15.857 8.305   7.332   1.00 115.96 ? 75  LEU B CB  1 
ATOM   802 C  CG  . LEU B 1 51 ? -16.490 6.928   7.511   1.00 121.31 ? 75  LEU B CG  1 
ATOM   803 C  CD1 . LEU B 1 51 ? -16.233 6.066   6.291   1.00 99.15  ? 75  LEU B CD1 1 
ATOM   804 C  CD2 . LEU B 1 51 ? -16.017 6.286   8.791   1.00 119.05 ? 75  LEU B CD2 1 
ATOM   805 N  N   . ARG B 1 52 ? -18.606 9.188   5.465   1.00 153.21 ? 76  ARG B N   1 
ATOM   806 C  CA  . ARG B 1 52 ? -19.846 9.930   5.612   1.00 161.87 ? 76  ARG B CA  1 
ATOM   807 C  C   . ARG B 1 52 ? -21.013 9.149   6.234   1.00 162.25 ? 76  ARG B C   1 
ATOM   808 O  O   . ARG B 1 52 ? -21.292 8.006   5.845   1.00 142.93 ? 76  ARG B O   1 
ATOM   809 C  CB  . ARG B 1 52 ? -20.276 10.525  4.270   1.00 150.83 ? 76  ARG B CB  1 
ATOM   810 C  CG  . ARG B 1 52 ? -21.771 10.671  4.168   1.00 148.25 ? 76  ARG B CG  1 
ATOM   811 C  CD  . ARG B 1 52 ? -22.248 11.465  2.980   1.00 143.50 ? 76  ARG B CD  1 
ATOM   812 N  NE  . ARG B 1 52 ? -23.699 11.383  2.976   1.00 158.90 ? 76  ARG B NE  1 
ATOM   813 C  CZ  . ARG B 1 52 ? -24.365 10.283  2.645   1.00 160.05 ? 76  ARG B CZ  1 
ATOM   814 N  NH1 . ARG B 1 52 ? -23.705 9.205   2.244   1.00 150.12 ? 76  ARG B NH1 1 
ATOM   815 N  NH2 . ARG B 1 52 ? -25.688 10.263  2.695   1.00 152.28 ? 76  ARG B NH2 1 
ATOM   816 N  N   . PRO B 1 53 ? -21.686 9.786   7.217   1.00 160.92 ? 77  PRO B N   1 
ATOM   817 C  CA  . PRO B 1 53 ? -22.947 9.527   7.909   1.00 141.92 ? 77  PRO B CA  1 
ATOM   818 C  C   . PRO B 1 53 ? -23.683 8.232   7.577   1.00 131.94 ? 77  PRO B C   1 
ATOM   819 O  O   . PRO B 1 53 ? -24.450 7.780   8.433   1.00 121.34 ? 77  PRO B O   1 
ATOM   820 C  CB  . PRO B 1 53 ? -23.770 10.750  7.480   1.00 128.86 ? 77  PRO B CB  1 
ATOM   821 C  CG  . PRO B 1 53 ? -22.670 11.897  7.386   1.00 125.87 ? 77  PRO B CG  1 
ATOM   822 C  CD  . PRO B 1 53 ? -21.312 11.183  7.494   1.00 141.29 ? 77  PRO B CD  1 
HETATM 823 ZN ZN  . ZN  C 2 .  ? 5.943   3.619   -0.592  1.00 98.03  ? 101 ZN  A ZN  1 
HETATM 824 ZN ZN  . ZN  D 2 .  ? 7.689   -7.628  -2.936  1.00 97.40  ? 102 ZN  A ZN  1 
HETATM 825 ZN ZN  . ZN  E 2 .  ? -4.031  -1.979  4.522   1.00 92.67  ? 101 ZN  B ZN  1 
HETATM 826 ZN ZN  . ZN  F 2 .  ? -8.498  3.752   -4.524  1.00 90.96  ? 102 ZN  B ZN  1 
# 
